data_1M7K
#
_entry.id   1M7K
#
_entity_poly.entity_id   1
_entity_poly.type   'polypeptide(L)'
_entity_poly.pdbx_seq_one_letter_code
;NQDQSSSLPEECVPSDESTPPSIKKIIHVLEKVQYLEQEVEEFVGKKTDKAYWLLEEMLTKELLELDSVETGGQDSVRQA
RKEAVCKIQAILEKLEKKG
;
_entity_poly.pdbx_strand_id   A
#
# COMPACT_ATOMS: atom_id res chain seq x y z
N THR A 19 -18.90 12.43 -11.77
CA THR A 19 -17.48 12.74 -11.68
C THR A 19 -16.64 11.47 -11.60
N PRO A 20 -16.75 10.59 -12.63
CA PRO A 20 -15.98 9.33 -12.67
C PRO A 20 -14.52 9.52 -12.28
N PRO A 21 -14.16 9.17 -11.04
CA PRO A 21 -12.80 9.30 -10.54
C PRO A 21 -11.96 8.05 -10.76
N SER A 22 -10.70 8.11 -10.33
CA SER A 22 -9.78 6.99 -10.46
C SER A 22 -9.85 6.07 -9.24
N ILE A 23 -10.82 6.34 -8.35
CA ILE A 23 -11.00 5.56 -7.13
C ILE A 23 -10.72 4.07 -7.34
N LYS A 24 -11.01 3.56 -8.53
CA LYS A 24 -10.78 2.16 -8.83
C LYS A 24 -9.35 1.77 -8.49
N LYS A 25 -8.42 2.68 -8.78
CA LYS A 25 -7.01 2.45 -8.52
C LYS A 25 -6.72 2.34 -7.02
N ILE A 26 -7.08 3.40 -6.27
CA ILE A 26 -6.86 3.41 -4.84
C ILE A 26 -7.52 2.22 -4.16
N ILE A 27 -8.65 1.78 -4.72
CA ILE A 27 -9.37 0.63 -4.18
C ILE A 27 -8.55 -0.64 -4.38
N HIS A 28 -8.09 -0.86 -5.61
CA HIS A 28 -7.30 -2.04 -5.92
C HIS A 28 -6.07 -2.11 -5.02
N VAL A 29 -5.29 -1.04 -5.01
CA VAL A 29 -4.10 -0.97 -4.17
C VAL A 29 -4.46 -1.14 -2.70
N LEU A 30 -5.62 -0.60 -2.32
CA LEU A 30 -6.09 -0.69 -0.95
C LEU A 30 -6.22 -2.16 -0.53
N GLU A 31 -6.89 -2.94 -1.38
CA GLU A 31 -7.07 -4.36 -1.11
C GLU A 31 -5.71 -5.05 -1.04
N LYS A 32 -4.84 -4.72 -1.99
CA LYS A 32 -3.50 -5.29 -2.02
C LYS A 32 -2.76 -4.99 -0.72
N VAL A 33 -2.85 -3.74 -0.28
CA VAL A 33 -2.21 -3.34 0.97
C VAL A 33 -2.81 -4.09 2.15
N GLN A 34 -4.11 -4.36 2.06
CA GLN A 34 -4.80 -5.10 3.11
C GLN A 34 -4.18 -6.47 3.28
N TYR A 35 -4.11 -7.21 2.17
CA TYR A 35 -3.52 -8.55 2.20
C TYR A 35 -2.10 -8.48 2.73
N LEU A 36 -1.35 -7.50 2.24
CA LEU A 36 0.03 -7.31 2.68
C LEU A 36 0.05 -6.96 4.17
N GLU A 37 -0.95 -6.18 4.59
CA GLU A 37 -1.06 -5.80 6.00
C GLU A 37 -1.11 -7.04 6.88
N GLN A 38 -1.98 -7.97 6.51
CA GLN A 38 -2.11 -9.22 7.25
C GLN A 38 -0.80 -10.00 7.17
N GLU A 39 -0.18 -9.94 5.98
CA GLU A 39 1.08 -10.63 5.76
C GLU A 39 2.16 -10.08 6.68
N VAL A 40 2.38 -8.77 6.62
CA VAL A 40 3.38 -8.13 7.47
C VAL A 40 3.10 -8.42 8.94
N GLU A 41 1.82 -8.47 9.29
CA GLU A 41 1.43 -8.76 10.67
C GLU A 41 1.87 -10.17 11.05
N GLU A 42 1.70 -11.10 10.12
CA GLU A 42 2.09 -12.49 10.34
C GLU A 42 3.56 -12.71 9.96
N PHE A 43 4.19 -11.69 9.39
CA PHE A 43 5.59 -11.76 8.98
C PHE A 43 6.43 -12.52 9.99
N VAL A 44 7.16 -13.53 9.52
CA VAL A 44 8.02 -14.34 10.38
C VAL A 44 8.81 -13.48 11.36
N GLY A 45 9.39 -12.41 10.86
CA GLY A 45 10.17 -11.52 11.70
C GLY A 45 11.63 -11.48 11.33
N LYS A 46 11.92 -11.78 10.07
CA LYS A 46 13.30 -11.78 9.59
C LYS A 46 13.37 -11.33 8.14
N LYS A 47 14.17 -10.30 7.87
CA LYS A 47 14.33 -9.76 6.53
C LYS A 47 14.92 -10.81 5.57
N THR A 48 15.48 -11.87 6.13
CA THR A 48 16.08 -12.92 5.32
C THR A 48 15.00 -13.76 4.63
N ASP A 49 13.79 -13.74 5.18
CA ASP A 49 12.68 -14.49 4.61
C ASP A 49 12.19 -13.85 3.31
N LYS A 50 11.73 -14.67 2.38
CA LYS A 50 11.23 -14.18 1.09
C LYS A 50 10.02 -13.28 1.28
N ALA A 51 9.29 -13.49 2.39
CA ALA A 51 8.10 -12.70 2.68
C ALA A 51 8.41 -11.20 2.63
N TYR A 52 9.46 -10.79 3.34
CA TYR A 52 9.85 -9.39 3.37
C TYR A 52 10.17 -8.88 1.97
N TRP A 53 10.81 -9.74 1.16
CA TRP A 53 11.15 -9.38 -0.21
C TRP A 53 9.89 -9.01 -0.98
N LEU A 54 8.98 -9.96 -1.10
CA LEU A 54 7.72 -9.74 -1.80
C LEU A 54 6.89 -8.68 -1.09
N LEU A 55 7.09 -8.57 0.22
CA LEU A 55 6.36 -7.59 1.03
C LEU A 55 6.63 -6.18 0.51
N GLU A 56 7.86 -5.72 0.67
CA GLU A 56 8.25 -4.39 0.23
C GLU A 56 8.11 -4.26 -1.29
N GLU A 57 8.44 -5.32 -2.00
CA GLU A 57 8.35 -5.33 -3.45
C GLU A 57 6.94 -4.98 -3.91
N MET A 58 5.97 -5.80 -3.51
CA MET A 58 4.58 -5.58 -3.86
C MET A 58 4.11 -4.22 -3.35
N LEU A 59 4.56 -3.86 -2.15
CA LEU A 59 4.18 -2.58 -1.54
C LEU A 59 4.71 -1.42 -2.38
N THR A 60 5.97 -1.51 -2.78
CA THR A 60 6.59 -0.46 -3.59
C THR A 60 5.84 -0.28 -4.91
N LYS A 61 5.61 -1.39 -5.61
CA LYS A 61 4.90 -1.35 -6.88
C LYS A 61 3.51 -0.75 -6.71
N GLU A 62 2.81 -1.19 -5.66
CA GLU A 62 1.47 -0.69 -5.39
C GLU A 62 1.48 0.83 -5.18
N LEU A 63 2.47 1.31 -4.43
CA LEU A 63 2.60 2.73 -4.17
C LEU A 63 2.81 3.51 -5.46
N LEU A 64 3.77 3.07 -6.27
CA LEU A 64 4.07 3.72 -7.53
C LEU A 64 2.87 3.67 -8.46
N GLU A 65 2.07 2.61 -8.34
CA GLU A 65 0.89 2.45 -9.17
C GLU A 65 -0.17 3.49 -8.82
N LEU A 66 -0.66 3.45 -7.59
CA LEU A 66 -1.67 4.39 -7.13
C LEU A 66 -1.17 5.83 -7.24
N ASP A 67 0.14 6.00 -7.12
CA ASP A 67 0.75 7.34 -7.20
C ASP A 67 0.39 8.02 -8.52
N SER A 68 0.05 7.22 -9.53
CA SER A 68 -0.31 7.76 -10.83
C SER A 68 -1.83 7.91 -10.98
N VAL A 69 -2.49 8.32 -9.89
CA VAL A 69 -3.93 8.49 -9.90
C VAL A 69 -4.31 9.90 -10.37
N GLU A 70 -5.37 10.00 -11.14
CA GLU A 70 -5.84 11.28 -11.67
C GLU A 70 -7.12 11.71 -10.98
N THR A 71 -7.01 12.69 -10.08
CA THR A 71 -8.15 13.20 -9.35
C THR A 71 -8.69 14.47 -9.99
N GLY A 72 -7.79 15.40 -10.31
CA GLY A 72 -8.19 16.65 -10.92
C GLY A 72 -9.24 17.39 -10.12
N GLY A 73 -9.26 17.15 -8.80
CA GLY A 73 -10.23 17.81 -7.95
C GLY A 73 -11.38 16.90 -7.56
N GLN A 74 -11.05 15.78 -6.94
CA GLN A 74 -12.06 14.81 -6.51
C GLN A 74 -11.95 14.53 -5.02
N ASP A 75 -13.04 14.80 -4.29
CA ASP A 75 -13.05 14.57 -2.84
C ASP A 75 -12.79 13.10 -2.52
N SER A 76 -13.44 12.21 -3.27
CA SER A 76 -13.28 10.78 -3.06
C SER A 76 -11.82 10.37 -3.22
N VAL A 77 -11.23 10.68 -4.38
CA VAL A 77 -9.84 10.34 -4.65
C VAL A 77 -8.92 11.01 -3.63
N ARG A 78 -9.28 12.21 -3.19
CA ARG A 78 -8.47 12.94 -2.23
C ARG A 78 -8.35 12.15 -0.92
N GLN A 79 -9.50 11.84 -0.32
CA GLN A 79 -9.52 11.08 0.93
C GLN A 79 -8.81 9.75 0.76
N ALA A 80 -9.13 9.05 -0.31
CA ALA A 80 -8.52 7.75 -0.60
C ALA A 80 -7.02 7.90 -0.82
N ARG A 81 -6.63 8.98 -1.49
CA ARG A 81 -5.23 9.24 -1.78
C ARG A 81 -4.43 9.35 -0.49
N LYS A 82 -4.83 10.27 0.38
CA LYS A 82 -4.16 10.46 1.66
C LYS A 82 -4.15 9.17 2.46
N GLU A 83 -5.31 8.53 2.55
CA GLU A 83 -5.44 7.28 3.29
C GLU A 83 -4.50 6.22 2.72
N ALA A 84 -4.43 6.16 1.38
CA ALA A 84 -3.58 5.19 0.72
C ALA A 84 -2.11 5.39 1.10
N VAL A 85 -1.65 6.64 1.01
CA VAL A 85 -0.28 6.97 1.35
C VAL A 85 0.03 6.62 2.81
N CYS A 86 -0.94 6.89 3.68
CA CYS A 86 -0.78 6.59 5.10
C CYS A 86 -0.59 5.10 5.33
N LYS A 87 -1.45 4.30 4.70
CA LYS A 87 -1.39 2.85 4.82
C LYS A 87 -0.06 2.31 4.29
N ILE A 88 0.19 2.51 3.01
CA ILE A 88 1.43 2.05 2.38
C ILE A 88 2.64 2.44 3.23
N GLN A 89 2.69 3.70 3.62
CA GLN A 89 3.78 4.20 4.45
C GLN A 89 3.71 3.57 5.84
N ALA A 90 2.48 3.28 6.27
CA ALA A 90 2.25 2.66 7.57
C ALA A 90 2.79 1.24 7.60
N ILE A 91 2.41 0.46 6.59
CA ILE A 91 2.85 -0.93 6.49
C ILE A 91 4.37 -1.00 6.30
N LEU A 92 4.90 -0.10 5.48
CA LEU A 92 6.33 -0.06 5.22
C LEU A 92 7.10 0.25 6.50
N GLU A 93 6.67 1.29 7.22
CA GLU A 93 7.31 1.68 8.46
C GLU A 93 7.25 0.54 9.47
N LYS A 94 6.09 -0.11 9.57
CA LYS A 94 5.91 -1.21 10.49
C LYS A 94 6.87 -2.35 10.19
N LEU A 95 7.01 -2.66 8.89
CA LEU A 95 7.92 -3.72 8.47
C LEU A 95 9.36 -3.40 8.86
N GLU A 96 9.79 -2.18 8.54
CA GLU A 96 11.14 -1.75 8.87
C GLU A 96 11.40 -1.86 10.37
N LYS A 97 10.42 -1.43 11.16
CA LYS A 97 10.55 -1.47 12.61
C LYS A 97 10.61 -2.90 13.11
N LYS A 98 9.86 -3.78 12.45
CA LYS A 98 9.83 -5.19 12.84
C LYS A 98 10.76 -6.01 11.96
N GLY A 99 11.79 -5.36 11.42
CA GLY A 99 12.75 -6.06 10.58
C GLY A 99 13.85 -5.14 10.08
N THR A 19 -17.57 7.34 -9.96
CA THR A 19 -16.35 8.13 -10.04
C THR A 19 -15.42 7.57 -11.12
N PRO A 20 -14.64 8.44 -11.77
CA PRO A 20 -13.70 8.03 -12.82
C PRO A 20 -12.76 6.92 -12.36
N PRO A 21 -11.82 6.50 -13.22
CA PRO A 21 -10.86 5.45 -12.90
C PRO A 21 -10.10 5.71 -11.61
N SER A 22 -10.07 6.98 -11.20
CA SER A 22 -9.37 7.38 -9.98
C SER A 22 -9.79 6.51 -8.79
N ILE A 23 -11.01 5.98 -8.85
CA ILE A 23 -11.52 5.14 -7.78
C ILE A 23 -10.99 3.72 -7.88
N LYS A 24 -10.99 3.18 -9.09
CA LYS A 24 -10.50 1.82 -9.32
C LYS A 24 -9.07 1.66 -8.83
N LYS A 25 -8.25 2.68 -9.07
CA LYS A 25 -6.85 2.65 -8.66
C LYS A 25 -6.73 2.58 -7.14
N ILE A 26 -7.35 3.54 -6.45
CA ILE A 26 -7.30 3.58 -4.99
C ILE A 26 -7.84 2.29 -4.39
N ILE A 27 -8.86 1.72 -5.01
CA ILE A 27 -9.46 0.47 -4.53
C ILE A 27 -8.46 -0.67 -4.64
N HIS A 28 -7.84 -0.79 -5.81
CA HIS A 28 -6.85 -1.84 -6.05
C HIS A 28 -5.73 -1.77 -5.01
N VAL A 29 -5.14 -0.59 -4.89
CA VAL A 29 -4.05 -0.39 -3.93
C VAL A 29 -4.51 -0.69 -2.52
N LEU A 30 -5.75 -0.31 -2.20
CA LEU A 30 -6.32 -0.54 -0.88
C LEU A 30 -6.29 -2.03 -0.56
N GLU A 31 -6.87 -2.83 -1.45
CA GLU A 31 -6.91 -4.28 -1.26
C GLU A 31 -5.49 -4.83 -1.12
N LYS A 32 -4.59 -4.33 -1.96
CA LYS A 32 -3.19 -4.76 -1.93
C LYS A 32 -2.61 -4.55 -0.55
N VAL A 33 -2.83 -3.36 0.01
CA VAL A 33 -2.34 -3.02 1.34
C VAL A 33 -2.94 -3.96 2.38
N GLN A 34 -4.23 -4.26 2.22
CA GLN A 34 -4.92 -5.16 3.14
C GLN A 34 -4.18 -6.49 3.23
N TYR A 35 -3.99 -7.12 2.07
CA TYR A 35 -3.28 -8.40 2.01
C TYR A 35 -1.88 -8.23 2.59
N LEU A 36 -1.26 -7.09 2.30
CA LEU A 36 0.07 -6.79 2.81
C LEU A 36 0.04 -6.71 4.33
N GLU A 37 -0.97 -6.02 4.85
CA GLU A 37 -1.12 -5.88 6.29
C GLU A 37 -1.15 -7.25 6.96
N GLN A 38 -1.98 -8.13 6.42
CA GLN A 38 -2.10 -9.49 6.95
C GLN A 38 -0.74 -10.17 6.88
N GLU A 39 -0.05 -9.98 5.76
CA GLU A 39 1.27 -10.56 5.55
C GLU A 39 2.25 -10.03 6.59
N VAL A 40 2.08 -8.76 6.95
CA VAL A 40 2.93 -8.13 7.94
C VAL A 40 2.74 -8.78 9.30
N GLU A 41 1.48 -8.96 9.68
CA GLU A 41 1.14 -9.60 10.96
C GLU A 41 1.70 -11.01 11.00
N GLU A 42 1.62 -11.70 9.85
CA GLU A 42 2.11 -13.06 9.76
C GLU A 42 3.62 -13.09 9.52
N PHE A 43 4.18 -11.95 9.11
CA PHE A 43 5.61 -11.83 8.85
C PHE A 43 6.42 -12.42 10.00
N VAL A 44 7.27 -13.40 9.68
CA VAL A 44 8.10 -14.06 10.69
C VAL A 44 8.77 -13.04 11.61
N GLY A 45 9.27 -11.96 11.03
CA GLY A 45 9.92 -10.93 11.82
C GLY A 45 11.39 -10.77 11.49
N LYS A 46 11.80 -11.28 10.33
CA LYS A 46 13.19 -11.18 9.91
C LYS A 46 13.28 -11.08 8.38
N LYS A 47 14.42 -10.56 7.90
CA LYS A 47 14.64 -10.41 6.46
C LYS A 47 15.30 -11.65 5.87
N THR A 48 14.77 -12.82 6.23
CA THR A 48 15.32 -14.08 5.73
C THR A 48 14.30 -14.82 4.88
N ASP A 49 13.02 -14.63 5.19
CA ASP A 49 11.94 -15.28 4.44
C ASP A 49 11.56 -14.47 3.22
N LYS A 50 10.77 -15.07 2.34
CA LYS A 50 10.33 -14.39 1.12
C LYS A 50 9.25 -13.35 1.42
N ALA A 51 8.67 -13.42 2.62
CA ALA A 51 7.64 -12.49 3.02
C ALA A 51 8.08 -11.04 2.80
N TYR A 52 9.20 -10.67 3.42
CA TYR A 52 9.73 -9.31 3.30
C TYR A 52 9.96 -8.95 1.83
N TRP A 53 10.43 -9.92 1.06
CA TRP A 53 10.69 -9.70 -0.35
C TRP A 53 9.42 -9.23 -1.06
N LEU A 54 8.42 -10.08 -1.09
CA LEU A 54 7.14 -9.76 -1.71
C LEU A 54 6.50 -8.57 -1.02
N LEU A 55 6.77 -8.43 0.28
CA LEU A 55 6.23 -7.33 1.07
C LEU A 55 6.61 -5.99 0.45
N GLU A 56 7.89 -5.64 0.55
CA GLU A 56 8.38 -4.38 -0.01
C GLU A 56 8.18 -4.33 -1.51
N GLU A 57 8.24 -5.50 -2.16
CA GLU A 57 8.06 -5.57 -3.61
C GLU A 57 6.72 -4.98 -4.03
N MET A 58 5.65 -5.67 -3.65
CA MET A 58 4.30 -5.22 -3.99
C MET A 58 4.02 -3.86 -3.35
N LEU A 59 4.63 -3.61 -2.20
CA LEU A 59 4.44 -2.35 -1.49
C LEU A 59 4.88 -1.17 -2.37
N THR A 60 6.14 -1.22 -2.79
CA THR A 60 6.70 -0.16 -3.63
C THR A 60 5.95 -0.10 -4.96
N LYS A 61 5.67 -1.25 -5.54
CA LYS A 61 4.96 -1.31 -6.81
C LYS A 61 3.55 -0.75 -6.66
N GLU A 62 2.89 -1.09 -5.56
CA GLU A 62 1.53 -0.63 -5.30
C GLU A 62 1.49 0.90 -5.22
N LEU A 63 2.26 1.45 -4.29
CA LEU A 63 2.31 2.90 -4.11
C LEU A 63 2.72 3.59 -5.40
N LEU A 64 3.66 2.99 -6.11
CA LEU A 64 4.14 3.54 -7.38
C LEU A 64 2.99 3.69 -8.37
N GLU A 65 2.19 2.63 -8.48
CA GLU A 65 1.05 2.64 -9.40
C GLU A 65 -0.05 3.56 -8.87
N LEU A 66 -0.15 3.66 -7.55
CA LEU A 66 -1.15 4.51 -6.91
C LEU A 66 -0.93 5.98 -7.29
N ASP A 67 0.32 6.42 -7.22
CA ASP A 67 0.67 7.80 -7.55
C ASP A 67 0.20 8.16 -8.97
N SER A 68 0.00 7.14 -9.80
CA SER A 68 -0.43 7.36 -11.17
C SER A 68 -1.95 7.26 -11.30
N VAL A 69 -2.66 7.51 -10.21
CA VAL A 69 -4.11 7.45 -10.22
C VAL A 69 -4.71 8.74 -10.78
N GLU A 70 -5.55 8.60 -11.81
CA GLU A 70 -6.18 9.75 -12.43
C GLU A 70 -7.16 10.42 -11.50
N THR A 71 -6.63 11.14 -10.51
CA THR A 71 -7.47 11.84 -9.54
C THR A 71 -7.61 13.31 -9.91
N GLY A 72 -8.56 13.60 -10.81
CA GLY A 72 -8.78 14.97 -11.24
C GLY A 72 -9.15 15.88 -10.08
N GLY A 73 -10.33 15.65 -9.52
CA GLY A 73 -10.78 16.47 -8.40
C GLY A 73 -11.91 15.82 -7.62
N GLN A 74 -11.74 14.54 -7.29
CA GLN A 74 -12.74 13.80 -6.55
C GLN A 74 -12.40 13.76 -5.06
N ASP A 75 -13.35 14.17 -4.23
CA ASP A 75 -13.15 14.18 -2.78
C ASP A 75 -12.89 12.77 -2.26
N SER A 76 -13.68 11.81 -2.73
CA SER A 76 -13.54 10.42 -2.32
C SER A 76 -12.15 9.90 -2.66
N VAL A 77 -11.73 10.09 -3.91
CA VAL A 77 -10.43 9.64 -4.37
C VAL A 77 -9.32 10.33 -3.60
N ARG A 78 -9.53 11.59 -3.25
CA ARG A 78 -8.55 12.37 -2.52
C ARG A 78 -8.30 11.75 -1.14
N GLN A 79 -9.38 11.58 -0.38
CA GLN A 79 -9.29 10.98 0.94
C GLN A 79 -8.67 9.59 0.86
N ALA A 80 -9.10 8.83 -0.13
CA ALA A 80 -8.58 7.48 -0.34
C ALA A 80 -7.10 7.54 -0.69
N ARG A 81 -6.70 8.57 -1.41
CA ARG A 81 -5.31 8.75 -1.81
C ARG A 81 -4.43 8.94 -0.58
N LYS A 82 -4.77 9.94 0.22
CA LYS A 82 -4.01 10.23 1.44
C LYS A 82 -4.05 9.02 2.38
N GLU A 83 -5.18 8.33 2.41
CA GLU A 83 -5.33 7.16 3.25
C GLU A 83 -4.35 6.07 2.82
N ALA A 84 -4.20 5.88 1.52
CA ALA A 84 -3.29 4.89 0.98
C ALA A 84 -1.84 5.26 1.30
N VAL A 85 -1.43 6.45 0.85
CA VAL A 85 -0.07 6.92 1.09
C VAL A 85 0.32 6.75 2.56
N CYS A 86 -0.59 7.11 3.45
CA CYS A 86 -0.36 6.98 4.88
C CYS A 86 -0.23 5.51 5.26
N LYS A 87 -1.12 4.69 4.70
CA LYS A 87 -1.12 3.26 4.96
C LYS A 87 0.15 2.60 4.43
N ILE A 88 0.38 2.74 3.12
CA ILE A 88 1.56 2.16 2.50
C ILE A 88 2.83 2.57 3.27
N GLN A 89 2.93 3.86 3.58
CA GLN A 89 4.07 4.36 4.33
C GLN A 89 4.03 3.84 5.75
N ALA A 90 2.81 3.67 6.26
CA ALA A 90 2.61 3.17 7.61
C ALA A 90 3.06 1.71 7.72
N ILE A 91 2.59 0.89 6.79
CA ILE A 91 2.96 -0.52 6.77
C ILE A 91 4.45 -0.69 6.51
N LEU A 92 5.00 0.17 5.64
CA LEU A 92 6.41 0.13 5.32
C LEU A 92 7.26 0.38 6.58
N GLU A 93 6.93 1.45 7.29
CA GLU A 93 7.64 1.80 8.51
C GLU A 93 7.52 0.69 9.55
N LYS A 94 6.32 0.15 9.68
CA LYS A 94 6.06 -0.93 10.63
C LYS A 94 6.95 -2.13 10.32
N LEU A 95 7.05 -2.47 9.04
CA LEU A 95 7.86 -3.60 8.60
C LEU A 95 9.33 -3.36 8.93
N GLU A 96 9.81 -2.16 8.60
CA GLU A 96 11.20 -1.81 8.85
C GLU A 96 11.54 -1.92 10.33
N LYS A 97 10.61 -1.48 11.17
CA LYS A 97 10.81 -1.53 12.61
C LYS A 97 10.80 -2.97 13.12
N LYS A 98 9.89 -3.77 12.57
CA LYS A 98 9.78 -5.17 12.97
C LYS A 98 10.93 -5.99 12.38
N GLY A 99 11.36 -5.63 11.18
CA GLY A 99 12.45 -6.33 10.54
C GLY A 99 13.81 -5.83 10.97
N THR A 19 -14.18 15.46 -13.44
CA THR A 19 -13.74 14.65 -12.32
C THR A 19 -13.41 13.23 -12.75
N PRO A 20 -12.16 12.97 -13.18
CA PRO A 20 -11.72 11.65 -13.62
C PRO A 20 -11.80 10.61 -12.50
N PRO A 21 -12.74 9.66 -12.59
CA PRO A 21 -12.92 8.62 -11.57
C PRO A 21 -11.84 7.55 -11.64
N SER A 22 -10.77 7.76 -10.88
CA SER A 22 -9.66 6.81 -10.85
C SER A 22 -9.69 5.97 -9.56
N ILE A 23 -10.77 6.12 -8.79
CA ILE A 23 -10.94 5.39 -7.53
C ILE A 23 -10.48 3.94 -7.65
N LYS A 24 -10.66 3.36 -8.84
CA LYS A 24 -10.28 1.98 -9.07
C LYS A 24 -8.85 1.72 -8.59
N LYS A 25 -8.02 2.75 -8.67
CA LYS A 25 -6.63 2.66 -8.24
C LYS A 25 -6.54 2.48 -6.72
N ILE A 26 -7.16 3.38 -5.99
CA ILE A 26 -7.15 3.32 -4.53
C ILE A 26 -7.77 2.01 -4.04
N ILE A 27 -8.72 1.49 -4.80
CA ILE A 27 -9.38 0.24 -4.45
C ILE A 27 -8.44 -0.94 -4.59
N HIS A 28 -7.80 -1.04 -5.77
CA HIS A 28 -6.87 -2.12 -6.03
C HIS A 28 -5.75 -2.12 -4.99
N VAL A 29 -5.12 -0.97 -4.80
CA VAL A 29 -4.05 -0.83 -3.83
C VAL A 29 -4.55 -1.13 -2.42
N LEU A 30 -5.75 -0.64 -2.12
CA LEU A 30 -6.35 -0.84 -0.80
C LEU A 30 -6.40 -2.34 -0.47
N GLU A 31 -6.98 -3.12 -1.36
CA GLU A 31 -7.08 -4.56 -1.15
C GLU A 31 -5.69 -5.18 -1.04
N LYS A 32 -4.81 -4.80 -1.97
CA LYS A 32 -3.44 -5.29 -1.97
C LYS A 32 -2.75 -4.98 -0.64
N VAL A 33 -2.90 -3.75 -0.18
CA VAL A 33 -2.31 -3.33 1.08
C VAL A 33 -2.85 -4.17 2.23
N GLN A 34 -4.15 -4.46 2.18
CA GLN A 34 -4.79 -5.27 3.21
C GLN A 34 -4.11 -6.63 3.30
N TYR A 35 -3.98 -7.29 2.16
CA TYR A 35 -3.33 -8.59 2.10
C TYR A 35 -1.91 -8.48 2.60
N LEU A 36 -1.23 -7.40 2.20
CA LEU A 36 0.14 -7.15 2.63
C LEU A 36 0.20 -6.98 4.14
N GLU A 37 -0.79 -6.27 4.68
CA GLU A 37 -0.86 -6.05 6.12
C GLU A 37 -0.92 -7.38 6.86
N GLN A 38 -1.83 -8.25 6.42
CA GLN A 38 -1.98 -9.56 7.02
C GLN A 38 -0.65 -10.32 6.93
N GLU A 39 0.01 -10.20 5.78
CA GLU A 39 1.29 -10.86 5.57
C GLU A 39 2.32 -10.30 6.53
N VAL A 40 2.24 -8.99 6.78
CA VAL A 40 3.16 -8.34 7.70
C VAL A 40 3.01 -8.92 9.10
N GLU A 41 1.78 -9.05 9.56
CA GLU A 41 1.51 -9.60 10.88
C GLU A 41 1.97 -11.06 10.95
N GLU A 42 1.79 -11.78 9.84
CA GLU A 42 2.20 -13.18 9.77
C GLU A 42 3.69 -13.31 9.45
N PHE A 43 4.31 -12.20 9.04
CA PHE A 43 5.73 -12.19 8.70
C PHE A 43 6.55 -12.97 9.73
N VAL A 44 7.53 -13.73 9.24
CA VAL A 44 8.38 -14.54 10.12
C VAL A 44 8.95 -13.71 11.26
N GLY A 45 9.47 -12.53 10.93
CA GLY A 45 10.04 -11.66 11.95
C GLY A 45 11.36 -11.05 11.53
N LYS A 46 12.24 -11.86 10.95
CA LYS A 46 13.53 -11.38 10.50
C LYS A 46 13.59 -11.32 8.97
N LYS A 47 14.51 -10.49 8.46
CA LYS A 47 14.67 -10.33 7.02
C LYS A 47 15.42 -11.52 6.42
N THR A 48 14.86 -12.71 6.57
CA THR A 48 15.47 -13.92 6.04
C THR A 48 14.52 -14.67 5.10
N ASP A 49 13.22 -14.56 5.39
CA ASP A 49 12.20 -15.22 4.58
C ASP A 49 11.86 -14.38 3.34
N LYS A 50 11.36 -15.05 2.30
CA LYS A 50 11.00 -14.36 1.07
C LYS A 50 9.86 -13.37 1.30
N ALA A 51 9.16 -13.54 2.42
CA ALA A 51 8.04 -12.66 2.76
C ALA A 51 8.45 -11.19 2.67
N TYR A 52 9.42 -10.79 3.50
CA TYR A 52 9.90 -9.41 3.51
C TYR A 52 10.21 -8.93 2.10
N TRP A 53 10.81 -9.80 1.29
CA TRP A 53 11.15 -9.45 -0.08
C TRP A 53 9.89 -9.02 -0.84
N LEU A 54 8.95 -9.95 -1.00
CA LEU A 54 7.71 -9.67 -1.69
C LEU A 54 6.92 -8.59 -0.94
N LEU A 55 7.16 -8.48 0.35
CA LEU A 55 6.47 -7.49 1.18
C LEU A 55 6.77 -6.08 0.65
N GLU A 56 8.03 -5.68 0.75
CA GLU A 56 8.45 -4.36 0.29
C GLU A 56 8.26 -4.23 -1.22
N GLU A 57 8.50 -5.31 -1.94
CA GLU A 57 8.34 -5.31 -3.39
C GLU A 57 6.91 -4.97 -3.78
N MET A 58 5.96 -5.77 -3.28
CA MET A 58 4.56 -5.55 -3.57
C MET A 58 4.11 -4.17 -3.09
N LEU A 59 4.61 -3.77 -1.93
CA LEU A 59 4.27 -2.47 -1.36
C LEU A 59 4.70 -1.34 -2.30
N THR A 60 5.96 -1.38 -2.73
CA THR A 60 6.49 -0.37 -3.63
C THR A 60 5.68 -0.32 -4.93
N LYS A 61 5.42 -1.48 -5.50
CA LYS A 61 4.65 -1.57 -6.74
C LYS A 61 3.29 -0.88 -6.59
N GLU A 62 2.57 -1.26 -5.54
CA GLU A 62 1.25 -0.67 -5.28
C GLU A 62 1.35 0.84 -5.12
N LEU A 63 2.39 1.29 -4.42
CA LEU A 63 2.59 2.72 -4.21
C LEU A 63 2.71 3.46 -5.54
N LEU A 64 3.58 2.97 -6.41
CA LEU A 64 3.78 3.57 -7.72
C LEU A 64 2.51 3.49 -8.55
N GLU A 65 1.75 2.42 -8.35
CA GLU A 65 0.50 2.21 -9.08
C GLU A 65 -0.57 3.22 -8.63
N LEU A 66 -0.88 3.20 -7.34
CA LEU A 66 -1.89 4.11 -6.79
C LEU A 66 -1.48 5.57 -7.01
N ASP A 67 -0.18 5.81 -7.01
CA ASP A 67 0.35 7.17 -7.21
C ASP A 67 -0.14 7.76 -8.54
N SER A 68 -0.55 6.89 -9.47
CA SER A 68 -1.02 7.33 -10.77
C SER A 68 -2.54 7.49 -10.78
N VAL A 69 -3.10 7.98 -9.68
CA VAL A 69 -4.53 8.18 -9.56
C VAL A 69 -4.90 9.65 -9.78
N GLU A 70 -5.96 9.89 -10.55
CA GLU A 70 -6.40 11.25 -10.83
C GLU A 70 -7.19 11.82 -9.65
N THR A 71 -6.65 12.87 -9.05
CA THR A 71 -7.31 13.51 -7.91
C THR A 71 -7.27 15.03 -8.05
N GLY A 72 -7.30 15.52 -9.29
CA GLY A 72 -7.26 16.94 -9.53
C GLY A 72 -8.65 17.56 -9.58
N GLY A 73 -9.47 17.26 -8.58
CA GLY A 73 -10.82 17.79 -8.53
C GLY A 73 -11.84 16.76 -8.08
N GLN A 74 -11.50 16.01 -7.04
CA GLN A 74 -12.40 14.99 -6.52
C GLN A 74 -12.10 14.71 -5.04
N ASP A 75 -13.02 15.13 -4.17
CA ASP A 75 -12.87 14.93 -2.74
C ASP A 75 -12.72 13.45 -2.41
N SER A 76 -13.36 12.60 -3.21
CA SER A 76 -13.30 11.16 -3.01
C SER A 76 -11.86 10.65 -3.15
N VAL A 77 -11.30 10.81 -4.34
CA VAL A 77 -9.93 10.37 -4.61
C VAL A 77 -8.95 11.07 -3.69
N ARG A 78 -9.26 12.31 -3.33
CA ARG A 78 -8.40 13.09 -2.45
C ARG A 78 -8.26 12.40 -1.09
N GLN A 79 -9.39 12.20 -0.42
CA GLN A 79 -9.40 11.55 0.88
C GLN A 79 -8.77 10.18 0.80
N ALA A 80 -9.16 9.41 -0.22
CA ALA A 80 -8.63 8.07 -0.43
C ALA A 80 -7.14 8.13 -0.72
N ARG A 81 -6.72 9.16 -1.45
CA ARG A 81 -5.32 9.34 -1.79
C ARG A 81 -4.47 9.47 -0.53
N LYS A 82 -4.84 10.43 0.31
CA LYS A 82 -4.11 10.65 1.56
C LYS A 82 -4.14 9.41 2.43
N GLU A 83 -5.31 8.78 2.50
CA GLU A 83 -5.47 7.56 3.29
C GLU A 83 -4.56 6.45 2.78
N ALA A 84 -4.54 6.28 1.45
CA ALA A 84 -3.71 5.27 0.83
C ALA A 84 -2.24 5.51 1.14
N VAL A 85 -1.84 6.78 1.08
CA VAL A 85 -0.45 7.16 1.35
C VAL A 85 -0.09 6.84 2.80
N CYS A 86 -1.01 7.11 3.72
CA CYS A 86 -0.78 6.85 5.13
C CYS A 86 -0.61 5.35 5.37
N LYS A 87 -1.47 4.55 4.76
CA LYS A 87 -1.42 3.10 4.89
C LYS A 87 -0.11 2.55 4.35
N ILE A 88 0.13 2.77 3.04
CA ILE A 88 1.35 2.29 2.40
C ILE A 88 2.58 2.68 3.22
N GLN A 89 2.65 3.94 3.61
CA GLN A 89 3.77 4.42 4.41
C GLN A 89 3.71 3.81 5.81
N ALA A 90 2.49 3.55 6.28
CA ALA A 90 2.28 2.95 7.58
C ALA A 90 2.82 1.53 7.61
N ILE A 91 2.38 0.71 6.66
CA ILE A 91 2.82 -0.67 6.57
C ILE A 91 4.32 -0.73 6.31
N LEU A 92 4.81 0.18 5.48
CA LEU A 92 6.24 0.23 5.16
C LEU A 92 7.07 0.43 6.43
N GLU A 93 6.77 1.49 7.16
CA GLU A 93 7.48 1.80 8.39
C GLU A 93 7.32 0.66 9.40
N LYS A 94 6.13 0.05 9.39
CA LYS A 94 5.84 -1.05 10.30
C LYS A 94 6.81 -2.21 10.07
N LEU A 95 7.00 -2.57 8.81
CA LEU A 95 7.91 -3.66 8.44
C LEU A 95 9.36 -3.28 8.74
N GLU A 96 9.70 -2.03 8.44
CA GLU A 96 11.06 -1.54 8.67
C GLU A 96 11.42 -1.62 10.16
N LYS A 97 10.44 -1.31 11.01
CA LYS A 97 10.64 -1.35 12.45
C LYS A 97 10.64 -2.79 12.97
N LYS A 98 9.78 -3.61 12.38
CA LYS A 98 9.67 -5.02 12.78
C LYS A 98 10.49 -5.91 11.85
N GLY A 99 11.51 -5.34 11.22
CA GLY A 99 12.34 -6.10 10.31
C GLY A 99 13.61 -5.35 9.93
N THR A 19 -17.30 9.37 -10.58
CA THR A 19 -15.97 9.94 -10.71
C THR A 19 -15.11 9.13 -11.67
N PRO A 20 -14.15 9.78 -12.34
CA PRO A 20 -13.25 9.11 -13.29
C PRO A 20 -12.58 7.88 -12.67
N PRO A 21 -11.65 7.23 -13.41
CA PRO A 21 -10.96 6.04 -12.93
C PRO A 21 -9.80 6.38 -11.99
N SER A 22 -10.08 7.22 -11.00
CA SER A 22 -9.06 7.62 -10.04
C SER A 22 -9.24 6.89 -8.71
N ILE A 23 -10.50 6.69 -8.32
CA ILE A 23 -10.81 6.01 -7.07
C ILE A 23 -10.60 4.50 -7.19
N LYS A 24 -10.92 3.96 -8.36
CA LYS A 24 -10.76 2.53 -8.60
C LYS A 24 -9.32 2.09 -8.38
N LYS A 25 -8.38 2.91 -8.86
CA LYS A 25 -6.96 2.61 -8.72
C LYS A 25 -6.54 2.61 -7.26
N ILE A 26 -6.82 3.70 -6.55
CA ILE A 26 -6.47 3.81 -5.14
C ILE A 26 -7.11 2.71 -4.33
N ILE A 27 -8.34 2.34 -4.69
CA ILE A 27 -9.05 1.29 -3.98
C ILE A 27 -8.34 -0.05 -4.16
N HIS A 28 -7.97 -0.37 -5.41
CA HIS A 28 -7.28 -1.61 -5.71
C HIS A 28 -5.99 -1.70 -4.91
N VAL A 29 -5.15 -0.68 -5.01
CA VAL A 29 -3.90 -0.64 -4.28
C VAL A 29 -4.14 -0.73 -2.78
N LEU A 30 -5.24 -0.13 -2.34
CA LEU A 30 -5.61 -0.15 -0.92
C LEU A 30 -5.82 -1.58 -0.46
N GLU A 31 -6.61 -2.33 -1.23
CA GLU A 31 -6.89 -3.72 -0.90
C GLU A 31 -5.58 -4.51 -0.85
N LYS A 32 -4.73 -4.27 -1.85
CA LYS A 32 -3.44 -4.95 -1.93
C LYS A 32 -2.64 -4.69 -0.65
N VAL A 33 -2.68 -3.44 -0.19
CA VAL A 33 -1.98 -3.06 1.03
C VAL A 33 -2.56 -3.81 2.23
N GLN A 34 -3.89 -3.95 2.24
CA GLN A 34 -4.57 -4.67 3.31
C GLN A 34 -4.01 -6.08 3.42
N TYR A 35 -3.99 -6.79 2.29
CA TYR A 35 -3.47 -8.14 2.25
C TYR A 35 -2.02 -8.15 2.75
N LEU A 36 -1.24 -7.19 2.26
CA LEU A 36 0.16 -7.06 2.67
C LEU A 36 0.23 -6.79 4.16
N GLU A 37 -0.74 -6.02 4.67
CA GLU A 37 -0.80 -5.70 6.09
C GLU A 37 -0.92 -6.97 6.91
N GLN A 38 -1.83 -7.86 6.49
CA GLN A 38 -2.03 -9.12 7.17
C GLN A 38 -0.74 -9.95 7.11
N GLU A 39 -0.12 -9.96 5.93
CA GLU A 39 1.12 -10.70 5.74
C GLU A 39 2.21 -10.18 6.66
N VAL A 40 2.52 -8.88 6.54
CA VAL A 40 3.54 -8.26 7.39
C VAL A 40 3.26 -8.53 8.85
N GLU A 41 1.98 -8.54 9.22
CA GLU A 41 1.57 -8.80 10.59
C GLU A 41 1.97 -10.22 10.99
N GLU A 42 1.72 -11.16 10.10
CA GLU A 42 2.06 -12.56 10.34
C GLU A 42 3.53 -12.84 9.97
N PHE A 43 4.19 -11.82 9.40
CA PHE A 43 5.60 -11.95 9.00
C PHE A 43 6.42 -12.72 10.04
N VAL A 44 7.26 -13.62 9.57
CA VAL A 44 8.10 -14.44 10.44
C VAL A 44 8.77 -13.60 11.52
N GLY A 45 9.42 -12.51 11.12
CA GLY A 45 10.08 -11.65 12.08
C GLY A 45 11.46 -11.22 11.62
N LYS A 46 12.16 -12.10 10.92
CA LYS A 46 13.49 -11.80 10.42
C LYS A 46 13.49 -11.68 8.91
N LYS A 47 14.45 -10.91 8.37
CA LYS A 47 14.56 -10.71 6.93
C LYS A 47 15.29 -11.88 6.27
N THR A 48 14.79 -13.09 6.48
CA THR A 48 15.41 -14.28 5.91
C THR A 48 14.41 -15.08 5.08
N ASP A 49 13.13 -14.70 5.14
CA ASP A 49 12.08 -15.39 4.39
C ASP A 49 11.66 -14.57 3.16
N LYS A 50 11.14 -15.26 2.16
CA LYS A 50 10.69 -14.60 0.93
C LYS A 50 9.58 -13.59 1.22
N ALA A 51 8.93 -13.74 2.37
CA ALA A 51 7.85 -12.84 2.77
C ALA A 51 8.27 -11.38 2.63
N TYR A 52 9.27 -10.98 3.39
CA TYR A 52 9.75 -9.60 3.35
C TYR A 52 10.07 -9.17 1.92
N TRP A 53 10.58 -10.09 1.12
CA TRP A 53 10.91 -9.79 -0.27
C TRP A 53 9.68 -9.33 -1.02
N LEU A 54 8.69 -10.21 -1.14
CA LEU A 54 7.45 -9.86 -1.82
C LEU A 54 6.73 -8.74 -1.08
N LEU A 55 6.97 -8.66 0.22
CA LEU A 55 6.36 -7.62 1.05
C LEU A 55 6.72 -6.24 0.52
N GLU A 56 7.98 -5.86 0.71
CA GLU A 56 8.46 -4.57 0.24
C GLU A 56 8.28 -4.42 -1.26
N GLU A 57 8.58 -5.48 -2.01
CA GLU A 57 8.44 -5.47 -3.45
C GLU A 57 7.01 -5.09 -3.86
N MET A 58 6.04 -5.84 -3.35
CA MET A 58 4.64 -5.59 -3.65
C MET A 58 4.25 -4.17 -3.23
N LEU A 59 4.77 -3.72 -2.10
CA LEU A 59 4.48 -2.38 -1.59
C LEU A 59 4.94 -1.33 -2.59
N THR A 60 6.21 -1.41 -2.98
CA THR A 60 6.77 -0.45 -3.94
C THR A 60 5.97 -0.44 -5.23
N LYS A 61 5.66 -1.62 -5.74
CA LYS A 61 4.89 -1.73 -6.98
C LYS A 61 3.55 -1.03 -6.84
N GLU A 62 2.85 -1.28 -5.73
CA GLU A 62 1.55 -0.67 -5.49
C GLU A 62 1.66 0.85 -5.47
N LEU A 63 2.67 1.37 -4.79
CA LEU A 63 2.89 2.80 -4.71
C LEU A 63 3.06 3.41 -6.10
N LEU A 64 3.99 2.86 -6.87
CA LEU A 64 4.24 3.33 -8.23
C LEU A 64 3.00 3.19 -9.10
N GLU A 65 2.19 2.18 -8.81
CA GLU A 65 0.97 1.95 -9.56
C GLU A 65 -0.07 3.03 -9.29
N LEU A 66 -0.47 3.17 -8.04
CA LEU A 66 -1.46 4.18 -7.65
C LEU A 66 -0.96 5.58 -7.99
N ASP A 67 0.35 5.76 -7.96
CA ASP A 67 0.96 7.06 -8.27
C ASP A 67 0.53 7.56 -9.65
N SER A 68 0.11 6.64 -10.51
CA SER A 68 -0.32 7.01 -11.85
C SER A 68 -1.84 7.17 -11.92
N VAL A 69 -2.42 7.73 -10.87
CA VAL A 69 -3.86 7.95 -10.81
C VAL A 69 -4.24 9.31 -11.39
N GLU A 70 -5.42 9.38 -12.02
CA GLU A 70 -5.88 10.63 -12.61
C GLU A 70 -7.13 11.15 -11.90
N THR A 71 -6.92 11.79 -10.75
CA THR A 71 -8.03 12.35 -9.98
C THR A 71 -8.61 13.58 -10.65
N GLY A 72 -7.72 14.50 -11.04
CA GLY A 72 -8.16 15.72 -11.68
C GLY A 72 -9.21 16.47 -10.88
N GLY A 73 -9.23 16.24 -9.57
CA GLY A 73 -10.19 16.91 -8.71
C GLY A 73 -11.32 15.98 -8.28
N GLN A 74 -11.21 15.43 -7.08
CA GLN A 74 -12.23 14.54 -6.56
C GLN A 74 -12.06 14.33 -5.06
N ASP A 75 -13.11 14.64 -4.30
CA ASP A 75 -13.08 14.49 -2.86
C ASP A 75 -12.92 13.02 -2.46
N SER A 76 -13.70 12.16 -3.10
CA SER A 76 -13.65 10.73 -2.81
C SER A 76 -12.25 10.18 -3.04
N VAL A 77 -11.73 10.38 -4.25
CA VAL A 77 -10.40 9.91 -4.61
C VAL A 77 -9.35 10.48 -3.66
N ARG A 78 -9.48 11.77 -3.35
CA ARG A 78 -8.54 12.43 -2.45
C ARG A 78 -8.52 11.75 -1.08
N GLN A 79 -9.71 11.44 -0.56
CA GLN A 79 -9.82 10.77 0.73
C GLN A 79 -9.14 9.42 0.69
N ALA A 80 -9.52 8.60 -0.28
CA ALA A 80 -8.94 7.27 -0.44
C ALA A 80 -7.44 7.37 -0.66
N ARG A 81 -7.01 8.42 -1.33
CA ARG A 81 -5.59 8.64 -1.59
C ARG A 81 -4.82 8.81 -0.30
N LYS A 82 -5.14 9.86 0.45
CA LYS A 82 -4.49 10.14 1.72
C LYS A 82 -4.53 8.91 2.62
N GLU A 83 -5.70 8.28 2.70
CA GLU A 83 -5.86 7.08 3.52
C GLU A 83 -4.91 5.98 3.08
N ALA A 84 -4.95 5.66 1.78
CA ALA A 84 -4.09 4.63 1.23
C ALA A 84 -2.62 4.98 1.44
N VAL A 85 -2.25 6.21 1.13
CA VAL A 85 -0.88 6.68 1.30
C VAL A 85 -0.41 6.45 2.73
N CYS A 86 -1.29 6.73 3.69
CA CYS A 86 -0.96 6.56 5.10
C CYS A 86 -0.71 5.08 5.40
N LYS A 87 -1.64 4.23 4.97
CA LYS A 87 -1.53 2.79 5.18
C LYS A 87 -0.24 2.26 4.58
N ILE A 88 0.03 2.63 3.33
CA ILE A 88 1.24 2.20 2.63
C ILE A 88 2.48 2.57 3.44
N GLN A 89 2.57 3.85 3.81
CA GLN A 89 3.68 4.33 4.60
C GLN A 89 3.66 3.70 5.99
N ALA A 90 2.45 3.35 6.44
CA ALA A 90 2.28 2.72 7.74
C ALA A 90 2.81 1.30 7.73
N ILE A 91 2.45 0.54 6.69
CA ILE A 91 2.89 -0.85 6.56
C ILE A 91 4.41 -0.90 6.33
N LEU A 92 4.91 0.07 5.57
CA LEU A 92 6.33 0.14 5.28
C LEU A 92 7.13 0.41 6.55
N GLU A 93 6.78 1.49 7.25
CA GLU A 93 7.45 1.86 8.48
C GLU A 93 7.36 0.73 9.50
N LYS A 94 6.19 0.11 9.59
CA LYS A 94 5.97 -0.98 10.51
C LYS A 94 6.93 -2.13 10.21
N LEU A 95 7.04 -2.49 8.93
CA LEU A 95 7.91 -3.56 8.51
C LEU A 95 9.37 -3.26 8.90
N GLU A 96 9.80 -2.04 8.59
CA GLU A 96 11.16 -1.62 8.90
C GLU A 96 11.45 -1.73 10.40
N LYS A 97 10.48 -1.30 11.21
CA LYS A 97 10.63 -1.36 12.66
C LYS A 97 10.77 -2.80 13.14
N LYS A 98 9.84 -3.65 12.73
CA LYS A 98 9.87 -5.06 13.12
C LYS A 98 11.06 -5.78 12.48
N GLY A 99 11.39 -5.38 11.27
CA GLY A 99 12.51 -5.99 10.57
C GLY A 99 13.78 -5.16 10.65
N THR A 19 -15.68 8.61 -10.59
CA THR A 19 -14.52 8.48 -11.47
C THR A 19 -13.71 7.24 -11.11
N PRO A 20 -14.09 6.07 -11.67
CA PRO A 20 -13.38 4.82 -11.41
C PRO A 20 -11.88 4.89 -11.72
N PRO A 21 -11.52 5.47 -12.87
CA PRO A 21 -10.11 5.59 -13.27
C PRO A 21 -9.28 6.36 -12.24
N SER A 22 -9.94 7.12 -11.39
CA SER A 22 -9.27 7.91 -10.37
C SER A 22 -9.38 7.27 -8.99
N ILE A 23 -10.51 6.61 -8.73
CA ILE A 23 -10.73 5.98 -7.43
C ILE A 23 -10.42 4.48 -7.47
N LYS A 24 -10.92 3.79 -8.49
CA LYS A 24 -10.70 2.36 -8.63
C LYS A 24 -9.22 2.01 -8.42
N LYS A 25 -8.34 2.92 -8.81
CA LYS A 25 -6.90 2.70 -8.67
C LYS A 25 -6.51 2.67 -7.19
N ILE A 26 -6.76 3.78 -6.49
CA ILE A 26 -6.43 3.87 -5.07
C ILE A 26 -7.11 2.76 -4.28
N ILE A 27 -8.31 2.40 -4.68
CA ILE A 27 -9.06 1.34 -4.01
C ILE A 27 -8.35 0.01 -4.17
N HIS A 28 -7.97 -0.31 -5.41
CA HIS A 28 -7.27 -1.55 -5.71
C HIS A 28 -6.01 -1.66 -4.86
N VAL A 29 -5.16 -0.63 -4.93
CA VAL A 29 -3.94 -0.62 -4.16
C VAL A 29 -4.24 -0.72 -2.67
N LEU A 30 -5.34 -0.11 -2.25
CA LEU A 30 -5.76 -0.15 -0.86
C LEU A 30 -5.95 -1.58 -0.40
N GLU A 31 -6.73 -2.34 -1.17
CA GLU A 31 -6.97 -3.75 -0.86
C GLU A 31 -5.66 -4.50 -0.82
N LYS A 32 -4.82 -4.26 -1.81
CA LYS A 32 -3.52 -4.92 -1.89
C LYS A 32 -2.72 -4.63 -0.62
N VAL A 33 -2.80 -3.39 -0.15
CA VAL A 33 -2.11 -2.99 1.07
C VAL A 33 -2.66 -3.75 2.27
N GLN A 34 -3.97 -3.93 2.29
CA GLN A 34 -4.63 -4.65 3.37
C GLN A 34 -4.05 -6.06 3.47
N TYR A 35 -4.04 -6.77 2.35
CA TYR A 35 -3.48 -8.12 2.31
C TYR A 35 -2.04 -8.10 2.78
N LEU A 36 -1.28 -7.13 2.28
CA LEU A 36 0.12 -6.98 2.66
C LEU A 36 0.21 -6.69 4.15
N GLU A 37 -0.77 -5.95 4.66
CA GLU A 37 -0.82 -5.60 6.07
C GLU A 37 -0.88 -6.87 6.92
N GLN A 38 -1.80 -7.77 6.55
CA GLN A 38 -1.94 -9.03 7.25
C GLN A 38 -0.65 -9.84 7.13
N GLU A 39 -0.06 -9.79 5.93
CA GLU A 39 1.18 -10.51 5.68
C GLU A 39 2.29 -10.02 6.62
N VAL A 40 2.56 -8.72 6.60
CA VAL A 40 3.57 -8.13 7.46
C VAL A 40 3.28 -8.44 8.92
N GLU A 41 2.00 -8.47 9.27
CA GLU A 41 1.57 -8.78 10.63
C GLU A 41 2.01 -10.19 11.00
N GLU A 42 1.83 -11.12 10.07
CA GLU A 42 2.22 -12.51 10.29
C GLU A 42 3.67 -12.76 9.88
N PHE A 43 4.30 -11.74 9.29
CA PHE A 43 5.69 -11.84 8.84
C PHE A 43 6.56 -12.58 9.86
N VAL A 44 7.49 -13.38 9.35
CA VAL A 44 8.38 -14.16 10.20
C VAL A 44 9.03 -13.29 11.28
N GLY A 45 9.57 -12.14 10.87
CA GLY A 45 10.21 -11.25 11.81
C GLY A 45 11.53 -10.71 11.30
N LYS A 46 12.31 -11.57 10.63
CA LYS A 46 13.60 -11.16 10.09
C LYS A 46 13.56 -11.15 8.56
N LYS A 47 14.25 -10.18 7.97
CA LYS A 47 14.30 -10.05 6.52
C LYS A 47 15.16 -11.14 5.90
N THR A 48 14.74 -12.40 6.08
CA THR A 48 15.46 -13.54 5.54
C THR A 48 14.56 -14.43 4.70
N ASP A 49 13.28 -14.48 5.07
CA ASP A 49 12.30 -15.29 4.36
C ASP A 49 11.80 -14.57 3.11
N LYS A 50 11.27 -15.33 2.15
CA LYS A 50 10.76 -14.76 0.92
C LYS A 50 9.67 -13.73 1.18
N ALA A 51 9.03 -13.84 2.35
CA ALA A 51 7.98 -12.91 2.73
C ALA A 51 8.44 -11.47 2.60
N TYR A 52 9.43 -11.09 3.41
CA TYR A 52 9.96 -9.73 3.38
C TYR A 52 10.24 -9.28 1.95
N TRP A 53 10.76 -10.20 1.14
CA TRP A 53 11.07 -9.88 -0.26
C TRP A 53 9.82 -9.41 -0.98
N LEU A 54 8.84 -10.30 -1.10
CA LEU A 54 7.58 -9.96 -1.77
C LEU A 54 6.86 -8.86 -1.00
N LEU A 55 7.13 -8.76 0.29
CA LEU A 55 6.51 -7.74 1.13
C LEU A 55 6.85 -6.34 0.60
N GLU A 56 8.11 -5.97 0.71
CA GLU A 56 8.57 -4.66 0.25
C GLU A 56 8.38 -4.53 -1.26
N GLU A 57 8.62 -5.61 -1.99
CA GLU A 57 8.48 -5.61 -3.44
C GLU A 57 7.05 -5.26 -3.83
N MET A 58 6.10 -6.01 -3.30
CA MET A 58 4.68 -5.78 -3.60
C MET A 58 4.27 -4.37 -3.18
N LEU A 59 4.72 -3.96 -2.00
CA LEU A 59 4.38 -2.64 -1.48
C LEU A 59 4.87 -1.54 -2.43
N THR A 60 6.13 -1.65 -2.84
CA THR A 60 6.72 -0.68 -3.75
C THR A 60 5.96 -0.63 -5.06
N LYS A 61 5.63 -1.80 -5.59
CA LYS A 61 4.88 -1.90 -6.84
C LYS A 61 3.56 -1.14 -6.76
N GLU A 62 2.75 -1.49 -5.77
CA GLU A 62 1.46 -0.84 -5.58
C GLU A 62 1.63 0.66 -5.37
N LEU A 63 2.69 1.04 -4.67
CA LEU A 63 2.97 2.45 -4.40
C LEU A 63 3.15 3.21 -5.71
N LEU A 64 4.05 2.73 -6.56
CA LEU A 64 4.30 3.38 -7.84
C LEU A 64 3.07 3.33 -8.74
N GLU A 65 2.30 2.25 -8.62
CA GLU A 65 1.08 2.09 -9.42
C GLU A 65 0.09 3.22 -9.13
N LEU A 66 -0.33 3.31 -7.87
CA LEU A 66 -1.29 4.33 -7.46
C LEU A 66 -0.68 5.72 -7.61
N ASP A 67 0.62 5.82 -7.42
CA ASP A 67 1.33 7.10 -7.53
C ASP A 67 1.04 7.76 -8.87
N SER A 68 0.70 6.96 -9.87
CA SER A 68 0.41 7.46 -11.21
C SER A 68 -1.09 7.64 -11.42
N VAL A 69 -1.78 8.08 -10.36
CA VAL A 69 -3.23 8.29 -10.43
C VAL A 69 -3.56 9.70 -10.91
N GLU A 70 -4.57 9.80 -11.77
CA GLU A 70 -4.99 11.09 -12.31
C GLU A 70 -6.14 11.67 -11.50
N THR A 71 -5.82 12.56 -10.57
CA THR A 71 -6.84 13.18 -9.73
C THR A 71 -6.59 14.68 -9.60
N GLY A 72 -7.29 15.47 -10.41
CA GLY A 72 -7.12 16.91 -10.36
C GLY A 72 -8.32 17.61 -9.74
N GLY A 73 -9.01 16.92 -8.84
CA GLY A 73 -10.16 17.50 -8.18
C GLY A 73 -11.23 16.47 -7.89
N GLN A 74 -10.90 15.47 -7.08
CA GLN A 74 -11.85 14.43 -6.73
C GLN A 74 -11.84 14.17 -5.23
N ASP A 75 -12.97 14.43 -4.58
CA ASP A 75 -13.10 14.23 -3.14
C ASP A 75 -12.88 12.76 -2.77
N SER A 76 -13.46 11.87 -3.56
CA SER A 76 -13.32 10.43 -3.32
C SER A 76 -11.85 10.01 -3.32
N VAL A 77 -11.17 10.31 -4.43
CA VAL A 77 -9.76 9.96 -4.57
C VAL A 77 -8.93 10.61 -3.47
N ARG A 78 -9.26 11.85 -3.12
CA ARG A 78 -8.54 12.57 -2.08
C ARG A 78 -8.58 11.81 -0.76
N GLN A 79 -9.80 11.47 -0.32
CA GLN A 79 -9.98 10.74 0.92
C GLN A 79 -9.23 9.41 0.88
N ALA A 80 -9.50 8.62 -0.16
CA ALA A 80 -8.85 7.33 -0.33
C ALA A 80 -7.34 7.51 -0.45
N ARG A 81 -6.93 8.64 -1.02
CA ARG A 81 -5.51 8.93 -1.19
C ARG A 81 -4.81 9.03 0.17
N LYS A 82 -5.33 9.91 1.03
CA LYS A 82 -4.77 10.08 2.36
C LYS A 82 -4.85 8.78 3.15
N GLU A 83 -5.93 8.04 2.96
CA GLU A 83 -6.11 6.77 3.65
C GLU A 83 -5.09 5.75 3.13
N ALA A 84 -4.97 5.67 1.82
CA ALA A 84 -4.03 4.74 1.19
C ALA A 84 -2.59 5.15 1.49
N VAL A 85 -2.27 6.41 1.22
CA VAL A 85 -0.92 6.92 1.46
C VAL A 85 -0.49 6.65 2.90
N CYS A 86 -1.39 6.91 3.85
CA CYS A 86 -1.12 6.68 5.26
C CYS A 86 -0.88 5.19 5.51
N LYS A 87 -1.76 4.36 4.95
CA LYS A 87 -1.66 2.92 5.10
C LYS A 87 -0.36 2.39 4.49
N ILE A 88 -0.15 2.66 3.21
CA ILE A 88 1.06 2.21 2.52
C ILE A 88 2.31 2.63 3.30
N GLN A 89 2.33 3.87 3.76
CA GLN A 89 3.44 4.39 4.53
C GLN A 89 3.45 3.75 5.91
N ALA A 90 2.25 3.44 6.41
CA ALA A 90 2.10 2.81 7.70
C ALA A 90 2.65 1.40 7.69
N ILE A 91 2.27 0.64 6.66
CA ILE A 91 2.74 -0.73 6.50
C ILE A 91 4.24 -0.76 6.21
N LEU A 92 4.70 0.19 5.40
CA LEU A 92 6.11 0.27 5.04
C LEU A 92 6.96 0.50 6.29
N GLU A 93 6.59 1.49 7.08
CA GLU A 93 7.31 1.82 8.30
C GLU A 93 7.24 0.66 9.29
N LYS A 94 6.06 0.08 9.42
CA LYS A 94 5.85 -1.05 10.33
C LYS A 94 6.76 -2.22 9.96
N LEU A 95 6.91 -2.45 8.66
CA LEU A 95 7.75 -3.54 8.17
C LEU A 95 9.23 -3.23 8.37
N GLU A 96 9.62 -2.00 8.02
CA GLU A 96 11.00 -1.58 8.17
C GLU A 96 11.43 -1.57 9.63
N LYS A 97 10.47 -1.31 10.52
CA LYS A 97 10.73 -1.28 11.95
C LYS A 97 10.78 -2.69 12.54
N LYS A 98 9.71 -3.44 12.32
CA LYS A 98 9.62 -4.81 12.83
C LYS A 98 10.63 -5.71 12.13
N GLY A 99 10.87 -5.45 10.85
CA GLY A 99 11.81 -6.25 10.09
C GLY A 99 13.09 -5.49 9.78
N THR A 19 -16.06 12.87 -12.58
CA THR A 19 -14.89 12.36 -11.87
C THR A 19 -14.11 11.39 -12.76
N PRO A 20 -12.77 11.53 -12.81
CA PRO A 20 -11.92 10.65 -13.62
C PRO A 20 -11.76 9.26 -13.01
N PRO A 21 -11.16 8.33 -13.77
CA PRO A 21 -10.95 6.95 -13.29
C PRO A 21 -9.88 6.86 -12.21
N SER A 22 -10.14 7.53 -11.09
CA SER A 22 -9.21 7.53 -9.97
C SER A 22 -9.67 6.59 -8.86
N ILE A 23 -10.98 6.33 -8.81
CA ILE A 23 -11.54 5.46 -7.80
C ILE A 23 -11.04 4.01 -7.96
N LYS A 24 -11.05 3.52 -9.19
CA LYS A 24 -10.60 2.17 -9.48
C LYS A 24 -9.19 1.93 -8.95
N LYS A 25 -8.33 2.93 -9.12
CA LYS A 25 -6.95 2.83 -8.67
C LYS A 25 -6.87 2.70 -7.14
N ILE A 26 -7.47 3.65 -6.43
CA ILE A 26 -7.46 3.64 -4.98
C ILE A 26 -8.04 2.33 -4.44
N ILE A 27 -9.05 1.80 -5.12
CA ILE A 27 -9.67 0.56 -4.71
C ILE A 27 -8.70 -0.62 -4.85
N HIS A 28 -8.11 -0.76 -6.02
CA HIS A 28 -7.16 -1.82 -6.28
C HIS A 28 -6.00 -1.77 -5.29
N VAL A 29 -5.34 -0.62 -5.23
CA VAL A 29 -4.21 -0.43 -4.32
C VAL A 29 -4.64 -0.67 -2.87
N LEU A 30 -5.86 -0.25 -2.55
CA LEU A 30 -6.40 -0.42 -1.21
C LEU A 30 -6.42 -1.89 -0.82
N GLU A 31 -7.03 -2.71 -1.67
CA GLU A 31 -7.12 -4.13 -1.43
C GLU A 31 -5.73 -4.75 -1.31
N LYS A 32 -4.84 -4.35 -2.22
CA LYS A 32 -3.47 -4.86 -2.22
C LYS A 32 -2.81 -4.58 -0.87
N VAL A 33 -2.96 -3.35 -0.38
CA VAL A 33 -2.38 -2.97 0.89
C VAL A 33 -3.00 -3.77 2.03
N GLN A 34 -4.30 -4.02 1.93
CA GLN A 34 -5.01 -4.81 2.94
C GLN A 34 -4.36 -6.18 3.10
N TYR A 35 -4.23 -6.88 1.97
CA TYR A 35 -3.61 -8.20 1.97
C TYR A 35 -2.19 -8.10 2.52
N LEU A 36 -1.46 -7.09 2.06
CA LEU A 36 -0.09 -6.87 2.51
C LEU A 36 -0.07 -6.61 4.01
N GLU A 37 -1.08 -5.87 4.48
CA GLU A 37 -1.19 -5.55 5.90
C GLU A 37 -1.29 -6.84 6.72
N GLN A 38 -2.16 -7.73 6.29
CA GLN A 38 -2.35 -9.00 6.97
C GLN A 38 -1.05 -9.81 6.96
N GLU A 39 -0.39 -9.83 5.81
CA GLU A 39 0.87 -10.55 5.67
C GLU A 39 1.90 -10.02 6.66
N VAL A 40 2.18 -8.71 6.57
CA VAL A 40 3.15 -8.10 7.47
C VAL A 40 2.78 -8.37 8.93
N GLU A 41 1.48 -8.39 9.21
CA GLU A 41 1.00 -8.65 10.56
C GLU A 41 1.39 -10.05 11.00
N GLU A 42 1.26 -11.01 10.08
CA GLU A 42 1.60 -12.40 10.37
C GLU A 42 3.06 -12.70 10.01
N PHE A 43 3.75 -11.70 9.46
CA PHE A 43 5.15 -11.86 9.06
C PHE A 43 5.96 -12.56 10.14
N VAL A 44 6.87 -13.45 9.72
CA VAL A 44 7.69 -14.21 10.65
C VAL A 44 8.26 -13.33 11.76
N GLY A 45 9.00 -12.29 11.37
CA GLY A 45 9.58 -11.40 12.36
C GLY A 45 10.97 -10.93 11.96
N LYS A 46 11.69 -11.77 11.23
CA LYS A 46 13.04 -11.44 10.79
C LYS A 46 13.10 -11.33 9.27
N LYS A 47 14.03 -10.52 8.77
CA LYS A 47 14.19 -10.33 7.34
C LYS A 47 14.93 -11.50 6.71
N THR A 48 14.34 -12.68 6.82
CA THR A 48 14.95 -13.89 6.26
C THR A 48 13.98 -14.61 5.32
N ASP A 49 12.69 -14.50 5.60
CA ASP A 49 11.67 -15.13 4.77
C ASP A 49 11.37 -14.30 3.53
N LYS A 50 10.99 -14.97 2.45
CA LYS A 50 10.68 -14.30 1.20
C LYS A 50 9.54 -13.30 1.37
N ALA A 51 8.72 -13.53 2.40
CA ALA A 51 7.58 -12.65 2.68
C ALA A 51 8.02 -11.19 2.72
N TYR A 52 9.11 -10.92 3.42
CA TYR A 52 9.63 -9.56 3.54
C TYR A 52 9.99 -9.01 2.17
N TRP A 53 10.60 -9.83 1.33
CA TRP A 53 10.98 -9.43 -0.02
C TRP A 53 9.76 -8.94 -0.78
N LEU A 54 8.76 -9.81 -0.90
CA LEU A 54 7.53 -9.48 -1.60
C LEU A 54 6.77 -8.39 -0.84
N LEU A 55 6.93 -8.38 0.49
CA LEU A 55 6.27 -7.39 1.33
C LEU A 55 6.63 -5.98 0.87
N GLU A 56 7.90 -5.62 1.07
CA GLU A 56 8.37 -4.29 0.67
C GLU A 56 8.25 -4.10 -0.84
N GLU A 57 8.64 -5.13 -1.60
CA GLU A 57 8.57 -5.08 -3.06
C GLU A 57 7.16 -4.77 -3.52
N MET A 58 6.21 -5.60 -3.10
CA MET A 58 4.80 -5.42 -3.46
C MET A 58 4.32 -4.03 -3.04
N LEU A 59 4.75 -3.59 -1.87
CA LEU A 59 4.37 -2.27 -1.36
C LEU A 59 4.75 -1.17 -2.35
N THR A 60 6.04 -1.11 -2.68
CA THR A 60 6.54 -0.10 -3.62
C THR A 60 5.79 -0.18 -4.95
N LYS A 61 5.59 -1.40 -5.44
CA LYS A 61 4.90 -1.61 -6.70
C LYS A 61 3.52 -0.94 -6.68
N GLU A 62 2.75 -1.21 -5.64
CA GLU A 62 1.42 -0.63 -5.50
C GLU A 62 1.50 0.89 -5.42
N LEU A 63 2.47 1.38 -4.66
CA LEU A 63 2.66 2.83 -4.50
C LEU A 63 2.87 3.49 -5.86
N LEU A 64 3.81 2.95 -6.63
CA LEU A 64 4.11 3.50 -7.96
C LEU A 64 2.89 3.43 -8.86
N GLU A 65 2.17 2.33 -8.79
CA GLU A 65 0.97 2.14 -9.59
C GLU A 65 -0.16 3.06 -9.11
N LEU A 66 -0.15 3.36 -7.81
CA LEU A 66 -1.17 4.23 -7.23
C LEU A 66 -0.94 5.68 -7.63
N ASP A 67 0.33 6.08 -7.72
CA ASP A 67 0.68 7.44 -8.09
C ASP A 67 0.10 7.82 -9.45
N SER A 68 -0.26 6.82 -10.24
CA SER A 68 -0.82 7.06 -11.57
C SER A 68 -2.25 7.61 -11.47
N VAL A 69 -2.94 7.28 -10.38
CA VAL A 69 -4.31 7.74 -10.18
C VAL A 69 -4.40 9.26 -10.26
N GLU A 70 -5.48 9.76 -10.86
CA GLU A 70 -5.68 11.19 -10.99
C GLU A 70 -6.91 11.65 -10.22
N THR A 71 -6.69 12.19 -9.03
CA THR A 71 -7.77 12.68 -8.20
C THR A 71 -8.04 14.16 -8.44
N GLY A 72 -8.69 14.46 -9.56
CA GLY A 72 -8.98 15.84 -9.90
C GLY A 72 -10.33 16.29 -9.37
N GLY A 73 -10.42 16.44 -8.06
CA GLY A 73 -11.67 16.88 -7.44
C GLY A 73 -12.39 15.76 -6.71
N GLN A 74 -12.13 14.53 -7.14
CA GLN A 74 -12.77 13.36 -6.51
C GLN A 74 -12.43 13.28 -5.03
N ASP A 75 -13.32 13.80 -4.20
CA ASP A 75 -13.12 13.78 -2.75
C ASP A 75 -12.89 12.35 -2.26
N SER A 76 -13.60 11.40 -2.86
CA SER A 76 -13.46 10.00 -2.48
C SER A 76 -12.03 9.52 -2.65
N VAL A 77 -11.48 9.72 -3.85
CA VAL A 77 -10.11 9.31 -4.13
C VAL A 77 -9.13 10.07 -3.26
N ARG A 78 -9.45 11.33 -2.97
CA ARG A 78 -8.59 12.16 -2.13
C ARG A 78 -8.41 11.52 -0.76
N GLN A 79 -9.52 11.22 -0.10
CA GLN A 79 -9.50 10.60 1.21
C GLN A 79 -8.77 9.25 1.13
N ALA A 80 -9.17 8.42 0.18
CA ALA A 80 -8.55 7.12 -0.01
C ALA A 80 -7.07 7.27 -0.33
N ARG A 81 -6.73 8.36 -1.00
CA ARG A 81 -5.34 8.63 -1.36
C ARG A 81 -4.50 8.83 -0.11
N LYS A 82 -4.86 9.82 0.70
CA LYS A 82 -4.14 10.10 1.93
C LYS A 82 -4.10 8.87 2.83
N GLU A 83 -5.21 8.14 2.84
CA GLU A 83 -5.30 6.93 3.65
C GLU A 83 -4.33 5.88 3.14
N ALA A 84 -4.22 5.78 1.81
CA ALA A 84 -3.31 4.82 1.19
C ALA A 84 -1.87 5.21 1.45
N VAL A 85 -1.51 6.44 1.09
CA VAL A 85 -0.15 6.93 1.29
C VAL A 85 0.30 6.69 2.73
N CYS A 86 -0.56 7.03 3.69
CA CYS A 86 -0.25 6.84 5.10
C CYS A 86 -0.10 5.35 5.41
N LYS A 87 -1.01 4.55 4.86
CA LYS A 87 -0.99 3.11 5.06
C LYS A 87 0.28 2.49 4.48
N ILE A 88 0.52 2.74 3.19
CA ILE A 88 1.70 2.20 2.53
C ILE A 88 2.97 2.58 3.29
N GLN A 89 3.05 3.84 3.71
CA GLN A 89 4.19 4.32 4.46
C GLN A 89 4.16 3.73 5.86
N ALA A 90 2.95 3.48 6.36
CA ALA A 90 2.76 2.90 7.69
C ALA A 90 3.21 1.44 7.71
N ILE A 91 2.80 0.69 6.69
CA ILE A 91 3.15 -0.71 6.58
C ILE A 91 4.65 -0.88 6.32
N LEU A 92 5.20 -0.05 5.44
CA LEU A 92 6.62 -0.10 5.12
C LEU A 92 7.46 0.23 6.34
N GLU A 93 7.12 1.32 7.02
CA GLU A 93 7.84 1.74 8.21
C GLU A 93 7.78 0.66 9.29
N LYS A 94 6.57 0.16 9.55
CA LYS A 94 6.39 -0.88 10.55
C LYS A 94 7.19 -2.12 10.21
N LEU A 95 7.24 -2.44 8.90
CA LEU A 95 7.99 -3.60 8.44
C LEU A 95 9.47 -3.45 8.73
N GLU A 96 10.03 -2.30 8.36
CA GLU A 96 11.44 -2.03 8.59
C GLU A 96 11.78 -2.08 10.08
N LYS A 97 10.89 -1.53 10.90
CA LYS A 97 11.09 -1.50 12.34
C LYS A 97 11.00 -2.91 12.92
N LYS A 98 10.02 -3.68 12.44
CA LYS A 98 9.82 -5.05 12.91
C LYS A 98 10.90 -5.97 12.36
N GLY A 99 11.33 -5.70 11.13
CA GLY A 99 12.35 -6.53 10.51
C GLY A 99 13.75 -6.02 10.80
N THR A 19 -15.44 10.35 -12.63
CA THR A 19 -14.12 9.83 -12.31
C THR A 19 -14.15 8.33 -12.08
N PRO A 20 -14.60 7.55 -13.09
CA PRO A 20 -14.69 6.10 -12.98
C PRO A 20 -13.33 5.44 -12.72
N PRO A 21 -12.29 5.82 -13.49
CA PRO A 21 -10.96 5.26 -13.34
C PRO A 21 -10.10 6.00 -12.32
N SER A 22 -10.75 6.68 -11.38
CA SER A 22 -10.04 7.41 -10.34
C SER A 22 -10.02 6.64 -9.03
N ILE A 23 -11.19 6.24 -8.55
CA ILE A 23 -11.30 5.49 -7.31
C ILE A 23 -10.89 4.04 -7.51
N LYS A 24 -11.24 3.48 -8.66
CA LYS A 24 -10.92 2.09 -8.97
C LYS A 24 -9.46 1.78 -8.65
N LYS A 25 -8.56 2.64 -9.10
CA LYS A 25 -7.14 2.47 -8.86
C LYS A 25 -6.84 2.45 -7.36
N ILE A 26 -7.43 3.38 -6.63
CA ILE A 26 -7.23 3.46 -5.19
C ILE A 26 -7.78 2.21 -4.51
N ILE A 27 -8.86 1.67 -5.05
CA ILE A 27 -9.46 0.47 -4.49
C ILE A 27 -8.53 -0.72 -4.65
N HIS A 28 -7.95 -0.85 -5.85
CA HIS A 28 -7.03 -1.94 -6.12
C HIS A 28 -5.83 -1.87 -5.19
N VAL A 29 -5.15 -0.72 -5.19
CA VAL A 29 -3.99 -0.52 -4.34
C VAL A 29 -4.36 -0.74 -2.88
N LEU A 30 -5.57 -0.33 -2.51
CA LEU A 30 -6.06 -0.48 -1.15
C LEU A 30 -6.17 -1.96 -0.79
N GLU A 31 -6.72 -2.74 -1.72
CA GLU A 31 -6.87 -4.18 -1.51
C GLU A 31 -5.51 -4.83 -1.30
N LYS A 32 -4.56 -4.45 -2.16
CA LYS A 32 -3.19 -5.00 -2.06
C LYS A 32 -2.60 -4.66 -0.71
N VAL A 33 -2.82 -3.41 -0.27
CA VAL A 33 -2.31 -2.97 1.01
C VAL A 33 -2.93 -3.78 2.15
N GLN A 34 -4.22 -4.10 1.99
CA GLN A 34 -4.93 -4.89 2.99
C GLN A 34 -4.26 -6.25 3.14
N TYR A 35 -4.15 -6.98 2.02
CA TYR A 35 -3.51 -8.28 2.04
C TYR A 35 -2.09 -8.16 2.56
N LEU A 36 -1.39 -7.12 2.10
CA LEU A 36 -0.03 -6.87 2.53
C LEU A 36 0.02 -6.61 4.03
N GLU A 37 -0.99 -5.88 4.52
CA GLU A 37 -1.08 -5.57 5.94
C GLU A 37 -1.17 -6.86 6.75
N GLN A 38 -2.01 -7.78 6.29
CA GLN A 38 -2.18 -9.06 6.97
C GLN A 38 -0.86 -9.82 6.96
N GLU A 39 -0.18 -9.81 5.81
CA GLU A 39 1.10 -10.49 5.67
C GLU A 39 2.11 -9.93 6.67
N VAL A 40 2.36 -8.62 6.58
CA VAL A 40 3.31 -7.98 7.49
C VAL A 40 2.95 -8.27 8.94
N GLU A 41 1.65 -8.33 9.22
CA GLU A 41 1.18 -8.61 10.56
C GLU A 41 1.60 -10.01 10.99
N GLU A 42 1.49 -10.96 10.07
CA GLU A 42 1.87 -12.34 10.33
C GLU A 42 3.33 -12.60 9.99
N PHE A 43 4.01 -11.57 9.47
CA PHE A 43 5.42 -11.67 9.10
C PHE A 43 6.22 -12.42 10.17
N VAL A 44 6.85 -13.52 9.75
CA VAL A 44 7.64 -14.34 10.67
C VAL A 44 8.57 -13.48 11.51
N GLY A 45 9.20 -12.50 10.87
CA GLY A 45 10.12 -11.62 11.58
C GLY A 45 11.53 -11.73 11.07
N LYS A 46 11.69 -12.10 9.81
CA LYS A 46 13.01 -12.25 9.20
C LYS A 46 12.98 -11.87 7.72
N LYS A 47 13.94 -11.05 7.31
CA LYS A 47 14.03 -10.62 5.92
C LYS A 47 14.46 -11.75 5.00
N THR A 48 14.87 -12.88 5.58
CA THR A 48 15.32 -14.02 4.80
C THR A 48 14.14 -14.72 4.13
N ASP A 49 12.96 -14.61 4.74
CA ASP A 49 11.76 -15.23 4.19
C ASP A 49 11.30 -14.51 2.93
N LYS A 50 10.45 -15.17 2.15
CA LYS A 50 9.94 -14.59 0.91
C LYS A 50 8.93 -13.47 1.20
N ALA A 51 8.29 -13.55 2.37
CA ALA A 51 7.31 -12.56 2.77
C ALA A 51 7.87 -11.14 2.66
N TYR A 52 9.00 -10.91 3.31
CA TYR A 52 9.65 -9.60 3.28
C TYR A 52 9.95 -9.18 1.83
N TRP A 53 10.38 -10.14 1.03
CA TRP A 53 10.70 -9.87 -0.37
C TRP A 53 9.49 -9.27 -1.08
N LEU A 54 8.43 -10.05 -1.20
CA LEU A 54 7.20 -9.60 -1.84
C LEU A 54 6.59 -8.44 -1.06
N LEU A 55 6.86 -8.41 0.24
CA LEU A 55 6.35 -7.34 1.10
C LEU A 55 6.78 -5.98 0.57
N GLU A 56 8.08 -5.72 0.63
CA GLU A 56 8.62 -4.45 0.16
C GLU A 56 8.39 -4.28 -1.35
N GLU A 57 8.56 -5.37 -2.08
CA GLU A 57 8.36 -5.35 -3.54
C GLU A 57 6.94 -4.92 -3.88
N MET A 58 5.97 -5.67 -3.36
CA MET A 58 4.56 -5.37 -3.60
C MET A 58 4.22 -3.96 -3.12
N LEU A 59 4.80 -3.56 -2.00
CA LEU A 59 4.57 -2.24 -1.45
C LEU A 59 4.96 -1.15 -2.44
N THR A 60 6.20 -1.20 -2.90
CA THR A 60 6.72 -0.22 -3.85
C THR A 60 5.88 -0.23 -5.13
N LYS A 61 5.54 -1.42 -5.61
CA LYS A 61 4.75 -1.55 -6.82
C LYS A 61 3.43 -0.78 -6.70
N GLU A 62 2.62 -1.14 -5.71
CA GLU A 62 1.35 -0.47 -5.50
C GLU A 62 1.54 1.02 -5.26
N LEU A 63 2.64 1.37 -4.60
CA LEU A 63 2.95 2.77 -4.32
C LEU A 63 3.04 3.57 -5.62
N LEU A 64 3.83 3.07 -6.56
CA LEU A 64 4.01 3.73 -7.85
C LEU A 64 2.70 3.75 -8.63
N GLU A 65 1.97 2.63 -8.59
CA GLU A 65 0.70 2.53 -9.29
C GLU A 65 -0.33 3.49 -8.69
N LEU A 66 -0.23 3.72 -7.38
CA LEU A 66 -1.14 4.61 -6.69
C LEU A 66 -0.87 6.06 -7.07
N ASP A 67 0.39 6.48 -6.93
CA ASP A 67 0.79 7.85 -7.25
C ASP A 67 0.38 8.22 -8.67
N SER A 68 0.23 7.21 -9.53
CA SER A 68 -0.16 7.44 -10.91
C SER A 68 -1.67 7.25 -11.11
N VAL A 69 -2.45 7.69 -10.13
CA VAL A 69 -3.90 7.56 -10.19
C VAL A 69 -4.55 8.91 -10.51
N GLU A 70 -5.62 8.87 -11.32
CA GLU A 70 -6.32 10.08 -11.70
C GLU A 70 -7.24 10.54 -10.58
N THR A 71 -7.47 11.85 -10.50
CA THR A 71 -8.34 12.43 -9.48
C THR A 71 -8.72 13.86 -9.82
N GLY A 72 -9.64 14.01 -10.76
CA GLY A 72 -10.07 15.34 -11.17
C GLY A 72 -11.04 15.95 -10.19
N GLY A 73 -10.59 16.15 -8.96
CA GLY A 73 -11.45 16.73 -7.94
C GLY A 73 -12.43 15.73 -7.36
N GLN A 74 -11.95 14.51 -7.13
CA GLN A 74 -12.78 13.45 -6.57
C GLN A 74 -12.48 13.23 -5.09
N ASP A 75 -13.44 13.55 -4.24
CA ASP A 75 -13.27 13.39 -2.80
C ASP A 75 -12.93 11.94 -2.45
N SER A 76 -13.46 11.01 -3.24
CA SER A 76 -13.22 9.59 -3.02
C SER A 76 -11.72 9.28 -3.09
N VAL A 77 -11.10 9.61 -4.23
CA VAL A 77 -9.69 9.38 -4.41
C VAL A 77 -8.86 10.27 -3.49
N ARG A 78 -9.41 11.42 -3.14
CA ARG A 78 -8.71 12.36 -2.26
C ARG A 78 -8.45 11.71 -0.90
N GLN A 79 -9.51 11.37 -0.20
CA GLN A 79 -9.41 10.74 1.11
C GLN A 79 -8.74 9.36 0.98
N ALA A 80 -9.09 8.65 -0.10
CA ALA A 80 -8.52 7.33 -0.34
C ALA A 80 -7.02 7.43 -0.63
N ARG A 81 -6.61 8.52 -1.26
CA ARG A 81 -5.21 8.75 -1.59
C ARG A 81 -4.40 9.02 -0.32
N LYS A 82 -4.81 10.06 0.41
CA LYS A 82 -4.12 10.41 1.66
C LYS A 82 -4.06 9.22 2.59
N GLU A 83 -5.20 8.55 2.77
CA GLU A 83 -5.27 7.38 3.63
C GLU A 83 -4.33 6.30 3.12
N ALA A 84 -4.34 6.08 1.81
CA ALA A 84 -3.48 5.08 1.19
C ALA A 84 -2.01 5.41 1.44
N VAL A 85 -1.65 6.68 1.30
CA VAL A 85 -0.29 7.12 1.52
C VAL A 85 0.16 6.80 2.94
N CYS A 86 -0.68 7.16 3.91
CA CYS A 86 -0.37 6.88 5.31
C CYS A 86 -0.20 5.39 5.55
N LYS A 87 -1.06 4.61 4.89
CA LYS A 87 -1.01 3.16 5.00
C LYS A 87 0.30 2.61 4.46
N ILE A 88 0.58 2.87 3.19
CA ILE A 88 1.80 2.39 2.56
C ILE A 88 3.02 2.75 3.41
N GLN A 89 3.05 3.99 3.89
CA GLN A 89 4.15 4.44 4.74
C GLN A 89 4.06 3.77 6.11
N ALA A 90 2.83 3.53 6.54
CA ALA A 90 2.57 2.88 7.82
C ALA A 90 3.07 1.44 7.80
N ILE A 91 2.71 0.72 6.75
CA ILE A 91 3.11 -0.68 6.61
C ILE A 91 4.62 -0.78 6.44
N LEU A 92 5.18 0.08 5.59
CA LEU A 92 6.62 0.08 5.35
C LEU A 92 7.39 0.29 6.65
N GLU A 93 7.02 1.34 7.38
CA GLU A 93 7.67 1.64 8.65
C GLU A 93 7.52 0.47 9.62
N LYS A 94 6.32 -0.10 9.69
CA LYS A 94 6.05 -1.23 10.57
C LYS A 94 7.00 -2.38 10.27
N LEU A 95 7.23 -2.63 8.98
CA LEU A 95 8.13 -3.70 8.56
C LEU A 95 9.55 -3.41 8.99
N GLU A 96 10.00 -2.18 8.73
CA GLU A 96 11.35 -1.76 9.09
C GLU A 96 11.59 -1.94 10.58
N LYS A 97 10.56 -1.66 11.38
CA LYS A 97 10.66 -1.79 12.83
C LYS A 97 10.54 -3.26 13.25
N LYS A 98 9.79 -4.02 12.46
CA LYS A 98 9.59 -5.44 12.75
C LYS A 98 10.43 -6.32 11.83
N GLY A 99 11.53 -5.75 11.32
CA GLY A 99 12.40 -6.49 10.43
C GLY A 99 13.85 -6.45 10.87
N THR A 19 -18.51 13.44 -10.41
CA THR A 19 -17.29 13.57 -11.19
C THR A 19 -16.50 12.27 -11.20
N PRO A 20 -16.44 11.57 -12.36
CA PRO A 20 -15.71 10.30 -12.48
C PRO A 20 -14.31 10.38 -11.87
N PRO A 21 -14.12 9.83 -10.67
CA PRO A 21 -12.84 9.83 -9.98
C PRO A 21 -11.98 8.62 -10.31
N SER A 22 -10.69 8.70 -10.01
CA SER A 22 -9.77 7.61 -10.26
C SER A 22 -9.70 6.66 -9.06
N ILE A 23 -10.58 6.87 -8.08
CA ILE A 23 -10.61 6.04 -6.88
C ILE A 23 -10.47 4.56 -7.21
N LYS A 24 -10.95 4.16 -8.39
CA LYS A 24 -10.87 2.76 -8.82
C LYS A 24 -9.49 2.18 -8.54
N LYS A 25 -8.47 2.81 -9.13
CA LYS A 25 -7.10 2.36 -8.94
C LYS A 25 -6.71 2.42 -7.47
N ILE A 26 -7.28 3.40 -6.76
CA ILE A 26 -7.00 3.57 -5.34
C ILE A 26 -7.61 2.42 -4.53
N ILE A 27 -8.78 1.97 -4.97
CA ILE A 27 -9.47 0.87 -4.30
C ILE A 27 -8.70 -0.43 -4.49
N HIS A 28 -8.29 -0.68 -5.73
CA HIS A 28 -7.53 -1.89 -6.05
C HIS A 28 -6.22 -1.92 -5.26
N VAL A 29 -5.41 -0.87 -5.43
CA VAL A 29 -4.15 -0.76 -4.72
C VAL A 29 -4.36 -0.82 -3.21
N LEU A 30 -5.47 -0.23 -2.76
CA LEU A 30 -5.80 -0.22 -1.35
C LEU A 30 -5.95 -1.65 -0.83
N GLU A 31 -6.74 -2.45 -1.54
CA GLU A 31 -6.95 -3.84 -1.18
C GLU A 31 -5.62 -4.59 -1.14
N LYS A 32 -4.80 -4.35 -2.16
CA LYS A 32 -3.49 -4.98 -2.24
C LYS A 32 -2.69 -4.69 -0.98
N VAL A 33 -2.68 -3.42 -0.57
CA VAL A 33 -1.97 -3.02 0.64
C VAL A 33 -2.56 -3.73 1.86
N GLN A 34 -3.88 -3.87 1.87
CA GLN A 34 -4.55 -4.55 2.97
C GLN A 34 -3.99 -5.94 3.16
N TYR A 35 -3.97 -6.72 2.09
CA TYR A 35 -3.42 -8.07 2.13
C TYR A 35 -1.97 -8.03 2.59
N LEU A 36 -1.22 -7.09 2.03
CA LEU A 36 0.18 -6.91 2.38
C LEU A 36 0.31 -6.60 3.87
N GLU A 37 -0.60 -5.77 4.37
CA GLU A 37 -0.60 -5.40 5.77
C GLU A 37 -0.73 -6.64 6.64
N GLN A 38 -1.71 -7.48 6.31
CA GLN A 38 -1.94 -8.72 7.04
C GLN A 38 -0.67 -9.56 7.03
N GLU A 39 -0.03 -9.64 5.86
CA GLU A 39 1.20 -10.39 5.71
C GLU A 39 2.27 -9.83 6.63
N VAL A 40 2.28 -8.51 6.78
CA VAL A 40 3.25 -7.84 7.64
C VAL A 40 3.05 -8.29 9.08
N GLU A 41 1.80 -8.24 9.54
CA GLU A 41 1.47 -8.66 10.90
C GLU A 41 1.86 -10.13 11.10
N GLU A 42 1.69 -10.93 10.06
CA GLU A 42 2.04 -12.35 10.11
C GLU A 42 3.53 -12.56 9.86
N PHE A 43 4.20 -11.53 9.34
CA PHE A 43 5.63 -11.60 9.04
C PHE A 43 6.39 -12.28 10.18
N VAL A 44 7.08 -13.37 9.84
CA VAL A 44 7.85 -14.13 10.83
C VAL A 44 8.67 -13.21 11.73
N GLY A 45 9.31 -12.21 11.12
CA GLY A 45 10.11 -11.27 11.88
C GLY A 45 11.58 -11.31 11.49
N LYS A 46 11.85 -11.72 10.25
CA LYS A 46 13.22 -11.79 9.77
C LYS A 46 13.30 -11.45 8.28
N LYS A 47 14.23 -10.57 7.93
CA LYS A 47 14.41 -10.15 6.54
C LYS A 47 14.94 -11.29 5.67
N THR A 48 15.36 -12.38 6.30
CA THR A 48 15.89 -13.53 5.57
C THR A 48 14.76 -14.28 4.87
N ASP A 49 13.55 -14.15 5.39
CA ASP A 49 12.39 -14.82 4.81
C ASP A 49 11.96 -14.14 3.51
N LYS A 50 11.37 -14.92 2.61
CA LYS A 50 10.91 -14.39 1.33
C LYS A 50 9.79 -13.38 1.53
N ALA A 51 9.10 -13.49 2.65
CA ALA A 51 7.99 -12.58 2.96
C ALA A 51 8.41 -11.12 2.81
N TYR A 52 9.49 -10.74 3.50
CA TYR A 52 9.99 -9.37 3.43
C TYR A 52 10.29 -8.97 2.00
N TRP A 53 10.87 -9.90 1.23
CA TRP A 53 11.19 -9.63 -0.17
C TRP A 53 9.95 -9.22 -0.93
N LEU A 54 9.00 -10.13 -1.03
CA LEU A 54 7.74 -9.86 -1.72
C LEU A 54 7.00 -8.72 -1.04
N LEU A 55 7.18 -8.60 0.28
CA LEU A 55 6.54 -7.54 1.04
C LEU A 55 6.85 -6.17 0.46
N GLU A 56 8.11 -5.77 0.55
CA GLU A 56 8.56 -4.49 0.01
C GLU A 56 8.37 -4.42 -1.49
N GLU A 57 8.57 -5.56 -2.16
CA GLU A 57 8.44 -5.62 -3.61
C GLU A 57 7.01 -5.32 -4.04
N MET A 58 6.08 -6.19 -3.65
CA MET A 58 4.67 -6.01 -4.00
C MET A 58 4.16 -4.65 -3.54
N LEU A 59 4.52 -4.27 -2.32
CA LEU A 59 4.09 -2.99 -1.77
C LEU A 59 4.58 -1.83 -2.63
N THR A 60 5.89 -1.80 -2.90
CA THR A 60 6.47 -0.74 -3.71
C THR A 60 5.75 -0.63 -5.06
N LYS A 61 5.54 -1.77 -5.70
CA LYS A 61 4.84 -1.81 -6.98
C LYS A 61 3.45 -1.19 -6.84
N GLU A 62 2.76 -1.54 -5.77
CA GLU A 62 1.42 -1.02 -5.52
C GLU A 62 1.43 0.49 -5.45
N LEU A 63 2.39 1.05 -4.70
CA LEU A 63 2.51 2.50 -4.56
C LEU A 63 2.73 3.15 -5.92
N LEU A 64 3.72 2.66 -6.65
CA LEU A 64 4.03 3.20 -7.98
C LEU A 64 2.83 3.06 -8.91
N GLU A 65 2.02 2.03 -8.68
CA GLU A 65 0.84 1.78 -9.50
C GLU A 65 -0.28 2.76 -9.17
N LEU A 66 -0.42 3.08 -7.88
CA LEU A 66 -1.46 4.00 -7.43
C LEU A 66 -1.08 5.44 -7.75
N ASP A 67 0.23 5.72 -7.82
CA ASP A 67 0.71 7.06 -8.12
C ASP A 67 0.15 7.58 -9.43
N SER A 68 -0.28 6.66 -10.29
CA SER A 68 -0.84 7.03 -11.59
C SER A 68 -2.22 7.67 -11.45
N VAL A 69 -2.85 7.46 -10.30
CA VAL A 69 -4.17 8.04 -10.04
C VAL A 69 -4.16 9.55 -10.21
N GLU A 70 -5.23 10.08 -10.80
CA GLU A 70 -5.36 11.51 -11.03
C GLU A 70 -6.41 12.11 -10.11
N THR A 71 -5.99 13.08 -9.29
CA THR A 71 -6.90 13.74 -8.36
C THR A 71 -6.90 15.25 -8.58
N GLY A 72 -7.94 15.75 -9.24
CA GLY A 72 -8.03 17.17 -9.49
C GLY A 72 -9.09 17.84 -8.64
N GLY A 73 -9.34 17.30 -7.46
CA GLY A 73 -10.33 17.86 -6.57
C GLY A 73 -11.49 16.90 -6.30
N GLN A 74 -11.17 15.61 -6.25
CA GLN A 74 -12.19 14.60 -6.00
C GLN A 74 -12.11 14.08 -4.57
N ASP A 75 -13.21 14.20 -3.84
CA ASP A 75 -13.27 13.74 -2.45
C ASP A 75 -12.92 12.26 -2.34
N SER A 76 -13.36 11.48 -3.34
CA SER A 76 -13.09 10.04 -3.35
C SER A 76 -11.60 9.77 -3.27
N VAL A 77 -10.87 10.10 -4.33
CA VAL A 77 -9.43 9.88 -4.37
C VAL A 77 -8.73 10.70 -3.28
N ARG A 78 -9.37 11.78 -2.85
CA ARG A 78 -8.80 12.63 -1.81
C ARG A 78 -8.59 11.82 -0.52
N GLN A 79 -9.69 11.35 0.05
CA GLN A 79 -9.64 10.56 1.27
C GLN A 79 -8.89 9.25 1.02
N ALA A 80 -9.15 8.64 -0.13
CA ALA A 80 -8.49 7.39 -0.49
C ALA A 80 -6.98 7.58 -0.60
N ARG A 81 -6.58 8.72 -1.17
CA ARG A 81 -5.16 9.03 -1.33
C ARG A 81 -4.49 9.19 0.04
N LYS A 82 -5.03 10.10 0.85
CA LYS A 82 -4.49 10.35 2.18
C LYS A 82 -4.43 9.05 2.98
N GLU A 83 -5.55 8.33 3.00
CA GLU A 83 -5.62 7.06 3.73
C GLU A 83 -4.67 6.04 3.10
N ALA A 84 -4.54 6.09 1.78
CA ALA A 84 -3.66 5.18 1.06
C ALA A 84 -2.21 5.45 1.40
N VAL A 85 -1.80 6.71 1.29
CA VAL A 85 -0.43 7.10 1.59
C VAL A 85 -0.08 6.76 3.04
N CYS A 86 -1.02 6.99 3.94
CA CYS A 86 -0.81 6.70 5.35
C CYS A 86 -0.64 5.21 5.56
N LYS A 87 -1.49 4.41 4.92
CA LYS A 87 -1.43 2.96 5.02
C LYS A 87 -0.11 2.43 4.47
N ILE A 88 0.14 2.69 3.18
CA ILE A 88 1.37 2.23 2.55
C ILE A 88 2.59 2.62 3.39
N GLN A 89 2.64 3.87 3.83
CA GLN A 89 3.73 4.35 4.65
C GLN A 89 3.67 3.70 6.02
N ALA A 90 2.44 3.39 6.46
CA ALA A 90 2.23 2.74 7.75
C ALA A 90 2.75 1.30 7.73
N ILE A 91 2.41 0.58 6.67
CA ILE A 91 2.84 -0.80 6.52
C ILE A 91 4.34 -0.89 6.33
N LEU A 92 4.89 0.06 5.56
CA LEU A 92 6.33 0.10 5.31
C LEU A 92 7.10 0.34 6.60
N GLU A 93 6.70 1.39 7.32
CA GLU A 93 7.36 1.73 8.58
C GLU A 93 7.22 0.59 9.58
N LYS A 94 6.04 -0.01 9.64
CA LYS A 94 5.78 -1.12 10.56
C LYS A 94 6.71 -2.29 10.26
N LEU A 95 6.86 -2.62 8.98
CA LEU A 95 7.73 -3.71 8.56
C LEU A 95 9.18 -3.42 8.93
N GLU A 96 9.61 -2.19 8.67
CA GLU A 96 10.98 -1.78 8.98
C GLU A 96 11.26 -1.89 10.47
N LYS A 97 10.27 -1.52 11.29
CA LYS A 97 10.41 -1.58 12.73
C LYS A 97 10.30 -3.03 13.23
N LYS A 98 9.52 -3.83 12.51
CA LYS A 98 9.32 -5.23 12.88
C LYS A 98 10.25 -6.14 12.08
N GLY A 99 11.36 -5.59 11.61
CA GLY A 99 12.31 -6.36 10.84
C GLY A 99 13.67 -6.49 11.52
N THR A 19 -13.35 15.65 -13.49
CA THR A 19 -12.83 14.88 -12.38
C THR A 19 -12.69 13.40 -12.75
N PRO A 20 -11.63 13.05 -13.51
CA PRO A 20 -11.38 11.66 -13.93
C PRO A 20 -11.49 10.68 -12.76
N PRO A 21 -12.58 9.91 -12.70
CA PRO A 21 -12.79 8.93 -11.62
C PRO A 21 -11.85 7.73 -11.74
N SER A 22 -10.65 7.88 -11.19
CA SER A 22 -9.65 6.82 -11.22
C SER A 22 -9.56 6.12 -9.85
N ILE A 23 -10.47 6.47 -8.94
CA ILE A 23 -10.49 5.88 -7.60
C ILE A 23 -10.36 4.37 -7.66
N LYS A 24 -10.81 3.76 -8.76
CA LYS A 24 -10.74 2.32 -8.93
C LYS A 24 -9.37 1.77 -8.55
N LYS A 25 -8.33 2.34 -9.15
CA LYS A 25 -6.96 1.92 -8.87
C LYS A 25 -6.61 2.11 -7.40
N ILE A 26 -7.16 3.16 -6.80
CA ILE A 26 -6.91 3.46 -5.39
C ILE A 26 -7.53 2.38 -4.50
N ILE A 27 -8.72 1.95 -4.86
CA ILE A 27 -9.42 0.92 -4.11
C ILE A 27 -8.68 -0.41 -4.22
N HIS A 28 -8.23 -0.72 -5.44
CA HIS A 28 -7.50 -1.96 -5.69
C HIS A 28 -6.23 -2.00 -4.84
N VAL A 29 -5.42 -0.94 -4.92
CA VAL A 29 -4.20 -0.87 -4.15
C VAL A 29 -4.50 -0.95 -2.66
N LEU A 30 -5.60 -0.31 -2.25
CA LEU A 30 -6.02 -0.31 -0.85
C LEU A 30 -6.19 -1.75 -0.36
N GLU A 31 -6.96 -2.53 -1.11
CA GLU A 31 -7.20 -3.93 -0.75
C GLU A 31 -5.88 -4.69 -0.71
N LYS A 32 -5.03 -4.46 -1.71
CA LYS A 32 -3.73 -5.09 -1.78
C LYS A 32 -2.92 -4.79 -0.52
N VAL A 33 -2.98 -3.53 -0.08
CA VAL A 33 -2.28 -3.10 1.11
C VAL A 33 -2.83 -3.82 2.33
N GLN A 34 -4.15 -4.00 2.36
CA GLN A 34 -4.80 -4.69 3.47
C GLN A 34 -4.25 -6.10 3.61
N TYR A 35 -4.27 -6.85 2.51
CA TYR A 35 -3.75 -8.22 2.51
C TYR A 35 -2.30 -8.22 2.97
N LEU A 36 -1.50 -7.34 2.38
CA LEU A 36 -0.09 -7.23 2.73
C LEU A 36 0.04 -6.87 4.21
N GLU A 37 -0.81 -5.97 4.68
CA GLU A 37 -0.81 -5.54 6.07
C GLU A 37 -1.01 -6.73 7.00
N GLN A 38 -1.91 -7.63 6.59
CA GLN A 38 -2.19 -8.82 7.39
C GLN A 38 -0.97 -9.73 7.45
N GLU A 39 -0.46 -10.11 6.28
CA GLU A 39 0.70 -10.98 6.20
C GLU A 39 1.92 -10.32 6.83
N VAL A 40 2.22 -9.09 6.43
CA VAL A 40 3.36 -8.36 6.97
C VAL A 40 3.25 -8.23 8.48
N GLU A 41 2.03 -8.02 8.96
CA GLU A 41 1.79 -7.89 10.40
C GLU A 41 2.15 -9.18 11.12
N GLU A 42 1.66 -10.30 10.59
CA GLU A 42 1.94 -11.61 11.17
C GLU A 42 3.32 -12.12 10.76
N PHE A 43 3.96 -11.41 9.82
CA PHE A 43 5.29 -11.79 9.34
C PHE A 43 6.23 -12.12 10.51
N VAL A 44 7.28 -12.88 10.21
CA VAL A 44 8.25 -13.27 11.23
C VAL A 44 9.15 -12.11 11.63
N GLY A 45 9.73 -11.44 10.64
CA GLY A 45 10.61 -10.31 10.92
C GLY A 45 11.98 -10.47 10.29
N LYS A 46 12.03 -11.10 9.13
CA LYS A 46 13.29 -11.30 8.43
C LYS A 46 13.28 -10.62 7.06
N LYS A 47 14.35 -9.89 6.76
CA LYS A 47 14.45 -9.18 5.48
C LYS A 47 15.17 -10.01 4.43
N THR A 48 15.98 -10.97 4.89
CA THR A 48 16.73 -11.83 3.97
C THR A 48 15.81 -12.82 3.27
N ASP A 49 14.73 -13.20 3.94
CA ASP A 49 13.77 -14.15 3.37
C ASP A 49 13.06 -13.54 2.17
N LYS A 50 12.81 -14.38 1.16
CA LYS A 50 12.12 -13.92 -0.04
C LYS A 50 10.74 -13.36 0.29
N ALA A 51 10.11 -13.94 1.30
CA ALA A 51 8.79 -13.50 1.73
C ALA A 51 8.76 -11.99 1.96
N TYR A 52 9.64 -11.52 2.84
CA TYR A 52 9.72 -10.09 3.13
C TYR A 52 10.05 -9.32 1.86
N TRP A 53 10.81 -9.96 0.98
CA TRP A 53 11.19 -9.36 -0.29
C TRP A 53 9.95 -8.94 -1.07
N LEU A 54 9.03 -9.89 -1.24
CA LEU A 54 7.79 -9.60 -1.95
C LEU A 54 6.96 -8.62 -1.17
N LEU A 55 6.97 -8.74 0.15
CA LEU A 55 6.21 -7.83 1.01
C LEU A 55 6.54 -6.38 0.66
N GLU A 56 7.76 -5.97 0.95
CA GLU A 56 8.21 -4.61 0.65
C GLU A 56 8.14 -4.33 -0.84
N GLU A 57 8.51 -5.31 -1.65
CA GLU A 57 8.48 -5.16 -3.10
C GLU A 57 7.08 -4.80 -3.59
N MET A 58 6.14 -5.70 -3.38
CA MET A 58 4.76 -5.48 -3.78
C MET A 58 4.23 -4.17 -3.21
N LEU A 59 4.65 -3.85 -1.98
CA LEU A 59 4.23 -2.63 -1.31
C LEU A 59 4.61 -1.41 -2.16
N THR A 60 5.90 -1.27 -2.44
CA THR A 60 6.40 -0.15 -3.24
C THR A 60 5.71 -0.11 -4.60
N LYS A 61 5.53 -1.28 -5.20
CA LYS A 61 4.87 -1.38 -6.50
C LYS A 61 3.49 -0.74 -6.48
N GLU A 62 2.66 -1.18 -5.52
CA GLU A 62 1.32 -0.65 -5.38
C GLU A 62 1.35 0.85 -5.12
N LEU A 63 2.30 1.27 -4.29
CA LEU A 63 2.45 2.69 -3.95
C LEU A 63 2.65 3.53 -5.21
N LEU A 64 3.62 3.15 -6.01
CA LEU A 64 3.92 3.86 -7.24
C LEU A 64 2.72 3.88 -8.18
N GLU A 65 2.14 2.70 -8.41
CA GLU A 65 0.98 2.57 -9.28
C GLU A 65 -0.18 3.41 -8.76
N LEU A 66 -0.24 3.57 -7.45
CA LEU A 66 -1.31 4.35 -6.83
C LEU A 66 -1.14 5.83 -7.11
N ASP A 67 0.04 6.35 -6.80
CA ASP A 67 0.35 7.76 -7.00
C ASP A 67 -0.03 8.23 -8.42
N SER A 68 -0.11 7.28 -9.35
CA SER A 68 -0.46 7.61 -10.73
C SER A 68 -1.98 7.63 -10.94
N VAL A 69 -2.71 8.13 -9.94
CA VAL A 69 -4.16 8.21 -10.02
C VAL A 69 -4.62 9.59 -10.48
N GLU A 70 -5.74 9.64 -11.18
CA GLU A 70 -6.28 10.90 -11.68
C GLU A 70 -7.45 11.37 -10.82
N THR A 71 -7.34 12.56 -10.27
CA THR A 71 -8.39 13.12 -9.43
C THR A 71 -8.71 14.56 -9.84
N GLY A 72 -7.68 15.38 -9.99
CA GLY A 72 -7.88 16.76 -10.39
C GLY A 72 -8.77 17.51 -9.41
N GLY A 73 -8.76 17.09 -8.15
CA GLY A 73 -9.57 17.73 -7.14
C GLY A 73 -10.85 16.98 -6.84
N GLN A 74 -10.72 15.68 -6.58
CA GLN A 74 -11.87 14.84 -6.27
C GLN A 74 -11.82 14.35 -4.83
N ASP A 75 -12.93 14.50 -4.12
CA ASP A 75 -13.02 14.08 -2.73
C ASP A 75 -12.74 12.58 -2.60
N SER A 76 -13.24 11.81 -3.55
CA SER A 76 -13.04 10.36 -3.56
C SER A 76 -11.56 10.01 -3.47
N VAL A 77 -10.82 10.32 -4.53
CA VAL A 77 -9.40 10.04 -4.58
C VAL A 77 -8.66 10.81 -3.49
N ARG A 78 -9.24 11.93 -3.05
CA ARG A 78 -8.62 12.74 -2.00
C ARG A 78 -8.45 11.92 -0.73
N GLN A 79 -9.56 11.40 -0.20
CA GLN A 79 -9.53 10.59 1.00
C GLN A 79 -8.83 9.26 0.74
N ALA A 80 -9.15 8.64 -0.39
CA ALA A 80 -8.55 7.37 -0.76
C ALA A 80 -7.04 7.50 -0.90
N ARG A 81 -6.59 8.62 -1.46
CA ARG A 81 -5.17 8.87 -1.64
C ARG A 81 -4.48 9.08 -0.29
N LYS A 82 -4.94 10.09 0.45
CA LYS A 82 -4.37 10.40 1.76
C LYS A 82 -4.34 9.15 2.64
N GLU A 83 -5.48 8.48 2.72
CA GLU A 83 -5.60 7.27 3.52
C GLU A 83 -4.68 6.18 2.98
N ALA A 84 -4.64 6.04 1.66
CA ALA A 84 -3.80 5.04 1.02
C ALA A 84 -2.33 5.32 1.28
N VAL A 85 -1.92 6.58 1.07
CA VAL A 85 -0.54 6.98 1.29
C VAL A 85 -0.11 6.70 2.73
N CYS A 86 -0.95 7.07 3.67
CA CYS A 86 -0.66 6.85 5.08
C CYS A 86 -0.50 5.37 5.37
N LYS A 87 -1.42 4.57 4.83
CA LYS A 87 -1.39 3.12 5.00
C LYS A 87 -0.11 2.53 4.43
N ILE A 88 0.09 2.70 3.12
CA ILE A 88 1.28 2.17 2.45
C ILE A 88 2.53 2.54 3.23
N GLN A 89 2.62 3.80 3.65
CA GLN A 89 3.76 4.26 4.42
C GLN A 89 3.74 3.62 5.81
N ALA A 90 2.53 3.43 6.32
CA ALA A 90 2.34 2.81 7.63
C ALA A 90 2.83 1.37 7.61
N ILE A 91 2.35 0.60 6.63
CA ILE A 91 2.73 -0.79 6.48
C ILE A 91 4.24 -0.91 6.23
N LEU A 92 4.76 -0.02 5.40
CA LEU A 92 6.19 -0.03 5.08
C LEU A 92 7.02 0.14 6.36
N GLU A 93 6.68 1.16 7.15
CA GLU A 93 7.40 1.42 8.39
C GLU A 93 7.29 0.22 9.33
N LYS A 94 6.09 -0.36 9.41
CA LYS A 94 5.86 -1.52 10.27
C LYS A 94 6.78 -2.66 9.89
N LEU A 95 6.92 -2.90 8.60
CA LEU A 95 7.79 -3.97 8.11
C LEU A 95 9.24 -3.69 8.47
N GLU A 96 9.68 -2.46 8.23
CA GLU A 96 11.04 -2.05 8.53
C GLU A 96 11.35 -2.24 10.01
N LYS A 97 10.35 -1.99 10.86
CA LYS A 97 10.51 -2.12 12.30
C LYS A 97 10.47 -3.60 12.71
N LYS A 98 9.69 -4.39 11.97
CA LYS A 98 9.55 -5.80 12.26
C LYS A 98 10.73 -6.59 11.69
N GLY A 99 11.27 -6.11 10.57
CA GLY A 99 12.40 -6.78 9.94
C GLY A 99 13.72 -6.39 10.58
N THR A 19 -16.90 10.59 -12.21
CA THR A 19 -15.56 10.53 -11.64
C THR A 19 -14.65 9.62 -12.47
N PRO A 20 -13.54 10.16 -13.01
CA PRO A 20 -12.60 9.38 -13.81
C PRO A 20 -12.15 8.11 -13.11
N PRO A 21 -11.44 7.21 -13.82
CA PRO A 21 -10.96 5.95 -13.25
C PRO A 21 -9.81 6.16 -12.27
N SER A 22 -10.07 6.93 -11.22
CA SER A 22 -9.05 7.22 -10.21
C SER A 22 -9.30 6.39 -8.95
N ILE A 23 -10.52 6.46 -8.45
CA ILE A 23 -10.90 5.73 -7.24
C ILE A 23 -10.61 4.23 -7.39
N LYS A 24 -10.88 3.70 -8.57
CA LYS A 24 -10.66 2.28 -8.84
C LYS A 24 -9.23 1.87 -8.48
N LYS A 25 -8.26 2.68 -8.92
CA LYS A 25 -6.86 2.41 -8.64
C LYS A 25 -6.58 2.49 -7.15
N ILE A 26 -7.21 3.46 -6.49
CA ILE A 26 -7.02 3.65 -5.06
C ILE A 26 -7.60 2.48 -4.27
N ILE A 27 -8.82 2.08 -4.61
CA ILE A 27 -9.47 0.96 -3.94
C ILE A 27 -8.67 -0.33 -4.15
N HIS A 28 -8.16 -0.50 -5.37
CA HIS A 28 -7.37 -1.68 -5.71
C HIS A 28 -6.12 -1.74 -4.83
N VAL A 29 -5.34 -0.67 -4.84
CA VAL A 29 -4.13 -0.60 -4.03
C VAL A 29 -4.47 -0.78 -2.56
N LEU A 30 -5.64 -0.29 -2.16
CA LEU A 30 -6.09 -0.41 -0.78
C LEU A 30 -6.20 -1.88 -0.40
N GLU A 31 -6.94 -2.64 -1.21
CA GLU A 31 -7.10 -4.07 -0.96
C GLU A 31 -5.74 -4.76 -0.91
N LYS A 32 -4.87 -4.39 -1.86
CA LYS A 32 -3.53 -4.95 -1.92
C LYS A 32 -2.80 -4.70 -0.61
N VAL A 33 -2.97 -3.48 -0.08
CA VAL A 33 -2.33 -3.11 1.17
C VAL A 33 -2.89 -3.95 2.32
N GLN A 34 -4.19 -4.22 2.26
CA GLN A 34 -4.85 -5.02 3.29
C GLN A 34 -4.20 -6.39 3.37
N TYR A 35 -4.12 -7.06 2.20
CA TYR A 35 -3.52 -8.38 2.14
C TYR A 35 -2.07 -8.31 2.64
N LEU A 36 -1.34 -7.31 2.17
CA LEU A 36 0.04 -7.10 2.59
C LEU A 36 0.10 -6.85 4.08
N GLU A 37 -0.93 -6.15 4.60
CA GLU A 37 -1.01 -5.86 6.02
C GLU A 37 -1.04 -7.15 6.83
N GLN A 38 -1.89 -8.07 6.39
CA GLN A 38 -2.01 -9.36 7.06
C GLN A 38 -0.69 -10.12 6.95
N GLU A 39 -0.06 -10.02 5.77
CA GLU A 39 1.21 -10.69 5.53
C GLU A 39 2.28 -10.18 6.52
N VAL A 40 2.46 -8.86 6.55
CA VAL A 40 3.43 -8.25 7.45
C VAL A 40 3.11 -8.61 8.89
N GLU A 41 1.82 -8.67 9.20
CA GLU A 41 1.38 -9.03 10.55
C GLU A 41 1.84 -10.43 10.90
N GLU A 42 1.76 -11.33 9.93
CA GLU A 42 2.18 -12.71 10.12
C GLU A 42 3.67 -12.87 9.87
N PHE A 43 4.29 -11.84 9.28
CA PHE A 43 5.72 -11.87 8.99
C PHE A 43 6.52 -12.36 10.19
N VAL A 44 7.39 -13.34 9.96
CA VAL A 44 8.22 -13.92 11.01
C VAL A 44 8.85 -12.83 11.88
N GLY A 45 9.43 -11.82 11.23
CA GLY A 45 10.06 -10.74 11.95
C GLY A 45 11.54 -10.60 11.66
N LYS A 46 11.96 -11.12 10.51
CA LYS A 46 13.36 -11.05 10.11
C LYS A 46 13.49 -10.95 8.59
N LYS A 47 14.19 -9.91 8.13
CA LYS A 47 14.39 -9.71 6.70
C LYS A 47 15.33 -10.75 6.11
N THR A 48 14.90 -12.01 6.14
CA THR A 48 15.70 -13.11 5.61
C THR A 48 14.88 -14.01 4.69
N ASP A 49 13.59 -14.12 4.97
CA ASP A 49 12.70 -14.96 4.16
C ASP A 49 12.15 -14.18 2.97
N LYS A 50 11.66 -14.90 1.97
CA LYS A 50 11.10 -14.28 0.78
C LYS A 50 9.93 -13.37 1.12
N ALA A 51 9.34 -13.59 2.29
CA ALA A 51 8.21 -12.78 2.73
C ALA A 51 8.53 -11.29 2.68
N TYR A 52 9.58 -10.88 3.38
CA TYR A 52 9.99 -9.49 3.41
C TYR A 52 10.29 -8.98 2.00
N TRP A 53 10.87 -9.85 1.17
CA TRP A 53 11.21 -9.48 -0.20
C TRP A 53 9.95 -9.02 -0.94
N LEU A 54 9.01 -9.94 -1.10
CA LEU A 54 7.76 -9.63 -1.78
C LEU A 54 6.99 -8.55 -1.01
N LEU A 55 7.21 -8.51 0.30
CA LEU A 55 6.54 -7.52 1.16
C LEU A 55 6.84 -6.11 0.66
N GLU A 56 8.09 -5.70 0.80
CA GLU A 56 8.53 -4.37 0.37
C GLU A 56 8.33 -4.20 -1.14
N GLU A 57 8.64 -5.26 -1.89
CA GLU A 57 8.50 -5.23 -3.34
C GLU A 57 7.06 -4.90 -3.74
N MET A 58 6.11 -5.69 -3.21
CA MET A 58 4.70 -5.48 -3.50
C MET A 58 4.27 -4.08 -3.07
N LEU A 59 4.76 -3.65 -1.92
CA LEU A 59 4.42 -2.33 -1.39
C LEU A 59 4.84 -1.24 -2.39
N THR A 60 6.07 -1.35 -2.89
CA THR A 60 6.59 -0.38 -3.84
C THR A 60 5.74 -0.36 -5.10
N LYS A 61 5.50 -1.54 -5.67
CA LYS A 61 4.70 -1.64 -6.89
C LYS A 61 3.33 -0.99 -6.69
N GLU A 62 2.70 -1.30 -5.56
CA GLU A 62 1.39 -0.74 -5.24
C GLU A 62 1.46 0.78 -5.18
N LEU A 63 2.51 1.29 -4.55
CA LEU A 63 2.69 2.74 -4.42
C LEU A 63 2.78 3.40 -5.79
N LEU A 64 3.56 2.79 -6.69
CA LEU A 64 3.72 3.31 -8.03
C LEU A 64 2.39 3.33 -8.78
N GLU A 65 1.64 2.23 -8.68
CA GLU A 65 0.35 2.13 -9.35
C GLU A 65 -0.61 3.21 -8.86
N LEU A 66 -0.63 3.42 -7.54
CA LEU A 66 -1.50 4.43 -6.94
C LEU A 66 -1.11 5.83 -7.42
N ASP A 67 0.19 6.10 -7.44
CA ASP A 67 0.68 7.40 -7.88
C ASP A 67 0.23 7.72 -9.30
N SER A 68 -0.14 6.70 -10.05
CA SER A 68 -0.59 6.88 -11.43
C SER A 68 -2.11 7.00 -11.50
N VAL A 69 -2.71 7.67 -10.52
CA VAL A 69 -4.16 7.86 -10.49
C VAL A 69 -4.54 9.27 -10.91
N GLU A 70 -5.62 9.38 -11.68
CA GLU A 70 -6.08 10.68 -12.15
C GLU A 70 -7.21 11.21 -11.29
N THR A 71 -6.88 11.67 -10.09
CA THR A 71 -7.87 12.20 -9.17
C THR A 71 -8.71 13.30 -9.82
N GLY A 72 -8.04 14.21 -10.52
CA GLY A 72 -8.73 15.29 -11.19
C GLY A 72 -9.53 16.14 -10.22
N GLY A 73 -9.08 16.20 -8.98
CA GLY A 73 -9.77 16.99 -7.98
C GLY A 73 -11.05 16.33 -7.49
N GLN A 74 -10.90 15.19 -6.84
CA GLN A 74 -12.06 14.45 -6.33
C GLN A 74 -11.94 14.22 -4.83
N ASP A 75 -12.97 14.58 -4.08
CA ASP A 75 -12.98 14.41 -2.64
C ASP A 75 -12.77 12.95 -2.25
N SER A 76 -13.53 12.06 -2.90
CA SER A 76 -13.42 10.63 -2.62
C SER A 76 -11.99 10.14 -2.83
N VAL A 77 -11.45 10.39 -4.01
CA VAL A 77 -10.10 9.97 -4.32
C VAL A 77 -9.09 10.73 -3.46
N ARG A 78 -9.44 11.95 -3.08
CA ARG A 78 -8.56 12.77 -2.25
C ARG A 78 -8.29 12.06 -0.93
N GLN A 79 -9.35 11.71 -0.22
CA GLN A 79 -9.23 11.02 1.06
C GLN A 79 -8.64 9.63 0.85
N ALA A 80 -9.08 8.97 -0.22
CA ALA A 80 -8.58 7.64 -0.53
C ALA A 80 -7.11 7.67 -0.88
N ARG A 81 -6.68 8.79 -1.46
CA ARG A 81 -5.28 8.96 -1.84
C ARG A 81 -4.41 9.15 -0.59
N LYS A 82 -4.77 10.13 0.23
CA LYS A 82 -4.03 10.41 1.45
C LYS A 82 -4.00 9.18 2.35
N GLU A 83 -5.16 8.57 2.54
CA GLU A 83 -5.27 7.37 3.36
C GLU A 83 -4.47 6.23 2.75
N ALA A 84 -4.53 6.13 1.43
CA ALA A 84 -3.81 5.09 0.70
C ALA A 84 -2.31 5.21 0.93
N VAL A 85 -1.77 6.40 0.65
CA VAL A 85 -0.35 6.64 0.82
C VAL A 85 0.06 6.45 2.28
N CYS A 86 -0.82 6.83 3.19
CA CYS A 86 -0.57 6.68 4.62
C CYS A 86 -0.46 5.20 4.97
N LYS A 87 -1.31 4.40 4.34
CA LYS A 87 -1.32 2.95 4.57
C LYS A 87 -0.01 2.33 4.10
N ILE A 88 0.33 2.56 2.83
CA ILE A 88 1.57 2.01 2.27
C ILE A 88 2.77 2.40 3.14
N GLN A 89 2.81 3.67 3.53
CA GLN A 89 3.90 4.16 4.39
C GLN A 89 3.74 3.59 5.79
N ALA A 90 2.50 3.36 6.18
CA ALA A 90 2.19 2.80 7.50
C ALA A 90 2.64 1.35 7.59
N ILE A 91 2.27 0.55 6.59
CA ILE A 91 2.64 -0.86 6.55
C ILE A 91 4.15 -1.02 6.43
N LEU A 92 4.74 -0.27 5.51
CA LEU A 92 6.19 -0.34 5.31
C LEU A 92 6.93 0.11 6.56
N GLU A 93 6.44 1.16 7.19
CA GLU A 93 7.06 1.69 8.41
C GLU A 93 7.05 0.61 9.49
N LYS A 94 5.89 0.01 9.71
CA LYS A 94 5.75 -1.03 10.72
C LYS A 94 6.68 -2.20 10.40
N LEU A 95 6.79 -2.51 9.11
CA LEU A 95 7.65 -3.60 8.67
C LEU A 95 9.10 -3.36 9.08
N GLU A 96 9.60 -2.18 8.74
CA GLU A 96 10.98 -1.81 9.09
C GLU A 96 11.19 -1.85 10.59
N LYS A 97 10.22 -1.32 11.33
CA LYS A 97 10.30 -1.30 12.79
C LYS A 97 10.33 -2.72 13.34
N LYS A 98 9.62 -3.63 12.68
CA LYS A 98 9.56 -5.02 13.11
C LYS A 98 10.47 -5.89 12.25
N GLY A 99 11.50 -5.27 11.67
CA GLY A 99 12.42 -6.01 10.82
C GLY A 99 13.66 -5.20 10.48
N THR A 19 -17.20 14.13 -12.76
CA THR A 19 -15.75 14.07 -12.77
C THR A 19 -15.26 12.61 -12.75
N PRO A 20 -14.48 12.19 -13.76
CA PRO A 20 -13.96 10.83 -13.83
C PRO A 20 -13.07 10.49 -12.64
N PRO A 21 -13.56 9.63 -11.72
CA PRO A 21 -12.80 9.23 -10.54
C PRO A 21 -11.90 8.03 -10.78
N SER A 22 -10.62 8.19 -10.47
CA SER A 22 -9.64 7.11 -10.64
C SER A 22 -9.54 6.27 -9.37
N ILE A 23 -10.44 6.52 -8.42
CA ILE A 23 -10.45 5.78 -7.16
C ILE A 23 -10.30 4.28 -7.38
N LYS A 24 -10.73 3.80 -8.54
CA LYS A 24 -10.62 2.37 -8.88
C LYS A 24 -9.25 1.83 -8.50
N LYS A 25 -8.20 2.45 -9.04
CA LYS A 25 -6.85 2.03 -8.76
C LYS A 25 -6.54 2.20 -7.27
N ILE A 26 -7.11 3.24 -6.68
CA ILE A 26 -6.90 3.51 -5.26
C ILE A 26 -7.52 2.41 -4.40
N ILE A 27 -8.69 1.95 -4.81
CA ILE A 27 -9.38 0.88 -4.10
C ILE A 27 -8.60 -0.42 -4.20
N HIS A 28 -8.12 -0.71 -5.41
CA HIS A 28 -7.34 -1.92 -5.66
C HIS A 28 -6.12 -1.95 -4.75
N VAL A 29 -5.34 -0.87 -4.78
CA VAL A 29 -4.15 -0.76 -3.96
C VAL A 29 -4.50 -0.85 -2.48
N LEU A 30 -5.64 -0.24 -2.11
CA LEU A 30 -6.10 -0.25 -0.73
C LEU A 30 -6.24 -1.69 -0.22
N GLU A 31 -7.04 -2.48 -0.95
CA GLU A 31 -7.24 -3.87 -0.58
C GLU A 31 -5.91 -4.61 -0.56
N LYS A 32 -5.08 -4.35 -1.57
CA LYS A 32 -3.77 -4.98 -1.66
C LYS A 32 -2.94 -4.67 -0.42
N VAL A 33 -2.99 -3.41 0.02
CA VAL A 33 -2.25 -3.00 1.19
C VAL A 33 -2.78 -3.71 2.43
N GLN A 34 -4.10 -3.86 2.51
CA GLN A 34 -4.73 -4.55 3.63
C GLN A 34 -4.18 -5.96 3.76
N TYR A 35 -4.25 -6.71 2.66
CA TYR A 35 -3.75 -8.09 2.66
C TYR A 35 -2.28 -8.12 3.06
N LEU A 36 -1.46 -7.33 2.36
CA LEU A 36 -0.04 -7.26 2.67
C LEU A 36 0.17 -6.86 4.13
N GLU A 37 -0.66 -5.94 4.60
CA GLU A 37 -0.57 -5.49 5.99
C GLU A 37 -0.70 -6.68 6.93
N GLN A 38 -1.71 -7.52 6.67
CA GLN A 38 -1.92 -8.71 7.48
C GLN A 38 -0.68 -9.60 7.44
N GLU A 39 -0.17 -9.81 6.24
CA GLU A 39 1.03 -10.62 6.06
C GLU A 39 2.18 -10.02 6.85
N VAL A 40 2.23 -8.69 6.88
CA VAL A 40 3.27 -7.99 7.61
C VAL A 40 3.20 -8.32 9.10
N GLU A 41 1.99 -8.24 9.65
CA GLU A 41 1.78 -8.55 11.06
C GLU A 41 2.17 -9.99 11.35
N GLU A 42 1.88 -10.87 10.40
CA GLU A 42 2.21 -12.28 10.53
C GLU A 42 3.66 -12.56 10.13
N PHE A 43 4.29 -11.58 9.47
CA PHE A 43 5.67 -11.72 9.03
C PHE A 43 6.55 -12.32 10.12
N VAL A 44 7.31 -13.35 9.77
CA VAL A 44 8.20 -14.03 10.72
C VAL A 44 8.99 -13.03 11.56
N GLY A 45 9.57 -12.04 10.91
CA GLY A 45 10.33 -11.03 11.62
C GLY A 45 11.79 -10.98 11.19
N LYS A 46 12.08 -11.52 10.01
CA LYS A 46 13.45 -11.53 9.51
C LYS A 46 13.45 -11.45 7.98
N LYS A 47 14.26 -10.55 7.44
CA LYS A 47 14.36 -10.37 6.00
C LYS A 47 15.15 -11.51 5.36
N THR A 48 14.64 -12.73 5.49
CA THR A 48 15.29 -13.91 4.94
C THR A 48 14.33 -14.71 4.06
N ASP A 49 13.05 -14.68 4.41
CA ASP A 49 12.03 -15.41 3.66
C ASP A 49 11.53 -14.58 2.49
N LYS A 50 10.91 -15.25 1.52
CA LYS A 50 10.38 -14.59 0.35
C LYS A 50 9.31 -13.56 0.72
N ALA A 51 8.74 -13.72 1.91
CA ALA A 51 7.71 -12.80 2.39
C ALA A 51 8.15 -11.34 2.28
N TYR A 52 9.17 -10.98 3.08
CA TYR A 52 9.70 -9.62 3.07
C TYR A 52 9.99 -9.15 1.64
N TRP A 53 10.55 -10.04 0.84
CA TRP A 53 10.87 -9.71 -0.54
C TRP A 53 9.65 -9.17 -1.26
N LEU A 54 8.65 -10.03 -1.43
CA LEU A 54 7.41 -9.63 -2.10
C LEU A 54 6.71 -8.54 -1.30
N LEU A 55 6.88 -8.56 0.02
CA LEU A 55 6.28 -7.56 0.90
C LEU A 55 6.60 -6.15 0.40
N GLU A 56 7.85 -5.74 0.57
CA GLU A 56 8.29 -4.43 0.14
C GLU A 56 8.24 -4.29 -1.38
N GLU A 57 8.56 -5.37 -2.08
CA GLU A 57 8.55 -5.37 -3.55
C GLU A 57 7.17 -5.01 -4.09
N MET A 58 6.20 -5.88 -3.85
CA MET A 58 4.84 -5.65 -4.31
C MET A 58 4.28 -4.35 -3.76
N LEU A 59 4.53 -4.10 -2.47
CA LEU A 59 4.05 -2.88 -1.83
C LEU A 59 4.60 -1.63 -2.53
N THR A 60 5.92 -1.60 -2.69
CA THR A 60 6.57 -0.46 -3.35
C THR A 60 6.02 -0.25 -4.76
N LYS A 61 5.89 -1.33 -5.51
CA LYS A 61 5.39 -1.25 -6.87
C LYS A 61 4.00 -0.60 -6.91
N GLU A 62 3.06 -1.17 -6.17
CA GLU A 62 1.70 -0.65 -6.11
C GLU A 62 1.71 0.81 -5.66
N LEU A 63 2.60 1.14 -4.74
CA LEU A 63 2.71 2.51 -4.24
C LEU A 63 3.09 3.46 -5.36
N LEU A 64 4.12 3.10 -6.12
CA LEU A 64 4.58 3.92 -7.22
C LEU A 64 3.46 4.14 -8.24
N GLU A 65 2.83 3.04 -8.66
CA GLU A 65 1.75 3.12 -9.63
C GLU A 65 0.54 3.83 -9.03
N LEU A 66 0.38 3.71 -7.71
CA LEU A 66 -0.73 4.34 -7.01
C LEU A 66 -0.63 5.86 -7.11
N ASP A 67 0.53 6.40 -6.78
CA ASP A 67 0.76 7.84 -6.83
C ASP A 67 0.38 8.43 -8.19
N SER A 68 0.34 7.58 -9.21
CA SER A 68 -0.01 8.03 -10.56
C SER A 68 -1.52 7.93 -10.81
N VAL A 69 -2.30 8.24 -9.79
CA VAL A 69 -3.76 8.19 -9.91
C VAL A 69 -4.32 9.50 -10.45
N GLU A 70 -5.49 9.43 -11.07
CA GLU A 70 -6.13 10.61 -11.65
C GLU A 70 -7.26 11.10 -10.76
N THR A 71 -7.08 12.28 -10.18
CA THR A 71 -8.09 12.87 -9.30
C THR A 71 -8.46 14.28 -9.76
N GLY A 72 -7.45 15.10 -10.00
CA GLY A 72 -7.67 16.47 -10.43
C GLY A 72 -8.56 17.24 -9.48
N GLY A 73 -8.53 16.86 -8.20
CA GLY A 73 -9.34 17.53 -7.21
C GLY A 73 -10.60 16.76 -6.87
N GLN A 74 -10.54 15.44 -7.02
CA GLN A 74 -11.68 14.58 -6.74
C GLN A 74 -11.69 14.15 -5.27
N ASP A 75 -12.81 14.38 -4.59
CA ASP A 75 -12.94 14.02 -3.19
C ASP A 75 -12.72 12.53 -2.99
N SER A 76 -13.20 11.73 -3.93
CA SER A 76 -13.06 10.27 -3.86
C SER A 76 -11.60 9.87 -3.71
N VAL A 77 -10.82 10.09 -4.77
CA VAL A 77 -9.40 9.75 -4.75
C VAL A 77 -8.67 10.55 -3.68
N ARG A 78 -9.20 11.72 -3.33
CA ARG A 78 -8.59 12.56 -2.31
C ARG A 78 -8.50 11.81 -0.98
N GLN A 79 -9.65 11.44 -0.43
CA GLN A 79 -9.70 10.72 0.82
C GLN A 79 -9.06 9.35 0.68
N ALA A 80 -9.35 8.67 -0.43
CA ALA A 80 -8.79 7.36 -0.70
C ALA A 80 -7.27 7.42 -0.80
N ARG A 81 -6.77 8.53 -1.34
CA ARG A 81 -5.33 8.72 -1.48
C ARG A 81 -4.67 8.90 -0.12
N LYS A 82 -5.13 9.90 0.62
CA LYS A 82 -4.59 10.17 1.95
C LYS A 82 -4.61 8.91 2.80
N GLU A 83 -5.76 8.25 2.82
CA GLU A 83 -5.92 7.02 3.58
C GLU A 83 -4.92 5.96 3.09
N ALA A 84 -4.84 5.81 1.77
CA ALA A 84 -3.93 4.84 1.17
C ALA A 84 -2.49 5.17 1.54
N VAL A 85 -2.13 6.45 1.44
CA VAL A 85 -0.78 6.90 1.77
C VAL A 85 -0.43 6.55 3.21
N CYS A 86 -1.39 6.74 4.11
CA CYS A 86 -1.18 6.43 5.51
C CYS A 86 -0.91 4.95 5.70
N LYS A 87 -1.77 4.12 5.11
CA LYS A 87 -1.64 2.67 5.21
C LYS A 87 -0.31 2.21 4.60
N ILE A 88 -0.13 2.46 3.31
CA ILE A 88 1.11 2.06 2.63
C ILE A 88 2.32 2.48 3.43
N GLN A 89 2.33 3.73 3.88
CA GLN A 89 3.43 4.25 4.68
C GLN A 89 3.45 3.57 6.04
N ALA A 90 2.27 3.18 6.51
CA ALA A 90 2.13 2.51 7.80
C ALA A 90 2.73 1.11 7.73
N ILE A 91 2.33 0.35 6.71
CA ILE A 91 2.83 -1.00 6.52
C ILE A 91 4.33 -0.99 6.26
N LEU A 92 4.79 -0.01 5.48
CA LEU A 92 6.20 0.11 5.16
C LEU A 92 7.01 0.39 6.42
N GLU A 93 6.54 1.34 7.23
CA GLU A 93 7.21 1.70 8.47
C GLU A 93 7.26 0.50 9.41
N LYS A 94 6.17 -0.24 9.46
CA LYS A 94 6.09 -1.42 10.32
C LYS A 94 7.14 -2.46 9.92
N LEU A 95 7.20 -2.74 8.62
CA LEU A 95 8.17 -3.71 8.10
C LEU A 95 9.60 -3.27 8.40
N GLU A 96 9.86 -1.98 8.19
CA GLU A 96 11.19 -1.42 8.43
C GLU A 96 11.57 -1.53 9.90
N LYS A 97 10.59 -1.32 10.78
CA LYS A 97 10.82 -1.39 12.21
C LYS A 97 11.02 -2.83 12.67
N LYS A 98 10.18 -3.72 12.16
CA LYS A 98 10.27 -5.13 12.51
C LYS A 98 11.47 -5.79 11.83
N GLY A 99 11.78 -5.34 10.62
CA GLY A 99 12.90 -5.89 9.88
C GLY A 99 13.93 -4.84 9.51
N THR A 19 -17.75 14.11 -12.17
CA THR A 19 -16.33 13.94 -12.44
C THR A 19 -15.91 12.49 -12.24
N PRO A 20 -15.39 11.84 -13.30
CA PRO A 20 -14.95 10.44 -13.23
C PRO A 20 -13.78 10.26 -12.26
N PRO A 21 -14.02 9.60 -11.11
CA PRO A 21 -12.99 9.38 -10.10
C PRO A 21 -12.16 8.14 -10.39
N SER A 22 -10.86 8.22 -10.08
CA SER A 22 -9.94 7.12 -10.29
C SER A 22 -9.89 6.21 -9.06
N ILE A 23 -10.76 6.47 -8.09
CA ILE A 23 -10.82 5.69 -6.85
C ILE A 23 -10.56 4.20 -7.09
N LYS A 24 -10.99 3.70 -8.24
CA LYS A 24 -10.79 2.29 -8.57
C LYS A 24 -9.35 1.86 -8.27
N LYS A 25 -8.41 2.77 -8.52
CA LYS A 25 -7.00 2.50 -8.29
C LYS A 25 -6.72 2.37 -6.80
N ILE A 26 -7.11 3.39 -6.02
CA ILE A 26 -6.88 3.37 -4.58
C ILE A 26 -7.55 2.16 -3.94
N ILE A 27 -8.66 1.71 -4.53
CA ILE A 27 -9.38 0.56 -4.01
C ILE A 27 -8.57 -0.71 -4.24
N HIS A 28 -8.17 -0.94 -5.49
CA HIS A 28 -7.37 -2.11 -5.83
C HIS A 28 -6.14 -2.21 -4.93
N VAL A 29 -5.38 -1.12 -4.87
CA VAL A 29 -4.19 -1.07 -4.03
C VAL A 29 -4.56 -1.26 -2.57
N LEU A 30 -5.69 -0.69 -2.16
CA LEU A 30 -6.17 -0.81 -0.79
C LEU A 30 -6.25 -2.27 -0.39
N GLU A 31 -6.92 -3.08 -1.21
CA GLU A 31 -7.05 -4.50 -0.94
C GLU A 31 -5.68 -5.16 -0.93
N LYS A 32 -4.87 -4.84 -1.94
CA LYS A 32 -3.52 -5.39 -2.05
C LYS A 32 -2.72 -5.05 -0.80
N VAL A 33 -2.76 -3.79 -0.39
CA VAL A 33 -2.04 -3.35 0.80
C VAL A 33 -2.55 -4.09 2.04
N GLN A 34 -3.87 -4.27 2.11
CA GLN A 34 -4.48 -4.98 3.23
C GLN A 34 -3.85 -6.34 3.39
N TYR A 35 -3.84 -7.11 2.30
CA TYR A 35 -3.24 -8.44 2.31
C TYR A 35 -1.78 -8.36 2.74
N LEU A 36 -1.08 -7.36 2.19
CA LEU A 36 0.33 -7.14 2.52
C LEU A 36 0.47 -6.88 4.01
N GLU A 37 -0.42 -6.06 4.54
CA GLU A 37 -0.40 -5.73 5.97
C GLU A 37 -0.48 -7.00 6.80
N GLN A 38 -1.43 -7.87 6.45
CA GLN A 38 -1.60 -9.14 7.15
C GLN A 38 -0.31 -9.94 7.10
N GLU A 39 0.30 -10.01 5.92
CA GLU A 39 1.55 -10.72 5.74
C GLU A 39 2.64 -10.12 6.62
N VAL A 40 2.73 -8.79 6.61
CA VAL A 40 3.71 -8.08 7.41
C VAL A 40 3.61 -8.49 8.87
N GLU A 41 2.38 -8.53 9.39
CA GLU A 41 2.14 -8.91 10.76
C GLU A 41 2.57 -10.35 11.00
N GLU A 42 2.26 -11.22 10.03
CA GLU A 42 2.61 -12.63 10.12
C GLU A 42 4.08 -12.86 9.75
N PHE A 43 4.74 -11.82 9.23
CA PHE A 43 6.15 -11.91 8.84
C PHE A 43 6.97 -12.66 9.87
N VAL A 44 7.88 -13.52 9.40
CA VAL A 44 8.73 -14.30 10.28
C VAL A 44 9.41 -13.43 11.33
N GLY A 45 9.98 -12.32 10.91
CA GLY A 45 10.64 -11.42 11.84
C GLY A 45 11.96 -10.90 11.30
N LYS A 46 12.75 -11.78 10.69
CA LYS A 46 14.04 -11.39 10.12
C LYS A 46 13.96 -11.30 8.60
N LYS A 47 14.67 -10.33 8.05
CA LYS A 47 14.68 -10.12 6.60
C LYS A 47 15.51 -11.19 5.89
N THR A 48 15.11 -12.45 6.06
CA THR A 48 15.82 -13.56 5.44
C THR A 48 14.85 -14.55 4.79
N ASP A 49 13.54 -14.27 4.89
CA ASP A 49 12.53 -15.14 4.31
C ASP A 49 11.96 -14.54 3.02
N LYS A 50 11.34 -15.38 2.21
CA LYS A 50 10.75 -14.93 0.95
C LYS A 50 9.71 -13.84 1.18
N ALA A 51 9.10 -13.86 2.36
CA ALA A 51 8.09 -12.87 2.71
C ALA A 51 8.59 -11.45 2.52
N TYR A 52 9.61 -11.07 3.29
CA TYR A 52 10.19 -9.73 3.20
C TYR A 52 10.42 -9.33 1.74
N TRP A 53 10.86 -10.30 0.92
CA TRP A 53 11.11 -10.03 -0.48
C TRP A 53 9.82 -9.58 -1.17
N LEU A 54 8.85 -10.49 -1.21
CA LEU A 54 7.56 -10.18 -1.83
C LEU A 54 6.89 -9.01 -1.12
N LEU A 55 7.24 -8.81 0.15
CA LEU A 55 6.69 -7.72 0.93
C LEU A 55 7.07 -6.37 0.32
N GLU A 56 8.38 -6.16 0.15
CA GLU A 56 8.90 -4.93 -0.41
C GLU A 56 8.49 -4.77 -1.87
N GLU A 57 8.72 -5.80 -2.68
CA GLU A 57 8.38 -5.74 -4.10
C GLU A 57 6.90 -5.38 -4.30
N MET A 58 6.03 -6.05 -3.57
CA MET A 58 4.60 -5.80 -3.67
C MET A 58 4.27 -4.39 -3.18
N LEU A 59 4.86 -4.00 -2.05
CA LEU A 59 4.63 -2.68 -1.50
C LEU A 59 5.06 -1.60 -2.49
N THR A 60 6.28 -1.74 -3.02
CA THR A 60 6.80 -0.78 -3.98
C THR A 60 5.89 -0.69 -5.21
N LYS A 61 5.46 -1.84 -5.70
CA LYS A 61 4.58 -1.89 -6.86
C LYS A 61 3.29 -1.11 -6.61
N GLU A 62 2.69 -1.33 -5.43
CA GLU A 62 1.47 -0.65 -5.06
C GLU A 62 1.66 0.86 -5.05
N LEU A 63 2.72 1.31 -4.37
CA LEU A 63 3.02 2.73 -4.28
C LEU A 63 3.24 3.32 -5.67
N LEU A 64 3.98 2.61 -6.50
CA LEU A 64 4.27 3.06 -7.86
C LEU A 64 2.97 3.27 -8.64
N GLU A 65 2.06 2.30 -8.55
CA GLU A 65 0.78 2.40 -9.24
C GLU A 65 -0.16 3.37 -8.52
N LEU A 66 0.01 3.49 -7.21
CA LEU A 66 -0.82 4.38 -6.41
C LEU A 66 -0.58 5.84 -6.80
N ASP A 67 0.67 6.18 -7.05
CA ASP A 67 1.04 7.55 -7.43
C ASP A 67 0.57 7.88 -8.85
N SER A 68 0.08 6.87 -9.56
CA SER A 68 -0.40 7.07 -10.94
C SER A 68 -1.90 7.32 -10.97
N VAL A 69 -2.39 8.07 -9.99
CA VAL A 69 -3.81 8.39 -9.90
C VAL A 69 -4.05 9.89 -10.12
N GLU A 70 -5.25 10.22 -10.58
CA GLU A 70 -5.61 11.62 -10.82
C GLU A 70 -6.53 12.15 -9.74
N THR A 71 -6.17 13.29 -9.17
CA THR A 71 -6.95 13.91 -8.12
C THR A 71 -6.88 15.44 -8.21
N GLY A 72 -7.81 16.01 -8.97
CA GLY A 72 -7.84 17.45 -9.13
C GLY A 72 -9.13 18.06 -8.63
N GLY A 73 -9.35 17.97 -7.32
CA GLY A 73 -10.56 18.53 -6.73
C GLY A 73 -11.54 17.45 -6.29
N GLN A 74 -11.47 16.29 -6.92
CA GLN A 74 -12.36 15.19 -6.60
C GLN A 74 -12.19 14.77 -5.14
N ASP A 75 -13.19 15.07 -4.32
CA ASP A 75 -13.16 14.74 -2.90
C ASP A 75 -12.93 13.24 -2.71
N SER A 76 -13.44 12.44 -3.64
CA SER A 76 -13.30 10.99 -3.57
C SER A 76 -11.82 10.60 -3.58
N VAL A 77 -11.17 10.81 -4.72
CA VAL A 77 -9.75 10.47 -4.86
C VAL A 77 -8.91 11.21 -3.83
N ARG A 78 -9.38 12.38 -3.40
CA ARG A 78 -8.66 13.17 -2.41
C ARG A 78 -8.55 12.40 -1.10
N GLN A 79 -9.71 12.07 -0.51
CA GLN A 79 -9.73 11.32 0.74
C GLN A 79 -9.00 9.99 0.57
N ALA A 80 -9.24 9.33 -0.55
CA ALA A 80 -8.59 8.06 -0.84
C ALA A 80 -7.09 8.23 -0.96
N ARG A 81 -6.68 9.34 -1.57
CA ARG A 81 -5.26 9.63 -1.75
C ARG A 81 -4.56 9.73 -0.41
N LYS A 82 -5.10 10.58 0.47
CA LYS A 82 -4.52 10.76 1.80
C LYS A 82 -4.52 9.45 2.56
N GLU A 83 -5.66 8.75 2.53
CA GLU A 83 -5.80 7.48 3.21
C GLU A 83 -4.78 6.47 2.67
N ALA A 84 -4.60 6.49 1.35
CA ALA A 84 -3.66 5.58 0.70
C ALA A 84 -2.24 5.84 1.18
N VAL A 85 -1.87 7.12 1.24
CA VAL A 85 -0.54 7.52 1.69
C VAL A 85 -0.31 7.07 3.14
N CYS A 86 -1.33 7.24 3.97
CA CYS A 86 -1.24 6.84 5.37
C CYS A 86 -1.01 5.34 5.49
N LYS A 87 -1.78 4.57 4.72
CA LYS A 87 -1.68 3.11 4.72
C LYS A 87 -0.30 2.66 4.24
N ILE A 88 0.03 2.99 3.00
CA ILE A 88 1.32 2.61 2.42
C ILE A 88 2.46 2.96 3.37
N GLN A 89 2.42 4.18 3.89
CA GLN A 89 3.44 4.63 4.83
C GLN A 89 3.30 3.89 6.15
N ALA A 90 2.06 3.55 6.49
CA ALA A 90 1.76 2.83 7.72
C ALA A 90 2.33 1.41 7.66
N ILE A 91 2.01 0.71 6.58
CA ILE A 91 2.49 -0.65 6.39
C ILE A 91 4.01 -0.68 6.26
N LEU A 92 4.56 0.31 5.56
CA LEU A 92 6.00 0.40 5.36
C LEU A 92 6.71 0.56 6.71
N GLU A 93 6.23 1.50 7.52
CA GLU A 93 6.81 1.74 8.83
C GLU A 93 6.68 0.51 9.72
N LYS A 94 5.52 -0.14 9.64
CA LYS A 94 5.26 -1.34 10.43
C LYS A 94 6.28 -2.42 10.12
N LEU A 95 6.51 -2.67 8.84
CA LEU A 95 7.46 -3.69 8.41
C LEU A 95 8.88 -3.29 8.82
N GLU A 96 9.21 -2.02 8.68
CA GLU A 96 10.53 -1.52 9.03
C GLU A 96 10.82 -1.75 10.52
N LYS A 97 9.82 -1.51 11.35
CA LYS A 97 9.97 -1.70 12.79
C LYS A 97 9.96 -3.17 13.15
N LYS A 98 9.19 -3.96 12.41
CA LYS A 98 9.10 -5.40 12.65
C LYS A 98 10.03 -6.17 11.71
N GLY A 99 11.08 -5.51 11.25
CA GLY A 99 12.02 -6.15 10.36
C GLY A 99 13.46 -5.96 10.78
N THR A 19 -17.10 14.27 -12.79
CA THR A 19 -15.82 14.29 -12.09
C THR A 19 -15.23 12.88 -11.99
N PRO A 20 -14.74 12.33 -13.11
CA PRO A 20 -14.15 10.99 -13.14
C PRO A 20 -12.97 10.85 -12.17
N PRO A 21 -13.18 10.13 -11.04
CA PRO A 21 -12.15 9.94 -10.03
C PRO A 21 -11.32 8.68 -10.26
N SER A 22 -10.14 8.66 -9.67
CA SER A 22 -9.24 7.51 -9.80
C SER A 22 -9.51 6.48 -8.70
N ILE A 23 -10.58 6.70 -7.93
CA ILE A 23 -10.95 5.82 -6.82
C ILE A 23 -10.71 4.34 -7.16
N LYS A 24 -10.87 4.00 -8.43
CA LYS A 24 -10.66 2.62 -8.88
C LYS A 24 -9.22 2.18 -8.58
N LYS A 25 -8.26 3.01 -8.97
CA LYS A 25 -6.86 2.71 -8.74
C LYS A 25 -6.53 2.65 -7.26
N ILE A 26 -6.87 3.71 -6.53
CA ILE A 26 -6.60 3.76 -5.10
C ILE A 26 -7.25 2.57 -4.38
N ILE A 27 -8.43 2.18 -4.83
CA ILE A 27 -9.15 1.06 -4.24
C ILE A 27 -8.36 -0.23 -4.47
N HIS A 28 -7.92 -0.44 -5.71
CA HIS A 28 -7.14 -1.63 -6.04
C HIS A 28 -5.91 -1.75 -5.14
N VAL A 29 -5.12 -0.67 -5.10
CA VAL A 29 -3.93 -0.65 -4.26
C VAL A 29 -4.31 -0.85 -2.79
N LEU A 30 -5.48 -0.33 -2.42
CA LEU A 30 -5.97 -0.46 -1.06
C LEU A 30 -6.09 -1.93 -0.69
N GLU A 31 -6.76 -2.70 -1.55
CA GLU A 31 -6.92 -4.12 -1.32
C GLU A 31 -5.57 -4.81 -1.25
N LYS A 32 -4.70 -4.47 -2.20
CA LYS A 32 -3.35 -5.02 -2.24
C LYS A 32 -2.64 -4.77 -0.92
N VAL A 33 -2.77 -3.54 -0.42
CA VAL A 33 -2.15 -3.16 0.85
C VAL A 33 -2.78 -3.95 1.99
N GLN A 34 -4.07 -4.25 1.85
CA GLN A 34 -4.79 -5.02 2.85
C GLN A 34 -4.14 -6.39 3.03
N TYR A 35 -3.99 -7.10 1.91
CA TYR A 35 -3.36 -8.41 1.93
C TYR A 35 -1.94 -8.29 2.47
N LEU A 36 -1.23 -7.27 2.00
CA LEU A 36 0.13 -7.02 2.45
C LEU A 36 0.15 -6.74 3.95
N GLU A 37 -0.88 -6.03 4.42
CA GLU A 37 -1.01 -5.71 5.84
C GLU A 37 -1.11 -7.00 6.65
N GLN A 38 -1.93 -7.93 6.17
CA GLN A 38 -2.10 -9.20 6.84
C GLN A 38 -0.76 -9.95 6.88
N GLU A 39 -0.05 -9.92 5.76
CA GLU A 39 1.25 -10.57 5.67
C GLU A 39 2.22 -10.01 6.69
N VAL A 40 2.46 -8.69 6.61
CA VAL A 40 3.37 -8.03 7.54
C VAL A 40 2.97 -8.33 8.98
N GLU A 41 1.67 -8.39 9.23
CA GLU A 41 1.18 -8.69 10.57
C GLU A 41 1.60 -10.08 11.00
N GLU A 42 1.51 -11.03 10.07
CA GLU A 42 1.90 -12.41 10.35
C GLU A 42 3.38 -12.64 10.05
N PHE A 43 4.05 -11.60 9.55
CA PHE A 43 5.47 -11.69 9.21
C PHE A 43 6.26 -12.43 10.29
N VAL A 44 7.13 -13.34 9.85
CA VAL A 44 7.94 -14.13 10.78
C VAL A 44 8.69 -13.24 11.78
N GLY A 45 9.28 -12.16 11.29
CA GLY A 45 10.00 -11.25 12.16
C GLY A 45 11.36 -10.85 11.60
N LYS A 46 11.98 -11.76 10.86
CA LYS A 46 13.30 -11.50 10.28
C LYS A 46 13.19 -11.34 8.76
N LYS A 47 13.95 -10.40 8.22
CA LYS A 47 13.95 -10.14 6.78
C LYS A 47 14.83 -11.15 6.05
N THR A 48 14.54 -12.43 6.21
CA THR A 48 15.31 -13.48 5.56
C THR A 48 14.40 -14.39 4.73
N ASP A 49 13.16 -14.55 5.16
CA ASP A 49 12.19 -15.38 4.45
C ASP A 49 11.60 -14.64 3.26
N LYS A 50 11.02 -15.39 2.33
CA LYS A 50 10.41 -14.81 1.14
C LYS A 50 9.33 -13.79 1.52
N ALA A 51 8.81 -13.90 2.73
CA ALA A 51 7.77 -12.98 3.21
C ALA A 51 8.19 -11.53 3.01
N TYR A 52 9.27 -11.13 3.68
CA TYR A 52 9.77 -9.77 3.58
C TYR A 52 10.10 -9.42 2.13
N TRP A 53 10.51 -10.43 1.36
CA TRP A 53 10.84 -10.23 -0.04
C TRP A 53 9.65 -9.65 -0.80
N LEU A 54 8.58 -10.44 -0.89
CA LEU A 54 7.37 -9.98 -1.58
C LEU A 54 6.77 -8.77 -0.87
N LEU A 55 7.05 -8.66 0.44
CA LEU A 55 6.55 -7.54 1.22
C LEU A 55 7.02 -6.22 0.63
N GLU A 56 8.34 -6.04 0.58
CA GLU A 56 8.94 -4.82 0.03
C GLU A 56 8.63 -4.70 -1.45
N GLU A 57 8.80 -5.80 -2.19
CA GLU A 57 8.54 -5.81 -3.61
C GLU A 57 7.10 -5.40 -3.92
N MET A 58 6.15 -6.11 -3.32
CA MET A 58 4.74 -5.82 -3.51
C MET A 58 4.42 -4.39 -3.09
N LEU A 59 5.03 -3.95 -1.99
CA LEU A 59 4.81 -2.61 -1.47
C LEU A 59 5.28 -1.56 -2.48
N THR A 60 6.47 -1.79 -3.04
CA THR A 60 7.03 -0.86 -4.02
C THR A 60 6.14 -0.77 -5.26
N LYS A 61 5.68 -1.93 -5.74
CA LYS A 61 4.81 -1.98 -6.91
C LYS A 61 3.54 -1.19 -6.68
N GLU A 62 2.81 -1.54 -5.62
CA GLU A 62 1.57 -0.86 -5.28
C GLU A 62 1.79 0.64 -5.12
N LEU A 63 2.91 1.00 -4.50
CA LEU A 63 3.24 2.41 -4.28
C LEU A 63 3.33 3.15 -5.62
N LEU A 64 4.13 2.61 -6.53
CA LEU A 64 4.31 3.21 -7.85
C LEU A 64 2.97 3.33 -8.57
N GLU A 65 2.14 2.30 -8.44
CA GLU A 65 0.83 2.27 -9.07
C GLU A 65 -0.04 3.42 -8.55
N LEU A 66 0.00 3.62 -7.24
CA LEU A 66 -0.78 4.68 -6.61
C LEU A 66 -0.29 6.05 -7.04
N ASP A 67 1.02 6.19 -7.17
CA ASP A 67 1.63 7.45 -7.58
C ASP A 67 1.01 7.96 -8.88
N SER A 68 0.46 7.05 -9.68
CA SER A 68 -0.16 7.42 -10.94
C SER A 68 -1.66 7.61 -10.79
N VAL A 69 -2.08 8.18 -9.67
CA VAL A 69 -3.50 8.42 -9.40
C VAL A 69 -3.96 9.72 -10.05
N GLU A 70 -5.14 9.67 -10.69
CA GLU A 70 -5.69 10.84 -11.34
C GLU A 70 -6.89 11.38 -10.57
N THR A 71 -6.62 11.99 -9.42
CA THR A 71 -7.67 12.55 -8.58
C THR A 71 -8.32 13.76 -9.25
N GLY A 72 -7.50 14.67 -9.76
CA GLY A 72 -8.02 15.85 -10.42
C GLY A 72 -8.91 16.67 -9.52
N GLY A 73 -8.53 16.80 -8.26
CA GLY A 73 -9.32 17.57 -7.32
C GLY A 73 -10.66 16.94 -7.02
N GLN A 74 -10.62 15.74 -6.41
CA GLN A 74 -11.84 15.03 -6.06
C GLN A 74 -11.86 14.67 -4.58
N ASP A 75 -13.01 14.86 -3.95
CA ASP A 75 -13.16 14.55 -2.53
C ASP A 75 -13.01 13.07 -2.28
N SER A 76 -13.64 12.25 -3.12
CA SER A 76 -13.56 10.80 -2.99
C SER A 76 -12.13 10.32 -3.08
N VAL A 77 -11.46 10.66 -4.18
CA VAL A 77 -10.07 10.26 -4.39
C VAL A 77 -9.17 10.86 -3.31
N ARG A 78 -9.54 12.05 -2.83
CA ARG A 78 -8.77 12.73 -1.80
C ARG A 78 -8.73 11.89 -0.52
N GLN A 79 -9.91 11.48 -0.06
CA GLN A 79 -10.00 10.66 1.15
C GLN A 79 -9.31 9.32 0.95
N ALA A 80 -9.65 8.64 -0.15
CA ALA A 80 -9.06 7.35 -0.45
C ALA A 80 -7.55 7.47 -0.63
N ARG A 81 -7.12 8.55 -1.29
CA ARG A 81 -5.69 8.78 -1.51
C ARG A 81 -4.95 8.89 -0.19
N LYS A 82 -5.30 9.89 0.60
CA LYS A 82 -4.65 10.11 1.89
C LYS A 82 -4.68 8.83 2.74
N GLU A 83 -5.82 8.16 2.73
CA GLU A 83 -5.98 6.93 3.48
C GLU A 83 -5.00 5.87 2.99
N ALA A 84 -5.03 5.62 1.68
CA ALA A 84 -4.13 4.63 1.07
C ALA A 84 -2.67 4.99 1.32
N VAL A 85 -2.33 6.25 1.10
CA VAL A 85 -0.97 6.73 1.31
C VAL A 85 -0.53 6.47 2.74
N CYS A 86 -1.45 6.69 3.68
CA CYS A 86 -1.15 6.48 5.09
C CYS A 86 -0.87 5.00 5.36
N LYS A 87 -1.71 4.13 4.80
CA LYS A 87 -1.57 2.70 4.98
C LYS A 87 -0.25 2.21 4.37
N ILE A 88 -0.08 2.43 3.06
CA ILE A 88 1.15 2.01 2.38
C ILE A 88 2.38 2.51 3.14
N GLN A 89 2.38 3.79 3.49
CA GLN A 89 3.50 4.37 4.23
C GLN A 89 3.54 3.78 5.64
N ALA A 90 2.36 3.44 6.16
CA ALA A 90 2.25 2.85 7.49
C ALA A 90 2.89 1.46 7.51
N ILE A 91 2.51 0.63 6.54
CA ILE A 91 3.03 -0.72 6.45
C ILE A 91 4.54 -0.69 6.17
N LEU A 92 4.96 0.26 5.33
CA LEU A 92 6.36 0.40 4.99
C LEU A 92 7.19 0.69 6.24
N GLU A 93 6.82 1.75 6.95
CA GLU A 93 7.52 2.13 8.17
C GLU A 93 7.46 1.01 9.19
N LYS A 94 6.33 0.31 9.24
CA LYS A 94 6.14 -0.79 10.18
C LYS A 94 7.18 -1.87 9.93
N LEU A 95 7.37 -2.22 8.66
CA LEU A 95 8.35 -3.25 8.30
C LEU A 95 9.76 -2.78 8.62
N GLU A 96 10.07 -1.54 8.25
CA GLU A 96 11.39 -0.98 8.51
C GLU A 96 11.69 -0.94 10.01
N LYS A 97 10.65 -0.76 10.81
CA LYS A 97 10.80 -0.70 12.26
C LYS A 97 10.81 -2.11 12.86
N LYS A 98 9.84 -2.92 12.46
CA LYS A 98 9.73 -4.28 12.96
C LYS A 98 10.90 -5.13 12.48
N GLY A 99 11.36 -4.87 11.26
CA GLY A 99 12.47 -5.61 10.70
C GLY A 99 13.77 -4.84 10.73
N THR A 19 -15.09 14.81 -12.69
CA THR A 19 -13.69 14.39 -12.62
C THR A 19 -13.55 12.91 -12.94
N PRO A 20 -12.51 12.53 -13.70
CA PRO A 20 -12.27 11.13 -14.08
C PRO A 20 -12.15 10.22 -12.88
N PRO A 21 -13.18 9.40 -12.61
CA PRO A 21 -13.18 8.47 -11.46
C PRO A 21 -12.09 7.41 -11.57
N SER A 22 -10.97 7.67 -10.90
CA SER A 22 -9.84 6.75 -10.90
C SER A 22 -9.78 5.97 -9.59
N ILE A 23 -10.80 6.13 -8.75
CA ILE A 23 -10.86 5.44 -7.47
C ILE A 23 -10.39 3.99 -7.57
N LYS A 24 -10.62 3.37 -8.72
CA LYS A 24 -10.21 1.99 -8.94
C LYS A 24 -8.78 1.75 -8.44
N LYS A 25 -7.96 2.80 -8.51
CA LYS A 25 -6.58 2.71 -8.07
C LYS A 25 -6.49 2.56 -6.55
N ILE A 26 -7.12 3.49 -5.83
CA ILE A 26 -7.11 3.46 -4.37
C ILE A 26 -7.76 2.17 -3.85
N ILE A 27 -8.69 1.63 -4.63
CA ILE A 27 -9.37 0.40 -4.25
C ILE A 27 -8.43 -0.79 -4.37
N HIS A 28 -7.86 -0.97 -5.55
CA HIS A 28 -6.93 -2.07 -5.79
C HIS A 28 -5.79 -2.02 -4.79
N VAL A 29 -5.29 -0.82 -4.53
CA VAL A 29 -4.20 -0.64 -3.58
C VAL A 29 -4.66 -0.97 -2.17
N LEU A 30 -5.85 -0.51 -1.81
CA LEU A 30 -6.41 -0.77 -0.49
C LEU A 30 -6.43 -2.26 -0.20
N GLU A 31 -6.98 -3.03 -1.14
CA GLU A 31 -7.05 -4.49 -0.98
C GLU A 31 -5.66 -5.08 -0.89
N LYS A 32 -4.80 -4.73 -1.85
CA LYS A 32 -3.43 -5.22 -1.88
C LYS A 32 -2.70 -4.87 -0.58
N VAL A 33 -2.72 -3.59 -0.23
CA VAL A 33 -2.07 -3.13 0.99
C VAL A 33 -2.65 -3.84 2.21
N GLN A 34 -3.94 -4.16 2.15
CA GLN A 34 -4.61 -4.86 3.24
C GLN A 34 -3.95 -6.22 3.46
N TYR A 35 -3.95 -7.04 2.41
CA TYR A 35 -3.34 -8.37 2.49
C TYR A 35 -1.87 -8.24 2.84
N LEU A 36 -1.18 -7.35 2.14
CA LEU A 36 0.24 -7.12 2.38
C LEU A 36 0.45 -6.68 3.83
N GLU A 37 -0.50 -5.91 4.36
CA GLU A 37 -0.41 -5.42 5.74
C GLU A 37 -0.41 -6.61 6.69
N GLN A 38 -1.42 -7.47 6.56
CA GLN A 38 -1.52 -8.65 7.40
C GLN A 38 -0.25 -9.49 7.32
N GLU A 39 0.28 -9.61 6.10
CA GLU A 39 1.51 -10.37 5.88
C GLU A 39 2.67 -9.78 6.68
N VAL A 40 2.99 -8.52 6.39
CA VAL A 40 4.08 -7.84 7.08
C VAL A 40 3.91 -7.94 8.60
N GLU A 41 2.66 -7.96 9.04
CA GLU A 41 2.35 -8.06 10.46
C GLU A 41 2.61 -9.47 10.97
N GLU A 42 2.36 -10.45 10.12
CA GLU A 42 2.57 -11.85 10.50
C GLU A 42 3.92 -12.37 9.98
N PHE A 43 4.70 -11.49 9.35
CA PHE A 43 6.01 -11.86 8.82
C PHE A 43 6.81 -12.69 9.83
N VAL A 44 7.62 -13.62 9.32
CA VAL A 44 8.43 -14.49 10.18
C VAL A 44 9.16 -13.69 11.26
N GLY A 45 9.90 -12.66 10.84
CA GLY A 45 10.63 -11.85 11.80
C GLY A 45 12.01 -11.47 11.30
N LYS A 46 12.64 -12.37 10.54
CA LYS A 46 13.97 -12.12 10.01
C LYS A 46 13.93 -11.92 8.50
N LYS A 47 14.54 -10.85 8.04
CA LYS A 47 14.57 -10.53 6.61
C LYS A 47 15.43 -11.54 5.83
N THR A 48 15.02 -12.80 5.86
CA THR A 48 15.74 -13.86 5.17
C THR A 48 14.79 -14.78 4.40
N ASP A 49 13.49 -14.52 4.50
CA ASP A 49 12.49 -15.33 3.82
C ASP A 49 11.94 -14.60 2.60
N LYS A 50 11.33 -15.36 1.69
CA LYS A 50 10.75 -14.79 0.47
C LYS A 50 9.69 -13.75 0.81
N ALA A 51 9.05 -13.91 1.97
CA ALA A 51 8.00 -13.00 2.41
C ALA A 51 8.46 -11.55 2.34
N TYR A 52 9.44 -11.20 3.17
CA TYR A 52 9.98 -9.84 3.20
C TYR A 52 10.27 -9.34 1.80
N TRP A 53 10.86 -10.20 0.96
CA TRP A 53 11.17 -9.83 -0.41
C TRP A 53 9.93 -9.31 -1.12
N LEU A 54 8.95 -10.18 -1.29
CA LEU A 54 7.70 -9.81 -1.94
C LEU A 54 6.97 -8.74 -1.14
N LEU A 55 7.20 -8.72 0.16
CA LEU A 55 6.56 -7.73 1.04
C LEU A 55 6.91 -6.33 0.58
N GLU A 56 8.18 -5.95 0.75
CA GLU A 56 8.64 -4.62 0.35
C GLU A 56 8.46 -4.41 -1.15
N GLU A 57 8.80 -5.44 -1.93
CA GLU A 57 8.68 -5.36 -3.38
C GLU A 57 7.25 -4.95 -3.78
N MET A 58 6.28 -5.78 -3.41
CA MET A 58 4.89 -5.52 -3.71
C MET A 58 4.46 -4.18 -3.13
N LEU A 59 5.03 -3.83 -1.98
CA LEU A 59 4.72 -2.57 -1.31
C LEU A 59 5.04 -1.39 -2.23
N THR A 60 6.30 -1.33 -2.67
CA THR A 60 6.74 -0.26 -3.55
C THR A 60 5.91 -0.24 -4.84
N LYS A 61 5.70 -1.41 -5.41
CA LYS A 61 4.91 -1.54 -6.64
C LYS A 61 3.50 -0.96 -6.43
N GLU A 62 2.89 -1.33 -5.32
CA GLU A 62 1.55 -0.85 -5.00
C GLU A 62 1.52 0.67 -4.90
N LEU A 63 2.51 1.22 -4.20
CA LEU A 63 2.60 2.67 -4.04
C LEU A 63 2.67 3.36 -5.40
N LEU A 64 3.55 2.87 -6.26
CA LEU A 64 3.71 3.44 -7.59
C LEU A 64 2.40 3.39 -8.37
N GLU A 65 1.72 2.25 -8.28
CA GLU A 65 0.44 2.07 -8.97
C GLU A 65 -0.63 2.98 -8.36
N LEU A 66 -0.48 3.28 -7.08
CA LEU A 66 -1.44 4.13 -6.38
C LEU A 66 -1.29 5.59 -6.83
N ASP A 67 -0.04 6.02 -6.98
CA ASP A 67 0.24 7.40 -7.40
C ASP A 67 -0.27 7.66 -8.82
N SER A 68 -0.59 6.60 -9.55
CA SER A 68 -1.08 6.73 -10.92
C SER A 68 -2.50 7.29 -10.95
N VAL A 69 -3.20 7.24 -9.82
CA VAL A 69 -4.56 7.75 -9.73
C VAL A 69 -4.64 9.21 -10.20
N GLU A 70 -5.82 9.61 -10.67
CA GLU A 70 -6.02 10.97 -11.15
C GLU A 70 -5.91 11.99 -10.01
N THR A 71 -6.87 11.97 -9.11
CA THR A 71 -6.89 12.89 -7.97
C THR A 71 -6.56 14.31 -8.41
N GLY A 72 -7.13 14.73 -9.53
CA GLY A 72 -6.89 16.07 -10.04
C GLY A 72 -8.08 16.99 -9.86
N GLY A 73 -8.88 16.71 -8.83
CA GLY A 73 -10.04 17.53 -8.57
C GLY A 73 -11.25 16.71 -8.14
N GLN A 74 -11.01 15.74 -7.25
CA GLN A 74 -12.08 14.89 -6.76
C GLN A 74 -11.94 14.64 -5.27
N ASP A 75 -12.96 15.04 -4.51
CA ASP A 75 -12.94 14.87 -3.06
C ASP A 75 -12.78 13.41 -2.69
N SER A 76 -13.43 12.53 -3.44
CA SER A 76 -13.36 11.10 -3.19
C SER A 76 -11.93 10.59 -3.33
N VAL A 77 -11.35 10.76 -4.51
CA VAL A 77 -9.99 10.33 -4.78
C VAL A 77 -9.01 10.98 -3.81
N ARG A 78 -9.24 12.24 -3.50
CA ARG A 78 -8.38 12.98 -2.58
C ARG A 78 -8.33 12.28 -1.22
N GLN A 79 -9.52 12.03 -0.66
CA GLN A 79 -9.60 11.36 0.63
C GLN A 79 -8.91 10.01 0.58
N ALA A 80 -9.21 9.22 -0.44
CA ALA A 80 -8.61 7.91 -0.62
C ALA A 80 -7.10 8.04 -0.84
N ARG A 81 -6.70 9.11 -1.52
CA ARG A 81 -5.30 9.37 -1.79
C ARG A 81 -4.51 9.49 -0.49
N LYS A 82 -4.95 10.40 0.37
CA LYS A 82 -4.31 10.62 1.67
C LYS A 82 -4.34 9.33 2.49
N GLU A 83 -5.51 8.71 2.54
CA GLU A 83 -5.68 7.46 3.28
C GLU A 83 -4.74 6.39 2.74
N ALA A 84 -4.63 6.33 1.42
CA ALA A 84 -3.75 5.35 0.78
C ALA A 84 -2.30 5.58 1.17
N VAL A 85 -1.90 6.85 1.19
CA VAL A 85 -0.53 7.21 1.55
C VAL A 85 -0.24 6.83 2.99
N CYS A 86 -1.21 7.04 3.87
CA CYS A 86 -1.06 6.70 5.28
C CYS A 86 -0.90 5.20 5.44
N LYS A 87 -1.73 4.44 4.75
CA LYS A 87 -1.69 2.98 4.80
C LYS A 87 -0.36 2.46 4.28
N ILE A 88 -0.06 2.74 3.01
CA ILE A 88 1.18 2.29 2.41
C ILE A 88 2.37 2.63 3.30
N GLN A 89 2.43 3.88 3.75
CA GLN A 89 3.50 4.31 4.63
C GLN A 89 3.40 3.60 5.98
N ALA A 90 2.16 3.36 6.39
CA ALA A 90 1.89 2.67 7.65
C ALA A 90 2.42 1.24 7.61
N ILE A 91 2.02 0.51 6.56
CA ILE A 91 2.45 -0.87 6.38
C ILE A 91 3.96 -0.93 6.20
N LEU A 92 4.53 0.07 5.53
CA LEU A 92 5.97 0.12 5.30
C LEU A 92 6.71 0.25 6.63
N GLU A 93 6.22 1.14 7.49
CA GLU A 93 6.84 1.35 8.79
C GLU A 93 6.69 0.10 9.66
N LYS A 94 5.53 -0.54 9.58
CA LYS A 94 5.27 -1.75 10.37
C LYS A 94 6.11 -2.92 9.86
N LEU A 95 6.31 -2.97 8.55
CA LEU A 95 7.09 -4.04 7.94
C LEU A 95 8.58 -3.88 8.25
N GLU A 96 9.06 -2.65 8.17
CA GLU A 96 10.47 -2.37 8.46
C GLU A 96 10.78 -2.58 9.93
N LYS A 97 9.90 -2.09 10.79
CA LYS A 97 10.08 -2.21 12.23
C LYS A 97 9.89 -3.66 12.67
N LYS A 98 8.95 -4.35 12.04
CA LYS A 98 8.66 -5.74 12.36
C LYS A 98 9.84 -6.64 12.00
N GLY A 99 10.57 -6.24 10.96
CA GLY A 99 11.72 -7.02 10.52
C GLY A 99 12.76 -7.17 11.61
N THR A 19 -16.10 8.41 -10.30
CA THR A 19 -14.71 8.39 -10.73
C THR A 19 -14.22 6.95 -10.89
N PRO A 20 -14.81 6.21 -11.85
CA PRO A 20 -14.43 4.81 -12.12
C PRO A 20 -12.94 4.61 -12.41
N PRO A 21 -12.34 5.46 -13.28
CA PRO A 21 -10.93 5.33 -13.64
C PRO A 21 -9.98 5.73 -12.51
N SER A 22 -10.48 6.50 -11.56
CA SER A 22 -9.65 6.94 -10.43
C SER A 22 -9.97 6.14 -9.16
N ILE A 23 -11.20 5.66 -9.07
CA ILE A 23 -11.63 4.89 -7.91
C ILE A 23 -11.06 3.48 -7.94
N LYS A 24 -10.89 2.94 -9.14
CA LYS A 24 -10.36 1.60 -9.30
C LYS A 24 -8.92 1.53 -8.81
N LYS A 25 -8.16 2.59 -9.05
CA LYS A 25 -6.77 2.65 -8.63
C LYS A 25 -6.66 2.69 -7.12
N ILE A 26 -7.26 3.70 -6.49
CA ILE A 26 -7.22 3.83 -5.03
C ILE A 26 -7.76 2.58 -4.36
N ILE A 27 -8.84 2.02 -4.89
CA ILE A 27 -9.43 0.81 -4.32
C ILE A 27 -8.43 -0.34 -4.37
N HIS A 28 -7.85 -0.56 -5.55
CA HIS A 28 -6.87 -1.63 -5.72
C HIS A 28 -5.71 -1.46 -4.74
N VAL A 29 -5.32 -0.21 -4.53
CA VAL A 29 -4.24 0.10 -3.61
C VAL A 29 -4.63 -0.27 -2.18
N LEU A 30 -5.86 0.04 -1.81
CA LEU A 30 -6.36 -0.27 -0.48
C LEU A 30 -6.31 -1.78 -0.22
N GLU A 31 -6.84 -2.54 -1.17
CA GLU A 31 -6.84 -4.01 -1.06
C GLU A 31 -5.42 -4.53 -0.95
N LYS A 32 -4.54 -4.00 -1.79
CA LYS A 32 -3.14 -4.41 -1.80
C LYS A 32 -2.53 -4.22 -0.42
N VAL A 33 -2.78 -3.05 0.18
CA VAL A 33 -2.28 -2.76 1.51
C VAL A 33 -2.86 -3.71 2.54
N GLN A 34 -4.14 -4.03 2.36
CA GLN A 34 -4.82 -4.96 3.27
C GLN A 34 -4.07 -6.27 3.34
N TYR A 35 -3.92 -6.92 2.18
CA TYR A 35 -3.20 -8.18 2.10
C TYR A 35 -1.76 -7.99 2.58
N LEU A 36 -1.15 -6.89 2.17
CA LEU A 36 0.21 -6.56 2.57
C LEU A 36 0.33 -6.53 4.08
N GLU A 37 -0.42 -5.60 4.70
CA GLU A 37 -0.42 -5.46 6.15
C GLU A 37 -0.57 -6.83 6.82
N GLN A 38 -1.50 -7.63 6.30
CA GLN A 38 -1.73 -8.97 6.82
C GLN A 38 -0.42 -9.77 6.81
N GLU A 39 0.28 -9.70 5.69
CA GLU A 39 1.56 -10.38 5.55
C GLU A 39 2.56 -9.86 6.58
N VAL A 40 2.49 -8.55 6.83
CA VAL A 40 3.37 -7.92 7.81
C VAL A 40 3.17 -8.54 9.18
N GLU A 41 1.90 -8.68 9.58
CA GLU A 41 1.57 -9.26 10.88
C GLU A 41 2.05 -10.71 10.94
N GLU A 42 1.85 -11.43 9.85
CA GLU A 42 2.28 -12.83 9.78
C GLU A 42 3.78 -12.95 9.50
N PHE A 43 4.40 -11.82 9.13
CA PHE A 43 5.83 -11.80 8.85
C PHE A 43 6.63 -12.53 9.92
N VAL A 44 7.41 -13.53 9.49
CA VAL A 44 8.22 -14.32 10.41
C VAL A 44 8.96 -13.44 11.40
N GLY A 45 9.52 -12.34 10.91
CA GLY A 45 10.24 -11.42 11.77
C GLY A 45 11.71 -11.31 11.41
N LYS A 46 12.05 -11.73 10.19
CA LYS A 46 13.43 -11.67 9.72
C LYS A 46 13.49 -11.42 8.21
N LYS A 47 14.52 -10.71 7.78
CA LYS A 47 14.70 -10.40 6.36
C LYS A 47 15.40 -11.55 5.63
N THR A 48 14.84 -12.75 5.75
CA THR A 48 15.40 -13.93 5.10
C THR A 48 14.35 -14.66 4.27
N ASP A 49 13.10 -14.59 4.70
CA ASP A 49 12.01 -15.25 3.99
C ASP A 49 11.56 -14.42 2.79
N LYS A 50 10.64 -14.96 2.00
CA LYS A 50 10.13 -14.28 0.83
C LYS A 50 9.11 -13.20 1.21
N ALA A 51 8.60 -13.27 2.44
CA ALA A 51 7.63 -12.31 2.93
C ALA A 51 8.11 -10.87 2.69
N TYR A 52 9.17 -10.49 3.37
CA TYR A 52 9.72 -9.14 3.24
C TYR A 52 9.90 -8.75 1.77
N TRP A 53 10.38 -9.70 0.97
CA TRP A 53 10.58 -9.45 -0.46
C TRP A 53 9.31 -8.95 -1.10
N LEU A 54 8.28 -9.80 -1.12
CA LEU A 54 7.00 -9.43 -1.70
C LEU A 54 6.38 -8.28 -0.92
N LEU A 55 6.67 -8.23 0.38
CA LEU A 55 6.14 -7.16 1.22
C LEU A 55 6.46 -5.80 0.64
N GLU A 56 7.72 -5.42 0.70
CA GLU A 56 8.17 -4.14 0.17
C GLU A 56 7.90 -4.03 -1.32
N GLU A 57 8.23 -5.09 -2.05
CA GLU A 57 8.02 -5.13 -3.49
C GLU A 57 6.56 -4.85 -3.86
N MET A 58 5.64 -5.49 -3.13
CA MET A 58 4.22 -5.33 -3.38
C MET A 58 3.78 -3.89 -3.10
N LEU A 59 4.04 -3.41 -1.88
CA LEU A 59 3.66 -2.06 -1.51
C LEU A 59 4.31 -1.02 -2.44
N THR A 60 5.59 -1.23 -2.76
CA THR A 60 6.30 -0.31 -3.65
C THR A 60 5.61 -0.24 -5.01
N LYS A 61 5.36 -1.40 -5.60
CA LYS A 61 4.70 -1.47 -6.91
C LYS A 61 3.37 -0.74 -6.87
N GLU A 62 2.59 -1.00 -5.82
CA GLU A 62 1.29 -0.36 -5.66
C GLU A 62 1.44 1.16 -5.59
N LEU A 63 2.49 1.60 -4.90
CA LEU A 63 2.76 3.02 -4.77
C LEU A 63 2.98 3.66 -6.13
N LEU A 64 3.89 3.08 -6.91
CA LEU A 64 4.21 3.58 -8.24
C LEU A 64 2.95 3.64 -9.11
N GLU A 65 2.16 2.57 -9.08
CA GLU A 65 0.93 2.50 -9.86
C GLU A 65 -0.14 3.40 -9.26
N LEU A 66 -0.05 3.63 -7.95
CA LEU A 66 -1.00 4.47 -7.25
C LEU A 66 -0.90 5.92 -7.73
N ASP A 67 0.31 6.46 -7.70
CA ASP A 67 0.55 7.84 -8.13
C ASP A 67 0.08 8.06 -9.57
N SER A 68 -0.05 6.98 -10.34
CA SER A 68 -0.49 7.07 -11.72
C SER A 68 -1.97 7.39 -11.82
N VAL A 69 -2.71 7.14 -10.73
CA VAL A 69 -4.15 7.41 -10.71
C VAL A 69 -4.43 8.88 -11.03
N GLU A 70 -5.38 9.10 -11.94
CA GLU A 70 -5.75 10.46 -12.34
C GLU A 70 -7.11 10.83 -11.77
N THR A 71 -7.13 11.27 -10.51
CA THR A 71 -8.37 11.66 -9.86
C THR A 71 -8.98 12.89 -10.53
N GLY A 72 -8.17 13.92 -10.73
CA GLY A 72 -8.65 15.13 -11.37
C GLY A 72 -9.12 16.17 -10.36
N GLY A 73 -9.56 15.71 -9.19
CA GLY A 73 -10.04 16.60 -8.16
C GLY A 73 -11.26 16.08 -7.44
N GLN A 74 -11.22 14.79 -7.08
CA GLN A 74 -12.33 14.16 -6.38
C GLN A 74 -12.03 14.02 -4.89
N ASP A 75 -13.03 14.31 -4.06
CA ASP A 75 -12.87 14.22 -2.62
C ASP A 75 -12.67 12.78 -2.18
N SER A 76 -13.46 11.87 -2.75
CA SER A 76 -13.36 10.45 -2.42
C SER A 76 -11.99 9.90 -2.81
N VAL A 77 -11.63 10.06 -4.07
CA VAL A 77 -10.34 9.58 -4.56
C VAL A 77 -9.19 10.22 -3.79
N ARG A 78 -9.32 11.50 -3.48
CA ARG A 78 -8.30 12.23 -2.74
C ARG A 78 -8.07 11.58 -1.38
N GLN A 79 -9.16 11.36 -0.64
CA GLN A 79 -9.09 10.75 0.68
C GLN A 79 -8.43 9.37 0.58
N ALA A 80 -8.86 8.59 -0.42
CA ALA A 80 -8.31 7.26 -0.62
C ALA A 80 -6.81 7.33 -0.90
N ARG A 81 -6.40 8.37 -1.61
CA ARG A 81 -4.99 8.56 -1.94
C ARG A 81 -4.17 8.80 -0.68
N LYS A 82 -4.58 9.80 0.11
CA LYS A 82 -3.89 10.12 1.34
C LYS A 82 -3.88 8.93 2.29
N GLU A 83 -5.06 8.35 2.49
CA GLU A 83 -5.20 7.19 3.36
C GLU A 83 -4.32 6.05 2.87
N ALA A 84 -4.19 5.92 1.55
CA ALA A 84 -3.37 4.89 0.95
C ALA A 84 -1.90 5.11 1.28
N VAL A 85 -1.46 6.36 1.17
CA VAL A 85 -0.07 6.71 1.47
C VAL A 85 0.25 6.41 2.93
N CYS A 86 -0.67 6.75 3.82
CA CYS A 86 -0.48 6.51 5.25
C CYS A 86 -0.42 5.01 5.52
N LYS A 87 -1.30 4.26 4.87
CA LYS A 87 -1.35 2.81 5.04
C LYS A 87 -0.07 2.15 4.54
N ILE A 88 0.23 2.34 3.25
CA ILE A 88 1.44 1.77 2.67
C ILE A 88 2.66 2.13 3.51
N GLN A 89 2.74 3.40 3.89
CA GLN A 89 3.85 3.87 4.72
C GLN A 89 3.73 3.27 6.11
N ALA A 90 2.49 3.00 6.52
CA ALA A 90 2.22 2.43 7.84
C ALA A 90 2.71 0.98 7.92
N ILE A 91 2.30 0.18 6.94
CA ILE A 91 2.69 -1.23 6.91
C ILE A 91 4.19 -1.40 6.70
N LEU A 92 4.74 -0.64 5.75
CA LEU A 92 6.17 -0.72 5.47
C LEU A 92 6.98 -0.20 6.65
N GLU A 93 6.50 0.87 7.28
CA GLU A 93 7.18 1.45 8.42
C GLU A 93 7.23 0.43 9.57
N LYS A 94 6.09 -0.18 9.85
CA LYS A 94 6.00 -1.18 10.91
C LYS A 94 6.90 -2.37 10.57
N LEU A 95 6.95 -2.72 9.29
CA LEU A 95 7.79 -3.83 8.84
C LEU A 95 9.25 -3.59 9.18
N GLU A 96 9.75 -2.43 8.78
CA GLU A 96 11.14 -2.07 9.04
C GLU A 96 11.40 -2.00 10.55
N LYS A 97 10.42 -1.48 11.29
CA LYS A 97 10.54 -1.36 12.73
C LYS A 97 10.65 -2.74 13.40
N LYS A 98 9.93 -3.71 12.86
CA LYS A 98 9.95 -5.06 13.39
C LYS A 98 11.10 -5.87 12.80
N GLY A 99 11.41 -5.61 11.53
CA GLY A 99 12.49 -6.32 10.87
C GLY A 99 13.84 -6.08 11.54
N THR A 19 -16.12 11.62 -13.19
CA THR A 19 -14.77 11.33 -12.74
C THR A 19 -14.21 10.09 -13.44
N PRO A 20 -12.93 10.13 -13.86
CA PRO A 20 -12.28 9.01 -14.55
C PRO A 20 -12.03 7.83 -13.61
N PRO A 21 -11.59 6.68 -14.16
CA PRO A 21 -11.30 5.48 -13.35
C PRO A 21 -10.14 5.69 -12.40
N SER A 22 -10.37 6.51 -11.38
CA SER A 22 -9.34 6.80 -10.38
C SER A 22 -9.60 6.03 -9.09
N ILE A 23 -10.86 5.73 -8.82
CA ILE A 23 -11.24 5.01 -7.61
C ILE A 23 -10.81 3.54 -7.70
N LYS A 24 -10.69 3.03 -8.91
CA LYS A 24 -10.30 1.64 -9.12
C LYS A 24 -8.87 1.39 -8.61
N LYS A 25 -8.01 2.38 -8.83
CA LYS A 25 -6.61 2.27 -8.41
C LYS A 25 -6.49 2.32 -6.88
N ILE A 26 -7.11 3.33 -6.27
CA ILE A 26 -7.04 3.47 -4.81
C ILE A 26 -7.69 2.28 -4.10
N ILE A 27 -8.77 1.76 -4.67
CA ILE A 27 -9.45 0.61 -4.06
C ILE A 27 -8.60 -0.65 -4.24
N HIS A 28 -8.02 -0.81 -5.42
CA HIS A 28 -7.17 -1.95 -5.70
C HIS A 28 -6.02 -2.01 -4.72
N VAL A 29 -5.36 -0.88 -4.52
CA VAL A 29 -4.25 -0.80 -3.58
C VAL A 29 -4.74 -1.02 -2.15
N LEU A 30 -5.93 -0.48 -1.84
CA LEU A 30 -6.52 -0.63 -0.52
C LEU A 30 -6.57 -2.11 -0.14
N GLU A 31 -7.24 -2.89 -0.97
CA GLU A 31 -7.35 -4.34 -0.73
C GLU A 31 -5.96 -4.97 -0.71
N LYS A 32 -5.12 -4.56 -1.67
CA LYS A 32 -3.76 -5.07 -1.76
C LYS A 32 -3.01 -4.83 -0.46
N VAL A 33 -3.14 -3.61 0.08
CA VAL A 33 -2.49 -3.26 1.33
C VAL A 33 -3.02 -4.12 2.47
N GLN A 34 -4.34 -4.37 2.47
CA GLN A 34 -4.96 -5.20 3.48
C GLN A 34 -4.28 -6.56 3.53
N TYR A 35 -4.19 -7.21 2.38
CA TYR A 35 -3.55 -8.51 2.28
C TYR A 35 -2.11 -8.41 2.75
N LEU A 36 -1.42 -7.36 2.30
CA LEU A 36 -0.04 -7.13 2.69
C LEU A 36 0.04 -6.94 4.20
N GLU A 37 -0.99 -6.31 4.77
CA GLU A 37 -1.05 -6.08 6.20
C GLU A 37 -1.06 -7.41 6.94
N GLN A 38 -1.90 -8.32 6.47
CA GLN A 38 -1.98 -9.65 7.07
C GLN A 38 -0.63 -10.36 6.97
N GLU A 39 -0.01 -10.23 5.80
CA GLU A 39 1.29 -10.84 5.57
C GLU A 39 2.32 -10.31 6.56
N VAL A 40 2.55 -9.00 6.54
CA VAL A 40 3.50 -8.37 7.45
C VAL A 40 3.21 -8.79 8.89
N GLU A 41 1.93 -8.92 9.21
CA GLU A 41 1.52 -9.32 10.55
C GLU A 41 2.05 -10.73 10.86
N GLU A 42 1.90 -11.62 9.89
CA GLU A 42 2.36 -13.00 10.03
C GLU A 42 3.82 -13.14 9.60
N PHE A 43 4.42 -12.03 9.15
CA PHE A 43 5.81 -12.02 8.71
C PHE A 43 6.71 -12.84 9.65
N VAL A 44 7.63 -13.59 9.06
CA VAL A 44 8.55 -14.43 9.84
C VAL A 44 9.18 -13.65 10.99
N GLY A 45 9.68 -12.45 10.69
CA GLY A 45 10.29 -11.64 11.72
C GLY A 45 11.60 -11.01 11.27
N LYS A 46 12.44 -11.81 10.60
CA LYS A 46 13.72 -11.33 10.10
C LYS A 46 13.72 -11.23 8.59
N LYS A 47 14.64 -10.42 8.05
CA LYS A 47 14.74 -10.23 6.61
C LYS A 47 15.47 -11.41 5.95
N THR A 48 14.92 -12.61 6.11
CA THR A 48 15.53 -13.81 5.54
C THR A 48 14.53 -14.54 4.64
N ASP A 49 13.25 -14.45 4.98
CA ASP A 49 12.21 -15.11 4.19
C ASP A 49 11.80 -14.25 2.99
N LYS A 50 11.26 -14.90 1.98
CA LYS A 50 10.82 -14.21 0.77
C LYS A 50 9.70 -13.21 1.08
N ALA A 51 9.05 -13.40 2.22
CA ALA A 51 7.96 -12.51 2.63
C ALA A 51 8.36 -11.05 2.49
N TYR A 52 9.33 -10.63 3.30
CA TYR A 52 9.80 -9.24 3.27
C TYR A 52 10.06 -8.78 1.84
N TRP A 53 10.59 -9.67 1.01
CA TRP A 53 10.88 -9.34 -0.37
C TRP A 53 9.62 -8.89 -1.10
N LEU A 54 8.62 -9.78 -1.15
CA LEU A 54 7.36 -9.45 -1.80
C LEU A 54 6.63 -8.35 -1.05
N LEU A 55 6.91 -8.26 0.26
CA LEU A 55 6.29 -7.23 1.09
C LEU A 55 6.64 -5.84 0.56
N GLU A 56 7.91 -5.48 0.68
CA GLU A 56 8.38 -4.18 0.21
C GLU A 56 8.15 -4.01 -1.29
N GLU A 57 8.41 -5.08 -2.04
CA GLU A 57 8.24 -5.06 -3.47
C GLU A 57 6.80 -4.70 -3.84
N MET A 58 5.86 -5.47 -3.30
CA MET A 58 4.44 -5.22 -3.55
C MET A 58 4.05 -3.81 -3.13
N LEU A 59 4.58 -3.37 -1.99
CA LEU A 59 4.29 -2.03 -1.48
C LEU A 59 4.72 -0.96 -2.48
N THR A 60 5.97 -1.05 -2.94
CA THR A 60 6.50 -0.09 -3.89
C THR A 60 5.64 -0.06 -5.16
N LYS A 61 5.34 -1.24 -5.68
CA LYS A 61 4.52 -1.35 -6.88
C LYS A 61 3.18 -0.65 -6.67
N GLU A 62 2.59 -0.85 -5.49
CA GLU A 62 1.32 -0.23 -5.16
C GLU A 62 1.42 1.29 -5.23
N LEU A 63 2.43 1.84 -4.55
CA LEU A 63 2.64 3.28 -4.55
C LEU A 63 2.73 3.82 -5.97
N LEU A 64 3.54 3.16 -6.80
CA LEU A 64 3.70 3.56 -8.19
C LEU A 64 2.37 3.51 -8.93
N GLU A 65 1.56 2.50 -8.59
CA GLU A 65 0.26 2.33 -9.22
C GLU A 65 -0.65 3.52 -8.89
N LEU A 66 -0.62 3.96 -7.64
CA LEU A 66 -1.43 5.09 -7.21
C LEU A 66 -0.97 6.37 -7.86
N ASP A 67 0.35 6.50 -8.00
CA ASP A 67 0.93 7.68 -8.62
C ASP A 67 0.42 7.88 -10.04
N SER A 68 -0.12 6.82 -10.63
CA SER A 68 -0.65 6.90 -11.99
C SER A 68 -2.15 7.19 -12.00
N VAL A 69 -2.84 6.90 -10.89
CA VAL A 69 -4.27 7.14 -10.80
C VAL A 69 -4.63 8.58 -11.19
N GLU A 70 -5.78 8.74 -11.83
CA GLU A 70 -6.22 10.07 -12.26
C GLU A 70 -6.91 10.81 -11.11
N THR A 71 -6.11 11.43 -10.26
CA THR A 71 -6.65 12.19 -9.12
C THR A 71 -6.67 13.68 -9.43
N GLY A 72 -6.85 14.02 -10.71
CA GLY A 72 -6.88 15.42 -11.10
C GLY A 72 -8.25 16.03 -10.93
N GLY A 73 -8.58 16.42 -9.70
CA GLY A 73 -9.86 17.02 -9.42
C GLY A 73 -10.90 16.00 -8.97
N GLN A 74 -10.67 15.43 -7.79
CA GLN A 74 -11.59 14.44 -7.24
C GLN A 74 -11.39 14.30 -5.73
N ASP A 75 -12.33 14.84 -4.96
CA ASP A 75 -12.25 14.77 -3.50
C ASP A 75 -12.21 13.32 -3.03
N SER A 76 -12.91 12.44 -3.74
CA SER A 76 -12.96 11.03 -3.39
C SER A 76 -11.56 10.41 -3.44
N VAL A 77 -10.95 10.44 -4.62
CA VAL A 77 -9.61 9.89 -4.81
C VAL A 77 -8.61 10.57 -3.89
N ARG A 78 -8.82 11.87 -3.67
CA ARG A 78 -7.92 12.64 -2.81
C ARG A 78 -7.91 12.06 -1.40
N GLN A 79 -9.09 11.88 -0.83
CA GLN A 79 -9.21 11.32 0.51
C GLN A 79 -8.60 9.93 0.56
N ALA A 80 -9.01 9.07 -0.38
CA ALA A 80 -8.49 7.71 -0.45
C ALA A 80 -6.99 7.72 -0.68
N ARG A 81 -6.52 8.72 -1.44
CA ARG A 81 -5.09 8.85 -1.73
C ARG A 81 -4.31 9.05 -0.44
N LYS A 82 -4.69 10.06 0.33
CA LYS A 82 -4.03 10.35 1.60
C LYS A 82 -4.10 9.13 2.52
N GLU A 83 -5.28 8.53 2.59
CA GLU A 83 -5.48 7.34 3.42
C GLU A 83 -4.55 6.21 2.96
N ALA A 84 -4.48 6.01 1.65
CA ALA A 84 -3.62 4.98 1.08
C ALA A 84 -2.16 5.26 1.41
N VAL A 85 -1.78 6.53 1.31
CA VAL A 85 -0.41 6.93 1.61
C VAL A 85 -0.07 6.63 3.06
N CYS A 86 -1.03 6.86 3.95
CA CYS A 86 -0.84 6.61 5.36
C CYS A 86 -0.65 5.11 5.61
N LYS A 87 -1.49 4.31 4.97
CA LYS A 87 -1.43 2.86 5.11
C LYS A 87 -0.12 2.32 4.56
N ILE A 88 0.14 2.56 3.27
CA ILE A 88 1.38 2.11 2.64
C ILE A 88 2.59 2.52 3.46
N GLN A 89 2.61 3.78 3.88
CA GLN A 89 3.70 4.29 4.69
C GLN A 89 3.65 3.65 6.08
N ALA A 90 2.44 3.35 6.52
CA ALA A 90 2.24 2.72 7.82
C ALA A 90 2.81 1.30 7.82
N ILE A 91 2.38 0.50 6.86
CA ILE A 91 2.84 -0.87 6.73
C ILE A 91 4.35 -0.90 6.52
N LEU A 92 4.84 0.02 5.70
CA LEU A 92 6.27 0.10 5.42
C LEU A 92 7.05 0.36 6.71
N GLU A 93 6.61 1.35 7.47
CA GLU A 93 7.26 1.70 8.73
C GLU A 93 7.29 0.50 9.67
N LYS A 94 6.14 -0.17 9.78
CA LYS A 94 6.04 -1.35 10.64
C LYS A 94 7.01 -2.43 10.19
N LEU A 95 7.17 -2.56 8.87
CA LEU A 95 8.09 -3.55 8.32
C LEU A 95 9.51 -3.26 8.74
N GLU A 96 9.96 -2.03 8.53
CA GLU A 96 11.32 -1.62 8.89
C GLU A 96 11.54 -1.79 10.39
N LYS A 97 10.51 -1.51 11.18
CA LYS A 97 10.61 -1.62 12.63
C LYS A 97 10.71 -3.09 13.06
N LYS A 98 9.80 -3.91 12.54
CA LYS A 98 9.80 -5.33 12.86
C LYS A 98 10.99 -6.05 12.24
N GLY A 99 11.39 -5.59 11.05
CA GLY A 99 12.53 -6.19 10.38
C GLY A 99 12.25 -6.41 8.89
N THR A 19 -16.73 10.95 -11.99
CA THR A 19 -15.35 10.91 -11.52
C THR A 19 -14.49 10.05 -12.45
N PRO A 20 -13.26 10.50 -12.76
CA PRO A 20 -12.35 9.77 -13.64
C PRO A 20 -11.75 8.55 -12.95
N PRO A 21 -10.91 7.78 -13.65
CA PRO A 21 -10.27 6.57 -13.11
C PRO A 21 -9.25 6.91 -12.01
N SER A 22 -9.72 7.58 -10.96
CA SER A 22 -8.86 7.95 -9.85
C SER A 22 -9.09 7.04 -8.65
N ILE A 23 -10.37 6.80 -8.34
CA ILE A 23 -10.73 5.95 -7.20
C ILE A 23 -10.37 4.50 -7.47
N LYS A 24 -10.69 4.01 -8.67
CA LYS A 24 -10.40 2.63 -9.05
C LYS A 24 -9.01 2.20 -8.59
N LYS A 25 -8.01 2.98 -8.97
CA LYS A 25 -6.63 2.69 -8.60
C LYS A 25 -6.46 2.76 -7.09
N ILE A 26 -7.24 3.63 -6.44
CA ILE A 26 -7.16 3.78 -5.00
C ILE A 26 -7.75 2.56 -4.30
N ILE A 27 -8.80 1.99 -4.87
CA ILE A 27 -9.45 0.81 -4.30
C ILE A 27 -8.54 -0.40 -4.45
N HIS A 28 -7.97 -0.56 -5.65
CA HIS A 28 -7.07 -1.68 -5.92
C HIS A 28 -5.85 -1.62 -5.02
N VAL A 29 -5.18 -0.47 -5.02
CA VAL A 29 -3.99 -0.29 -4.20
C VAL A 29 -4.31 -0.49 -2.72
N LEU A 30 -5.43 0.08 -2.28
CA LEU A 30 -5.86 -0.04 -0.89
C LEU A 30 -5.99 -1.52 -0.50
N GLU A 31 -6.70 -2.29 -1.32
CA GLU A 31 -6.89 -3.70 -1.06
C GLU A 31 -5.54 -4.41 -0.98
N LYS A 32 -4.66 -4.10 -1.92
CA LYS A 32 -3.34 -4.70 -1.95
C LYS A 32 -2.60 -4.44 -0.63
N VAL A 33 -2.73 -3.22 -0.12
CA VAL A 33 -2.10 -2.86 1.13
C VAL A 33 -2.71 -3.64 2.28
N GLN A 34 -4.03 -3.83 2.23
CA GLN A 34 -4.73 -4.57 3.26
C GLN A 34 -4.15 -5.97 3.39
N TYR A 35 -4.15 -6.71 2.27
CA TYR A 35 -3.61 -8.06 2.26
C TYR A 35 -2.17 -8.06 2.75
N LEU A 36 -1.36 -7.18 2.16
CA LEU A 36 0.04 -7.05 2.55
C LEU A 36 0.15 -6.76 4.04
N GLU A 37 -0.74 -5.88 4.53
CA GLU A 37 -0.75 -5.53 5.94
C GLU A 37 -0.90 -6.80 6.78
N GLN A 38 -1.83 -7.66 6.37
CA GLN A 38 -2.06 -8.91 7.07
C GLN A 38 -0.77 -9.73 7.08
N GLU A 39 -0.12 -9.81 5.92
CA GLU A 39 1.13 -10.56 5.81
C GLU A 39 2.16 -9.98 6.78
N VAL A 40 2.16 -8.66 6.92
CA VAL A 40 3.08 -7.99 7.82
C VAL A 40 2.82 -8.40 9.26
N GLU A 41 1.54 -8.45 9.62
CA GLU A 41 1.15 -8.85 10.97
C GLU A 41 1.63 -10.27 11.27
N GLU A 42 1.47 -11.16 10.29
CA GLU A 42 1.89 -12.55 10.45
C GLU A 42 3.38 -12.71 10.16
N PHE A 43 3.98 -11.69 9.55
CA PHE A 43 5.41 -11.72 9.23
C PHE A 43 6.23 -12.16 10.44
N VAL A 44 7.00 -13.23 10.27
CA VAL A 44 7.83 -13.78 11.34
C VAL A 44 8.52 -12.67 12.14
N GLY A 45 9.11 -11.71 11.44
CA GLY A 45 9.78 -10.61 12.09
C GLY A 45 11.26 -10.57 11.77
N LYS A 46 11.66 -11.18 10.65
CA LYS A 46 13.06 -11.19 10.24
C LYS A 46 13.18 -11.19 8.72
N LYS A 47 14.18 -10.48 8.22
CA LYS A 47 14.41 -10.40 6.78
C LYS A 47 15.19 -11.61 6.28
N THR A 48 14.64 -12.80 6.53
CA THR A 48 15.28 -14.04 6.11
C THR A 48 14.36 -14.85 5.19
N ASP A 49 13.05 -14.73 5.42
CA ASP A 49 12.07 -15.45 4.62
C ASP A 49 11.68 -14.65 3.39
N LYS A 50 11.08 -15.32 2.41
CA LYS A 50 10.66 -14.67 1.18
C LYS A 50 9.52 -13.69 1.44
N ALA A 51 8.87 -13.82 2.59
CA ALA A 51 7.76 -12.94 2.95
C ALA A 51 8.17 -11.46 2.85
N TYR A 52 9.26 -11.10 3.52
CA TYR A 52 9.74 -9.73 3.50
C TYR A 52 10.04 -9.28 2.08
N TRP A 53 10.59 -10.20 1.28
CA TRP A 53 10.91 -9.88 -0.11
C TRP A 53 9.66 -9.43 -0.86
N LEU A 54 8.70 -10.35 -0.97
CA LEU A 54 7.45 -10.06 -1.64
C LEU A 54 6.73 -8.89 -0.96
N LEU A 55 6.95 -8.79 0.35
CA LEU A 55 6.34 -7.72 1.15
C LEU A 55 6.75 -6.35 0.61
N GLU A 56 8.04 -6.04 0.72
CA GLU A 56 8.57 -4.77 0.27
C GLU A 56 8.38 -4.57 -1.23
N GLU A 57 8.86 -5.51 -2.03
CA GLU A 57 8.75 -5.42 -3.49
C GLU A 57 7.31 -5.14 -3.91
N MET A 58 6.36 -5.85 -3.31
CA MET A 58 4.96 -5.66 -3.63
C MET A 58 4.49 -4.27 -3.25
N LEU A 59 4.86 -3.84 -2.05
CA LEU A 59 4.49 -2.51 -1.56
C LEU A 59 5.06 -1.43 -2.48
N THR A 60 6.32 -1.57 -2.85
CA THR A 60 6.97 -0.60 -3.72
C THR A 60 6.25 -0.50 -5.05
N LYS A 61 5.99 -1.65 -5.67
CA LYS A 61 5.29 -1.70 -6.95
C LYS A 61 3.93 -1.01 -6.86
N GLU A 62 3.18 -1.33 -5.80
CA GLU A 62 1.87 -0.75 -5.59
C GLU A 62 1.96 0.77 -5.54
N LEU A 63 2.90 1.28 -4.75
CA LEU A 63 3.09 2.71 -4.61
C LEU A 63 3.39 3.36 -5.96
N LEU A 64 4.28 2.74 -6.72
CA LEU A 64 4.65 3.24 -8.04
C LEU A 64 3.43 3.35 -8.94
N GLU A 65 2.60 2.31 -8.94
CA GLU A 65 1.41 2.29 -9.77
C GLU A 65 0.33 3.21 -9.20
N LEU A 66 0.32 3.36 -7.88
CA LEU A 66 -0.65 4.21 -7.20
C LEU A 66 -0.42 5.68 -7.56
N ASP A 67 0.84 6.07 -7.65
CA ASP A 67 1.19 7.45 -7.99
C ASP A 67 0.62 7.85 -9.34
N SER A 68 0.27 6.88 -10.16
CA SER A 68 -0.29 7.14 -11.48
C SER A 68 -1.72 7.67 -11.38
N VAL A 69 -2.37 7.41 -10.25
CA VAL A 69 -3.74 7.86 -10.04
C VAL A 69 -3.86 9.38 -10.21
N GLU A 70 -4.93 9.82 -10.85
CA GLU A 70 -5.16 11.25 -11.06
C GLU A 70 -5.42 11.96 -9.74
N THR A 71 -6.61 11.75 -9.20
CA THR A 71 -6.99 12.37 -7.93
C THR A 71 -6.84 13.89 -8.00
N GLY A 72 -7.84 14.55 -8.59
CA GLY A 72 -7.81 16.00 -8.70
C GLY A 72 -9.19 16.62 -8.59
N GLY A 73 -9.61 16.88 -7.36
CA GLY A 73 -10.91 17.48 -7.13
C GLY A 73 -11.88 16.52 -6.47
N GLN A 74 -11.85 15.26 -6.88
CA GLN A 74 -12.74 14.25 -6.32
C GLN A 74 -12.48 14.07 -4.82
N ASP A 75 -13.47 14.44 -4.02
CA ASP A 75 -13.36 14.34 -2.56
C ASP A 75 -13.20 12.87 -2.15
N SER A 76 -13.96 11.99 -2.79
CA SER A 76 -13.90 10.57 -2.49
C SER A 76 -12.49 10.03 -2.70
N VAL A 77 -11.96 10.23 -3.91
CA VAL A 77 -10.63 9.76 -4.24
C VAL A 77 -9.59 10.38 -3.33
N ARG A 78 -9.76 11.67 -3.03
CA ARG A 78 -8.83 12.37 -2.15
C ARG A 78 -8.75 11.69 -0.79
N GLN A 79 -9.90 11.38 -0.21
CA GLN A 79 -9.95 10.72 1.08
C GLN A 79 -9.31 9.34 0.99
N ALA A 80 -9.63 8.60 -0.07
CA ALA A 80 -9.08 7.28 -0.28
C ALA A 80 -7.56 7.34 -0.45
N ARG A 81 -7.11 8.27 -1.29
CA ARG A 81 -5.68 8.45 -1.53
C ARG A 81 -4.93 8.68 -0.22
N LYS A 82 -5.34 9.71 0.51
CA LYS A 82 -4.71 10.03 1.78
C LYS A 82 -4.70 8.82 2.70
N GLU A 83 -5.85 8.16 2.81
CA GLU A 83 -5.97 6.98 3.65
C GLU A 83 -5.05 5.88 3.14
N ALA A 84 -5.08 5.63 1.84
CA ALA A 84 -4.24 4.61 1.23
C ALA A 84 -2.76 4.93 1.45
N VAL A 85 -2.36 6.15 1.08
CA VAL A 85 -0.99 6.59 1.24
C VAL A 85 -0.51 6.38 2.68
N CYS A 86 -1.39 6.69 3.63
CA CYS A 86 -1.06 6.52 5.04
C CYS A 86 -0.79 5.05 5.35
N LYS A 87 -1.72 4.19 4.96
CA LYS A 87 -1.57 2.76 5.19
C LYS A 87 -0.31 2.22 4.52
N ILE A 88 -0.11 2.60 3.25
CA ILE A 88 1.06 2.17 2.51
C ILE A 88 2.34 2.55 3.24
N GLN A 89 2.47 3.84 3.55
CA GLN A 89 3.64 4.33 4.28
C GLN A 89 3.69 3.70 5.66
N ALA A 90 2.50 3.44 6.21
CA ALA A 90 2.40 2.83 7.53
C ALA A 90 2.96 1.41 7.51
N ILE A 91 2.50 0.61 6.57
CA ILE A 91 2.97 -0.77 6.44
C ILE A 91 4.45 -0.80 6.09
N LEU A 92 4.90 0.20 5.34
CA LEU A 92 6.29 0.30 4.93
C LEU A 92 7.18 0.47 6.14
N GLU A 93 6.93 1.51 6.93
CA GLU A 93 7.70 1.78 8.13
C GLU A 93 7.53 0.65 9.14
N LYS A 94 6.36 0.03 9.13
CA LYS A 94 6.07 -1.07 10.04
C LYS A 94 7.02 -2.23 9.78
N LEU A 95 7.15 -2.62 8.52
CA LEU A 95 8.04 -3.71 8.13
C LEU A 95 9.50 -3.34 8.34
N GLU A 96 9.85 -2.11 7.98
CA GLU A 96 11.22 -1.63 8.13
C GLU A 96 11.65 -1.68 9.59
N LYS A 97 10.74 -1.34 10.49
CA LYS A 97 11.03 -1.34 11.92
C LYS A 97 10.94 -2.76 12.48
N LYS A 98 10.05 -3.56 11.91
CA LYS A 98 9.86 -4.94 12.34
C LYS A 98 10.61 -5.91 11.43
N GLY A 99 11.65 -5.43 10.78
CA GLY A 99 12.43 -6.27 9.89
C GLY A 99 13.59 -5.53 9.25
N THR A 19 -12.11 16.45 -12.98
CA THR A 19 -11.68 15.63 -11.86
C THR A 19 -11.68 14.14 -12.23
N PRO A 20 -10.71 13.70 -13.05
CA PRO A 20 -10.61 12.30 -13.47
C PRO A 20 -10.64 11.35 -12.28
N PRO A 21 -11.76 10.64 -12.07
CA PRO A 21 -11.91 9.69 -10.96
C PRO A 21 -11.14 8.39 -11.19
N SER A 22 -9.98 8.28 -10.54
CA SER A 22 -9.14 7.09 -10.65
C SER A 22 -9.28 6.21 -9.41
N ILE A 23 -10.21 6.57 -8.53
CA ILE A 23 -10.45 5.82 -7.29
C ILE A 23 -10.34 4.31 -7.50
N LYS A 24 -10.72 3.86 -8.70
CA LYS A 24 -10.66 2.44 -9.02
C LYS A 24 -9.30 1.84 -8.64
N LYS A 25 -8.25 2.33 -9.28
CA LYS A 25 -6.90 1.85 -9.00
C LYS A 25 -6.54 2.08 -7.53
N ILE A 26 -7.09 3.14 -6.96
CA ILE A 26 -6.85 3.47 -5.56
C ILE A 26 -7.43 2.40 -4.65
N ILE A 27 -8.64 1.96 -4.96
CA ILE A 27 -9.31 0.92 -4.18
C ILE A 27 -8.57 -0.39 -4.31
N HIS A 28 -8.14 -0.70 -5.54
CA HIS A 28 -7.41 -1.94 -5.79
C HIS A 28 -6.15 -2.00 -4.94
N VAL A 29 -5.31 -0.96 -5.06
CA VAL A 29 -4.07 -0.90 -4.29
C VAL A 29 -4.38 -0.93 -2.80
N LEU A 30 -5.45 -0.25 -2.40
CA LEU A 30 -5.86 -0.21 -1.00
C LEU A 30 -6.04 -1.63 -0.46
N GLU A 31 -6.85 -2.42 -1.15
CA GLU A 31 -7.10 -3.79 -0.75
C GLU A 31 -5.80 -4.57 -0.72
N LYS A 32 -4.97 -4.36 -1.75
CA LYS A 32 -3.68 -5.03 -1.83
C LYS A 32 -2.85 -4.73 -0.59
N VAL A 33 -2.86 -3.46 -0.17
CA VAL A 33 -2.13 -3.04 1.02
C VAL A 33 -2.68 -3.75 2.25
N GLN A 34 -4.00 -3.85 2.32
CA GLN A 34 -4.65 -4.52 3.46
C GLN A 34 -4.11 -5.94 3.61
N TYR A 35 -4.18 -6.70 2.53
CA TYR A 35 -3.67 -8.07 2.53
C TYR A 35 -2.21 -8.08 2.93
N LEU A 36 -1.45 -7.14 2.37
CA LEU A 36 -0.04 -7.01 2.69
C LEU A 36 0.15 -6.73 4.16
N GLU A 37 -0.70 -5.86 4.71
CA GLU A 37 -0.64 -5.51 6.12
C GLU A 37 -0.76 -6.77 6.97
N GLN A 38 -1.77 -7.58 6.66
CA GLN A 38 -1.97 -8.84 7.38
C GLN A 38 -0.72 -9.69 7.28
N GLU A 39 -0.16 -9.77 6.08
CA GLU A 39 1.05 -10.53 5.85
C GLU A 39 2.19 -9.97 6.70
N VAL A 40 2.21 -8.65 6.83
CA VAL A 40 3.24 -7.99 7.63
C VAL A 40 3.16 -8.46 9.07
N GLU A 41 1.96 -8.45 9.63
CA GLU A 41 1.75 -8.89 11.01
C GLU A 41 2.14 -10.36 11.15
N GLU A 42 1.86 -11.14 10.11
CA GLU A 42 2.19 -12.56 10.11
C GLU A 42 3.65 -12.79 9.72
N PHE A 43 4.30 -11.75 9.19
CA PHE A 43 5.70 -11.83 8.78
C PHE A 43 6.54 -12.60 9.80
N VAL A 44 7.43 -13.46 9.30
CA VAL A 44 8.29 -14.27 10.15
C VAL A 44 8.95 -13.43 11.23
N GLY A 45 9.54 -12.30 10.84
CA GLY A 45 10.20 -11.43 11.79
C GLY A 45 11.53 -10.92 11.29
N LYS A 46 12.31 -11.80 10.65
CA LYS A 46 13.62 -11.42 10.13
C LYS A 46 13.58 -11.29 8.62
N LYS A 47 14.44 -10.44 8.08
CA LYS A 47 14.51 -10.22 6.64
C LYS A 47 15.30 -11.34 5.95
N THR A 48 14.83 -12.58 6.13
CA THR A 48 15.48 -13.73 5.53
C THR A 48 14.52 -14.52 4.65
N ASP A 49 13.24 -14.49 5.01
CA ASP A 49 12.22 -15.21 4.25
C ASP A 49 11.77 -14.38 3.04
N LYS A 50 11.17 -15.06 2.06
CA LYS A 50 10.70 -14.39 0.86
C LYS A 50 9.55 -13.42 1.17
N ALA A 51 8.96 -13.56 2.35
CA ALA A 51 7.86 -12.71 2.77
C ALA A 51 8.21 -11.23 2.61
N TYR A 52 9.29 -10.82 3.27
CA TYR A 52 9.73 -9.43 3.20
C TYR A 52 10.00 -9.00 1.76
N TRP A 53 10.54 -9.94 0.96
CA TRP A 53 10.83 -9.65 -0.44
C TRP A 53 9.57 -9.19 -1.15
N LEU A 54 8.59 -10.09 -1.22
CA LEU A 54 7.32 -9.79 -1.87
C LEU A 54 6.60 -8.65 -1.13
N LEU A 55 6.90 -8.52 0.16
CA LEU A 55 6.29 -7.48 0.98
C LEU A 55 6.59 -6.10 0.39
N GLU A 56 7.86 -5.71 0.44
CA GLU A 56 8.30 -4.43 -0.09
C GLU A 56 8.06 -4.34 -1.59
N GLU A 57 8.38 -5.43 -2.29
CA GLU A 57 8.20 -5.47 -3.74
C GLU A 57 6.77 -5.12 -4.12
N MET A 58 5.82 -5.86 -3.58
CA MET A 58 4.40 -5.63 -3.86
C MET A 58 4.00 -4.22 -3.42
N LEU A 59 4.49 -3.81 -2.26
CA LEU A 59 4.17 -2.49 -1.72
C LEU A 59 4.71 -1.39 -2.65
N THR A 60 5.94 -1.57 -3.11
CA THR A 60 6.57 -0.59 -4.00
C THR A 60 5.81 -0.50 -5.32
N LYS A 61 5.37 -1.65 -5.83
CA LYS A 61 4.62 -1.69 -7.07
C LYS A 61 3.31 -0.94 -6.96
N GLU A 62 2.48 -1.35 -6.00
CA GLU A 62 1.18 -0.71 -5.80
C GLU A 62 1.36 0.77 -5.50
N LEU A 63 2.43 1.10 -4.78
CA LEU A 63 2.71 2.50 -4.43
C LEU A 63 2.92 3.33 -5.69
N LEU A 64 3.84 2.87 -6.55
CA LEU A 64 4.14 3.57 -7.79
C LEU A 64 2.89 3.69 -8.65
N GLU A 65 2.09 2.63 -8.68
CA GLU A 65 0.86 2.62 -9.47
C GLU A 65 -0.16 3.60 -8.89
N LEU A 66 -0.13 3.77 -7.57
CA LEU A 66 -1.04 4.68 -6.90
C LEU A 66 -0.65 6.13 -7.16
N ASP A 67 0.65 6.39 -7.21
CA ASP A 67 1.16 7.73 -7.46
C ASP A 67 0.79 8.23 -8.86
N SER A 68 0.35 7.31 -9.71
CA SER A 68 -0.03 7.66 -11.08
C SER A 68 -1.33 8.46 -11.11
N VAL A 69 -2.21 8.17 -10.15
CA VAL A 69 -3.50 8.86 -10.08
C VAL A 69 -3.31 10.37 -9.96
N GLU A 70 -4.32 11.13 -10.39
CA GLU A 70 -4.26 12.58 -10.34
C GLU A 70 -5.54 13.15 -9.74
N THR A 71 -6.66 12.93 -10.43
CA THR A 71 -7.95 13.43 -9.97
C THR A 71 -7.99 14.96 -9.95
N GLY A 72 -7.34 15.54 -8.95
CA GLY A 72 -7.31 16.99 -8.84
C GLY A 72 -7.84 17.48 -7.51
N GLY A 73 -9.15 17.40 -7.33
CA GLY A 73 -9.76 17.84 -6.08
C GLY A 73 -11.00 17.04 -5.72
N GLN A 74 -11.06 15.81 -6.20
CA GLN A 74 -12.21 14.95 -5.91
C GLN A 74 -12.07 14.30 -4.54
N ASP A 75 -13.11 14.43 -3.72
CA ASP A 75 -13.11 13.87 -2.37
C ASP A 75 -12.89 12.36 -2.42
N SER A 76 -13.25 11.74 -3.53
CA SER A 76 -13.11 10.29 -3.67
C SER A 76 -11.64 9.89 -3.60
N VAL A 77 -10.88 10.26 -4.62
CA VAL A 77 -9.45 9.94 -4.66
C VAL A 77 -8.70 10.64 -3.54
N ARG A 78 -9.23 11.78 -3.09
CA ARG A 78 -8.62 12.53 -2.01
C ARG A 78 -8.55 11.69 -0.74
N GLN A 79 -9.72 11.21 -0.31
CA GLN A 79 -9.80 10.37 0.88
C GLN A 79 -9.03 9.08 0.66
N ALA A 80 -9.25 8.44 -0.49
CA ALA A 80 -8.56 7.21 -0.83
C ALA A 80 -7.05 7.42 -0.87
N ARG A 81 -6.66 8.63 -1.27
CA ARG A 81 -5.24 8.98 -1.35
C ARG A 81 -4.62 9.02 0.04
N LYS A 82 -5.12 9.91 0.89
CA LYS A 82 -4.61 10.04 2.25
C LYS A 82 -4.64 8.68 2.96
N GLU A 83 -5.68 7.92 2.70
CA GLU A 83 -5.81 6.59 3.30
C GLU A 83 -4.69 5.67 2.80
N ALA A 84 -4.41 5.74 1.50
CA ALA A 84 -3.37 4.93 0.91
C ALA A 84 -1.99 5.35 1.43
N VAL A 85 -1.67 6.64 1.27
CA VAL A 85 -0.40 7.17 1.74
C VAL A 85 -0.13 6.78 3.18
N CYS A 86 -1.16 6.90 4.02
CA CYS A 86 -1.03 6.54 5.43
C CYS A 86 -0.75 5.06 5.59
N LYS A 87 -1.54 4.24 4.88
CA LYS A 87 -1.38 2.79 4.94
C LYS A 87 -0.01 2.37 4.40
N ILE A 88 0.29 2.74 3.17
CA ILE A 88 1.57 2.39 2.55
C ILE A 88 2.73 2.79 3.46
N GLN A 89 2.69 4.03 3.95
CA GLN A 89 3.73 4.52 4.84
C GLN A 89 3.64 3.79 6.18
N ALA A 90 2.43 3.44 6.58
CA ALA A 90 2.19 2.74 7.82
C ALA A 90 2.79 1.33 7.77
N ILE A 91 2.44 0.59 6.73
CA ILE A 91 2.95 -0.76 6.55
C ILE A 91 4.47 -0.76 6.36
N LEU A 92 4.96 0.26 5.64
CA LEU A 92 6.38 0.40 5.39
C LEU A 92 7.15 0.54 6.69
N GLU A 93 6.76 1.53 7.50
CA GLU A 93 7.41 1.77 8.78
C GLU A 93 7.28 0.56 9.70
N LYS A 94 6.11 -0.10 9.64
CA LYS A 94 5.85 -1.26 10.45
C LYS A 94 6.86 -2.37 10.15
N LEU A 95 7.07 -2.62 8.86
CA LEU A 95 8.02 -3.65 8.43
C LEU A 95 9.45 -3.25 8.78
N GLU A 96 9.74 -1.95 8.63
CA GLU A 96 11.07 -1.43 8.93
C GLU A 96 11.44 -1.67 10.39
N LYS A 97 10.48 -1.42 11.28
CA LYS A 97 10.70 -1.63 12.71
C LYS A 97 10.68 -3.11 13.06
N LYS A 98 9.84 -3.86 12.37
CA LYS A 98 9.73 -5.30 12.62
C LYS A 98 10.94 -6.04 12.05
N GLY A 99 11.45 -5.55 10.93
CA GLY A 99 12.61 -6.18 10.30
C GLY A 99 13.74 -5.20 10.06
N THR A 19 -17.31 7.88 -10.65
CA THR A 19 -16.15 8.75 -10.72
C THR A 19 -15.13 8.22 -11.73
N PRO A 20 -14.30 9.11 -12.30
CA PRO A 20 -13.28 8.72 -13.29
C PRO A 20 -12.40 7.57 -12.79
N PRO A 21 -11.36 7.22 -13.56
CA PRO A 21 -10.46 6.12 -13.19
C PRO A 21 -9.38 6.55 -12.18
N SER A 22 -9.77 7.36 -11.20
CA SER A 22 -8.85 7.82 -10.18
C SER A 22 -9.06 7.07 -8.88
N ILE A 23 -10.32 6.80 -8.56
CA ILE A 23 -10.68 6.09 -7.34
C ILE A 23 -10.42 4.59 -7.48
N LYS A 24 -10.67 4.05 -8.67
CA LYS A 24 -10.46 2.64 -8.93
C LYS A 24 -9.01 2.24 -8.67
N LYS A 25 -8.09 3.15 -8.95
CA LYS A 25 -6.67 2.89 -8.73
C LYS A 25 -6.34 2.84 -7.25
N ILE A 26 -6.79 3.85 -6.50
CA ILE A 26 -6.53 3.92 -5.08
C ILE A 26 -7.26 2.82 -4.32
N ILE A 27 -8.48 2.51 -4.73
CA ILE A 27 -9.25 1.46 -4.08
C ILE A 27 -8.63 0.09 -4.34
N HIS A 28 -8.26 -0.16 -5.58
CA HIS A 28 -7.64 -1.43 -5.97
C HIS A 28 -6.35 -1.63 -5.19
N VAL A 29 -5.44 -0.66 -5.30
CA VAL A 29 -4.16 -0.73 -4.59
C VAL A 29 -4.40 -0.81 -3.09
N LEU A 30 -5.43 -0.11 -2.62
CA LEU A 30 -5.77 -0.13 -1.20
C LEU A 30 -6.05 -1.54 -0.73
N GLU A 31 -6.88 -2.25 -1.50
CA GLU A 31 -7.22 -3.63 -1.17
C GLU A 31 -5.95 -4.48 -1.14
N LYS A 32 -5.14 -4.34 -2.19
CA LYS A 32 -3.88 -5.06 -2.28
C LYS A 32 -3.00 -4.72 -1.09
N VAL A 33 -2.83 -3.42 -0.85
CA VAL A 33 -2.03 -2.95 0.28
C VAL A 33 -2.60 -3.46 1.60
N GLN A 34 -3.93 -3.52 1.67
CA GLN A 34 -4.60 -4.00 2.87
C GLN A 34 -4.13 -5.41 3.20
N TYR A 35 -4.28 -6.31 2.24
CA TYR A 35 -3.85 -7.70 2.42
C TYR A 35 -2.38 -7.73 2.79
N LEU A 36 -1.60 -6.91 2.09
CA LEU A 36 -0.16 -6.82 2.35
C LEU A 36 0.08 -6.33 3.77
N GLU A 37 -0.77 -5.41 4.22
CA GLU A 37 -0.67 -4.87 5.58
C GLU A 37 -0.82 -5.98 6.60
N GLN A 38 -1.84 -6.82 6.39
CA GLN A 38 -2.08 -7.94 7.29
C GLN A 38 -0.90 -8.90 7.28
N GLU A 39 -0.37 -9.15 6.09
CA GLU A 39 0.78 -10.04 5.93
C GLU A 39 1.99 -9.49 6.68
N VAL A 40 2.41 -8.27 6.33
CA VAL A 40 3.55 -7.65 6.97
C VAL A 40 3.38 -7.61 8.49
N GLU A 41 2.15 -7.40 8.93
CA GLU A 41 1.84 -7.35 10.36
C GLU A 41 2.01 -8.74 10.98
N GLU A 42 1.63 -9.76 10.23
CA GLU A 42 1.74 -11.14 10.70
C GLU A 42 3.10 -11.74 10.35
N PHE A 43 3.91 -10.99 9.58
CA PHE A 43 5.23 -11.46 9.18
C PHE A 43 6.00 -12.03 10.37
N VAL A 44 6.80 -13.07 10.11
CA VAL A 44 7.58 -13.72 11.16
C VAL A 44 8.28 -12.70 12.06
N GLY A 45 9.00 -11.77 11.45
CA GLY A 45 9.70 -10.74 12.21
C GLY A 45 11.20 -10.75 11.98
N LYS A 46 11.61 -11.28 10.82
CA LYS A 46 13.02 -11.35 10.47
C LYS A 46 13.21 -11.22 8.96
N LYS A 47 14.26 -10.51 8.56
CA LYS A 47 14.56 -10.31 7.14
C LYS A 47 15.35 -11.50 6.57
N THR A 48 14.79 -12.70 6.72
CA THR A 48 15.44 -13.90 6.23
C THR A 48 14.54 -14.66 5.25
N ASP A 49 13.23 -14.55 5.45
CA ASP A 49 12.27 -15.23 4.59
C ASP A 49 12.00 -14.41 3.33
N LYS A 50 11.45 -15.06 2.31
CA LYS A 50 11.13 -14.40 1.05
C LYS A 50 9.91 -13.50 1.19
N ALA A 51 9.10 -13.74 2.22
CA ALA A 51 7.90 -12.96 2.46
C ALA A 51 8.22 -11.46 2.47
N TYR A 52 9.12 -11.06 3.36
CA TYR A 52 9.50 -9.66 3.47
C TYR A 52 9.91 -9.10 2.10
N TRP A 53 10.61 -9.91 1.31
CA TRP A 53 11.05 -9.49 -0.01
C TRP A 53 9.84 -9.10 -0.85
N LEU A 54 8.93 -10.05 -1.06
CA LEU A 54 7.73 -9.81 -1.83
C LEU A 54 6.83 -8.80 -1.13
N LEU A 55 6.97 -8.71 0.20
CA LEU A 55 6.17 -7.78 0.98
C LEU A 55 6.44 -6.35 0.53
N GLU A 56 7.66 -5.88 0.78
CA GLU A 56 8.06 -4.53 0.40
C GLU A 56 8.02 -4.36 -1.11
N GLU A 57 8.55 -5.35 -1.83
CA GLU A 57 8.57 -5.31 -3.29
C GLU A 57 7.17 -5.11 -3.85
N MET A 58 6.26 -6.00 -3.47
CA MET A 58 4.87 -5.92 -3.92
C MET A 58 4.28 -4.56 -3.58
N LEU A 59 4.50 -4.12 -2.34
CA LEU A 59 3.98 -2.84 -1.88
C LEU A 59 4.55 -1.70 -2.71
N THR A 60 5.84 -1.78 -3.02
CA THR A 60 6.50 -0.76 -3.83
C THR A 60 5.84 -0.63 -5.19
N LYS A 61 5.63 -1.77 -5.85
CA LYS A 61 4.99 -1.78 -7.16
C LYS A 61 3.60 -1.16 -7.09
N GLU A 62 2.82 -1.60 -6.11
CA GLU A 62 1.46 -1.08 -5.93
C GLU A 62 1.48 0.43 -5.75
N LEU A 63 2.47 0.92 -5.00
CA LEU A 63 2.61 2.35 -4.76
C LEU A 63 2.85 3.10 -6.07
N LEU A 64 3.86 2.66 -6.82
CA LEU A 64 4.19 3.28 -8.09
C LEU A 64 3.00 3.23 -9.05
N GLU A 65 2.21 2.17 -8.93
CA GLU A 65 1.03 2.00 -9.79
C GLU A 65 -0.03 3.06 -9.47
N LEU A 66 -0.43 3.15 -8.22
CA LEU A 66 -1.44 4.11 -7.79
C LEU A 66 -0.93 5.54 -7.97
N ASP A 67 0.38 5.71 -7.92
CA ASP A 67 0.99 7.04 -8.06
C ASP A 67 0.56 7.70 -9.38
N SER A 68 0.14 6.88 -10.33
CA SER A 68 -0.30 7.40 -11.64
C SER A 68 -1.82 7.59 -11.67
N VAL A 69 -2.38 8.04 -10.56
CA VAL A 69 -3.82 8.27 -10.47
C VAL A 69 -4.16 9.72 -10.82
N GLU A 70 -5.28 9.91 -11.51
CA GLU A 70 -5.72 11.25 -11.90
C GLU A 70 -6.78 11.78 -10.95
N THR A 71 -6.38 12.06 -9.71
CA THR A 71 -7.30 12.57 -8.70
C THR A 71 -7.87 13.93 -9.12
N GLY A 72 -6.99 14.84 -9.53
CA GLY A 72 -7.43 16.15 -9.94
C GLY A 72 -7.96 16.99 -8.79
N GLY A 73 -9.08 16.55 -8.21
CA GLY A 73 -9.66 17.27 -7.09
C GLY A 73 -10.95 16.64 -6.61
N GLN A 74 -10.89 15.34 -6.32
CA GLN A 74 -12.07 14.62 -5.85
C GLN A 74 -11.95 14.29 -4.37
N ASP A 75 -13.03 14.54 -3.62
CA ASP A 75 -13.04 14.27 -2.19
C ASP A 75 -12.85 12.78 -1.91
N SER A 76 -13.58 11.95 -2.64
CA SER A 76 -13.49 10.50 -2.47
C SER A 76 -12.06 10.02 -2.70
N VAL A 77 -11.49 10.38 -3.84
CA VAL A 77 -10.13 9.98 -4.18
C VAL A 77 -9.14 10.48 -3.13
N ARG A 78 -9.36 11.70 -2.66
CA ARG A 78 -8.49 12.29 -1.64
C ARG A 78 -8.49 11.44 -0.38
N GLN A 79 -9.68 11.06 0.08
CA GLN A 79 -9.82 10.23 1.28
C GLN A 79 -9.10 8.91 1.09
N ALA A 80 -9.47 8.18 0.03
CA ALA A 80 -8.85 6.90 -0.26
C ALA A 80 -7.35 7.05 -0.47
N ARG A 81 -6.96 8.21 -1.00
CA ARG A 81 -5.56 8.50 -1.24
C ARG A 81 -4.77 8.50 0.07
N LYS A 82 -5.18 9.36 1.00
CA LYS A 82 -4.52 9.45 2.29
C LYS A 82 -4.55 8.10 3.00
N GLU A 83 -5.68 7.42 2.91
CA GLU A 83 -5.84 6.11 3.54
C GLU A 83 -4.84 5.11 2.96
N ALA A 84 -4.86 4.98 1.64
CA ALA A 84 -3.95 4.06 0.96
C ALA A 84 -2.50 4.38 1.28
N VAL A 85 -2.14 5.66 1.16
CA VAL A 85 -0.79 6.11 1.45
C VAL A 85 -0.42 5.80 2.89
N CYS A 86 -1.41 5.89 3.78
CA CYS A 86 -1.19 5.60 5.19
C CYS A 86 -0.85 4.12 5.39
N LYS A 87 -1.60 3.26 4.71
CA LYS A 87 -1.37 1.82 4.79
C LYS A 87 0.02 1.47 4.29
N ILE A 88 0.31 1.78 3.03
CA ILE A 88 1.62 1.49 2.44
C ILE A 88 2.73 2.02 3.34
N GLN A 89 2.61 3.28 3.75
CA GLN A 89 3.60 3.89 4.64
C GLN A 89 3.56 3.22 6.01
N ALA A 90 2.40 2.65 6.35
CA ALA A 90 2.23 1.97 7.62
C ALA A 90 2.97 0.65 7.59
N ILE A 91 2.95 0.01 6.44
CA ILE A 91 3.64 -1.26 6.25
C ILE A 91 5.15 -1.05 6.25
N LEU A 92 5.59 -0.04 5.52
CA LEU A 92 7.01 0.28 5.45
C LEU A 92 7.56 0.62 6.82
N GLU A 93 6.88 1.51 7.53
CA GLU A 93 7.30 1.91 8.86
C GLU A 93 7.31 0.71 9.80
N LYS A 94 6.19 -0.01 9.84
CA LYS A 94 6.07 -1.18 10.69
C LYS A 94 7.14 -2.22 10.34
N LEU A 95 7.41 -2.37 9.05
CA LEU A 95 8.40 -3.32 8.58
C LEU A 95 9.80 -2.90 9.02
N GLU A 96 10.04 -1.60 9.05
CA GLU A 96 11.34 -1.07 9.46
C GLU A 96 11.55 -1.27 10.95
N LYS A 97 10.48 -1.08 11.73
CA LYS A 97 10.55 -1.26 13.17
C LYS A 97 10.60 -2.73 13.55
N LYS A 98 9.98 -3.58 12.71
CA LYS A 98 9.97 -5.01 12.95
C LYS A 98 11.20 -5.68 12.35
N GLY A 99 11.69 -5.13 11.25
CA GLY A 99 12.86 -5.68 10.60
C GLY A 99 14.00 -4.69 10.51
N THR A 19 -16.71 8.76 -10.64
CA THR A 19 -15.29 8.80 -10.99
C THR A 19 -14.68 7.41 -10.92
N PRO A 20 -15.15 6.48 -11.77
CA PRO A 20 -14.66 5.10 -11.81
C PRO A 20 -13.13 5.01 -11.97
N PRO A 21 -12.55 5.77 -12.92
CA PRO A 21 -11.10 5.74 -13.16
C PRO A 21 -10.30 6.35 -12.01
N SER A 22 -10.96 7.19 -11.21
CA SER A 22 -10.30 7.83 -10.09
C SER A 22 -10.51 7.04 -8.81
N ILE A 23 -11.62 6.30 -8.74
CA ILE A 23 -11.95 5.50 -7.56
C ILE A 23 -11.46 4.06 -7.73
N LYS A 24 -11.54 3.54 -8.95
CA LYS A 24 -11.11 2.17 -9.23
C LYS A 24 -9.66 1.97 -8.82
N LYS A 25 -8.82 2.97 -9.09
CA LYS A 25 -7.41 2.90 -8.75
C LYS A 25 -7.22 2.77 -7.24
N ILE A 26 -7.75 3.72 -6.49
CA ILE A 26 -7.62 3.71 -5.03
C ILE A 26 -8.14 2.39 -4.45
N ILE A 27 -9.21 1.87 -5.05
CA ILE A 27 -9.79 0.61 -4.58
C ILE A 27 -8.79 -0.54 -4.77
N HIS A 28 -8.24 -0.64 -5.98
CA HIS A 28 -7.26 -1.67 -6.28
C HIS A 28 -6.10 -1.64 -5.29
N VAL A 29 -5.48 -0.46 -5.17
CA VAL A 29 -4.36 -0.28 -4.26
C VAL A 29 -4.78 -0.60 -2.83
N LEU A 30 -6.03 -0.27 -2.50
CA LEU A 30 -6.56 -0.53 -1.17
C LEU A 30 -6.51 -2.02 -0.85
N GLU A 31 -7.03 -2.83 -1.78
CA GLU A 31 -7.03 -4.27 -1.61
C GLU A 31 -5.61 -4.80 -1.51
N LYS A 32 -4.74 -4.30 -2.39
CA LYS A 32 -3.34 -4.71 -2.40
C LYS A 32 -2.70 -4.45 -1.05
N VAL A 33 -2.80 -3.21 -0.57
CA VAL A 33 -2.23 -2.84 0.72
C VAL A 33 -2.89 -3.65 1.84
N GLN A 34 -4.17 -3.97 1.66
CA GLN A 34 -4.89 -4.76 2.64
C GLN A 34 -4.19 -6.09 2.86
N TYR A 35 -4.00 -6.83 1.77
CA TYR A 35 -3.31 -8.11 1.83
C TYR A 35 -1.91 -7.91 2.40
N LEU A 36 -1.26 -6.83 1.97
CA LEU A 36 0.08 -6.51 2.45
C LEU A 36 0.07 -6.30 3.96
N GLU A 37 -0.91 -5.52 4.43
CA GLU A 37 -1.05 -5.26 5.86
C GLU A 37 -1.17 -6.56 6.62
N GLN A 38 -1.97 -7.48 6.09
CA GLN A 38 -2.15 -8.78 6.72
C GLN A 38 -0.83 -9.53 6.77
N GLU A 39 -0.07 -9.47 5.68
CA GLU A 39 1.22 -10.14 5.61
C GLU A 39 2.16 -9.60 6.68
N VAL A 40 2.38 -8.29 6.67
CA VAL A 40 3.26 -7.66 7.65
C VAL A 40 2.82 -8.00 9.07
N GLU A 41 1.51 -8.03 9.29
CA GLU A 41 0.97 -8.36 10.61
C GLU A 41 1.39 -9.76 11.02
N GLU A 42 1.27 -10.71 10.09
CA GLU A 42 1.64 -12.09 10.36
C GLU A 42 3.13 -12.33 10.10
N PHE A 43 3.82 -11.31 9.59
CA PHE A 43 5.23 -11.42 9.28
C PHE A 43 6.01 -12.05 10.44
N VAL A 44 6.72 -13.14 10.15
CA VAL A 44 7.49 -13.85 11.15
C VAL A 44 8.29 -12.89 12.02
N GLY A 45 8.95 -11.93 11.38
CA GLY A 45 9.74 -10.95 12.10
C GLY A 45 11.21 -11.00 11.73
N LYS A 46 11.52 -11.57 10.56
CA LYS A 46 12.89 -11.67 10.11
C LYS A 46 12.96 -11.59 8.59
N LYS A 47 14.06 -11.03 8.08
CA LYS A 47 14.25 -10.90 6.64
C LYS A 47 14.84 -12.17 6.03
N THR A 48 14.17 -13.29 6.26
CA THR A 48 14.62 -14.57 5.75
C THR A 48 13.54 -15.24 4.89
N ASP A 49 12.28 -14.99 5.23
CA ASP A 49 11.17 -15.56 4.48
C ASP A 49 10.84 -14.72 3.26
N LYS A 50 10.02 -15.28 2.37
CA LYS A 50 9.62 -14.59 1.14
C LYS A 50 8.67 -13.43 1.46
N ALA A 51 8.07 -13.45 2.65
CA ALA A 51 7.15 -12.41 3.05
C ALA A 51 7.76 -11.03 2.89
N TYR A 52 8.85 -10.77 3.63
CA TYR A 52 9.52 -9.48 3.56
C TYR A 52 9.82 -9.09 2.11
N TRP A 53 10.21 -10.08 1.31
CA TRP A 53 10.51 -9.83 -0.10
C TRP A 53 9.31 -9.20 -0.80
N LEU A 54 8.23 -9.97 -0.88
CA LEU A 54 7.00 -9.49 -1.52
C LEU A 54 6.45 -8.28 -0.77
N LEU A 55 6.72 -8.22 0.53
CA LEU A 55 6.26 -7.11 1.35
C LEU A 55 6.77 -5.79 0.81
N GLU A 56 8.08 -5.56 0.94
CA GLU A 56 8.71 -4.34 0.47
C GLU A 56 8.53 -4.18 -1.03
N GLU A 57 8.79 -5.25 -1.77
CA GLU A 57 8.65 -5.24 -3.23
C GLU A 57 7.27 -4.78 -3.65
N MET A 58 6.25 -5.50 -3.21
CA MET A 58 4.86 -5.17 -3.53
C MET A 58 4.54 -3.74 -3.08
N LEU A 59 5.12 -3.34 -1.95
CA LEU A 59 4.89 -2.00 -1.41
C LEU A 59 5.33 -0.93 -2.42
N THR A 60 6.58 -1.02 -2.85
CA THR A 60 7.13 -0.06 -3.80
C THR A 60 6.32 -0.08 -5.09
N LYS A 61 6.03 -1.28 -5.59
CA LYS A 61 5.27 -1.42 -6.83
C LYS A 61 3.89 -0.77 -6.69
N GLU A 62 3.18 -1.12 -5.61
CA GLU A 62 1.86 -0.56 -5.37
C GLU A 62 1.91 0.96 -5.27
N LEU A 63 2.93 1.46 -4.58
CA LEU A 63 3.10 2.90 -4.41
C LEU A 63 3.22 3.60 -5.76
N LEU A 64 4.14 3.11 -6.59
CA LEU A 64 4.35 3.69 -7.91
C LEU A 64 3.08 3.61 -8.76
N GLU A 65 2.37 2.50 -8.62
CA GLU A 65 1.13 2.30 -9.37
C GLU A 65 0.03 3.23 -8.87
N LEU A 66 -0.01 3.42 -7.56
CA LEU A 66 -1.02 4.27 -6.94
C LEU A 66 -0.79 5.74 -7.32
N ASP A 67 0.47 6.13 -7.41
CA ASP A 67 0.82 7.50 -7.76
C ASP A 67 0.24 7.89 -9.13
N SER A 68 -0.08 6.88 -9.94
CA SER A 68 -0.63 7.13 -11.27
C SER A 68 -2.16 7.08 -11.24
N VAL A 69 -2.75 7.60 -10.17
CA VAL A 69 -4.20 7.60 -10.04
C VAL A 69 -4.77 9.00 -10.29
N GLU A 70 -5.63 9.10 -11.30
CA GLU A 70 -6.24 10.38 -11.65
C GLU A 70 -7.19 10.85 -10.54
N THR A 71 -7.18 12.15 -10.29
CA THR A 71 -8.03 12.74 -9.26
C THR A 71 -8.16 14.24 -9.45
N GLY A 72 -9.16 14.65 -10.23
CA GLY A 72 -9.38 16.06 -10.48
C GLY A 72 -10.38 16.66 -9.51
N GLY A 73 -9.96 16.87 -8.27
CA GLY A 73 -10.84 17.44 -7.26
C GLY A 73 -11.83 16.43 -6.72
N GLN A 74 -11.37 15.19 -6.55
CA GLN A 74 -12.23 14.12 -6.04
C GLN A 74 -12.04 13.95 -4.53
N ASP A 75 -13.12 14.07 -3.78
CA ASP A 75 -13.07 13.91 -2.33
C ASP A 75 -12.82 12.46 -1.95
N SER A 76 -13.52 11.55 -2.63
CA SER A 76 -13.38 10.12 -2.36
C SER A 76 -11.98 9.63 -2.73
N VAL A 77 -11.50 10.08 -3.89
CA VAL A 77 -10.18 9.69 -4.37
C VAL A 77 -9.09 10.28 -3.47
N ARG A 78 -9.26 11.54 -3.09
CA ARG A 78 -8.30 12.22 -2.24
C ARG A 78 -8.17 11.49 -0.90
N GLN A 79 -9.31 11.24 -0.25
CA GLN A 79 -9.32 10.56 1.03
C GLN A 79 -8.67 9.18 0.91
N ALA A 80 -9.14 8.39 -0.06
CA ALA A 80 -8.60 7.07 -0.29
C ALA A 80 -7.11 7.14 -0.61
N ARG A 81 -6.70 8.20 -1.29
CA ARG A 81 -5.31 8.39 -1.65
C ARG A 81 -4.45 8.50 -0.40
N LYS A 82 -4.79 9.45 0.48
CA LYS A 82 -4.06 9.65 1.72
C LYS A 82 -4.11 8.39 2.57
N GLU A 83 -5.23 7.69 2.50
CA GLU A 83 -5.41 6.45 3.26
C GLU A 83 -4.41 5.40 2.80
N ALA A 84 -4.25 5.27 1.50
CA ALA A 84 -3.32 4.30 0.92
C ALA A 84 -1.88 4.66 1.30
N VAL A 85 -1.48 5.88 0.96
CA VAL A 85 -0.12 6.35 1.27
C VAL A 85 0.21 6.12 2.74
N CYS A 86 -0.75 6.40 3.61
CA CYS A 86 -0.56 6.21 5.04
C CYS A 86 -0.42 4.73 5.37
N LYS A 87 -1.24 3.91 4.73
CA LYS A 87 -1.22 2.47 4.94
C LYS A 87 0.08 1.86 4.44
N ILE A 88 0.39 2.12 3.16
CA ILE A 88 1.61 1.58 2.57
C ILE A 88 2.83 1.98 3.40
N GLN A 89 2.95 3.27 3.70
CA GLN A 89 4.06 3.76 4.51
C GLN A 89 3.95 3.23 5.94
N ALA A 90 2.71 2.96 6.36
CA ALA A 90 2.46 2.44 7.70
C ALA A 90 3.10 1.06 7.86
N ILE A 91 2.68 0.11 7.03
CA ILE A 91 3.22 -1.24 7.09
C ILE A 91 4.70 -1.25 6.71
N LEU A 92 5.08 -0.32 5.82
CA LEU A 92 6.47 -0.22 5.39
C LEU A 92 7.37 0.16 6.56
N GLU A 93 7.00 1.24 7.25
CA GLU A 93 7.76 1.70 8.40
C GLU A 93 7.79 0.63 9.48
N LYS A 94 6.63 0.02 9.73
CA LYS A 94 6.52 -1.04 10.73
C LYS A 94 7.45 -2.19 10.39
N LEU A 95 7.56 -2.49 9.10
CA LEU A 95 8.42 -3.57 8.63
C LEU A 95 9.89 -3.24 8.91
N GLU A 96 10.30 -2.04 8.53
CA GLU A 96 11.67 -1.59 8.73
C GLU A 96 12.04 -1.62 10.21
N LYS A 97 11.10 -1.23 11.06
CA LYS A 97 11.33 -1.21 12.50
C LYS A 97 11.38 -2.63 13.06
N LYS A 98 10.55 -3.51 12.51
CA LYS A 98 10.50 -4.90 12.95
C LYS A 98 11.67 -5.69 12.38
N GLY A 99 12.07 -5.36 11.16
CA GLY A 99 13.17 -6.05 10.52
C GLY A 99 14.19 -5.09 9.92
#